data_8YFE
#
_entry.id   8YFE
#
_cell.length_a   1.00
_cell.length_b   1.00
_cell.length_c   1.00
_cell.angle_alpha   90.00
_cell.angle_beta   90.00
_cell.angle_gamma   90.00
#
_symmetry.space_group_name_H-M   'P 1'
#
loop_
_entity.id
_entity.type
_entity.pdbx_description
1 polymer "5'-3' exoribonuclease"
2 polymer 'Decapping nuclease'
#
loop_
_entity_poly.entity_id
_entity_poly.type
_entity_poly.pdbx_seq_one_letter_code
_entity_poly.pdbx_strand_id
1 'polypeptide(L)'
;MGVPALFRWLSRKYPKIISPVIQDEDVDIDGESRPTRYEDPNPNGELDNLYLDMNGIVHPCSHPEHKPVPETEDEMMLDV
FAYTENVIMMARPRKVIYIAVDGVAPRAKMNQQRSRRFRSAQDAKDANEKKAAELKEMEKKGEIIDDAIKNKKTWDSNAI
TPGTPFMHRLADSLRYWAAYKLTTDPGWSGIEVIISDASVPGEGEHKIMSYVRSLRSSPKHDPNTTHCIYGLAAALIFLG
LATHEPHFKILREDVFAQDKKSYSLQDQLRMTDIERQELKDKKTPFLWLHLNILREYLQIELNVPGLSFPFDLEKSIDDW
VFICFFCGNDFLPHLPSLDVRDNSITTLVTIWKQILPTMKGYLTTDGYLNLPAVERLLAELAKKEDYIFRKRYEDEKRSL
ENQKRRKLAQEQSSARSQNAPNISTGKDKAPLTPNQNIPLYTTSGESVGIKMTDSEMVNNSALITKANEANKSIAELLKQ
NLQNEINKKRKISNEEQEVVKESVEEVVEEEDDVLVTSDPEDSSTEILIPKNEEIRLWEPGYRKRYYETKFHTKDPQKVK
KIARNMVQKYIEGVSWVLLYYYQGCPSWNWYYPYHYAPFAADFVNLSELKIEFVEGTPFRPYEQLMSVLPAASSHNLPDV
FRSLMSDANSEIIDFYPEEFPLDMNGKKVIWQAIPLLPFIDENRLLKAVQSKYDQLTEDEKFRNTNRSEILVLGRSHSHY
PTLVKELYEEGKDSYEFQVDSSGVSGVAIKLQSFDRSGVLRLPVKQLEGYRHYPDISNRDFLMVEFKQLPKSHAKSMILS
GLIPHLRRLTQEDKDSILYGGTNFYGRNRFSPEENADFKQYIGPHGKSQYLPRQGGYKAFIQIHSDEAKGHRHGIYHGGS
HTETEFRRGGGYHQHGNRGGRGGYQGNQGYQANSGGYQNSYQGSYQGGYRGGYQGGSQGRYQAGYQSGYQGGYQGEYKNG
YQGGYQGNQGNQGYNRQTYNASKSGTLPMKRRHNSGPSSGLEVLFQ
;
A,C
2 'polypeptide(L)'
;GPGMSKEKILPLAARSKKAMLRQPKQVAYFSRDLNYKTHPDRSNLSYYYLPDGDIDNSIDLSVGSKHFLLGDSVELSKLD
PILLALKEIEKESGAKTKDRIITWRGIMRKLLTLPYDSEEDFVLDVVSFDGQLFIQFNVPYLKSKDVQKQGDTEFHKKLQ
FSGYKFEKMATLPKPWPECTRKEIDSRAKSKCNNIEQYGAIVRTGISRIKILIGGAVACTADYYDENDPLSRYIELKTTR
TINQYKDMIAFEKKLFRTWAQCFLLGIPKIIYGFRDDNCILRTVEEFSTNDIPLMVKNNPLNEQPKKENCYMSSINFYGA
VVEWLNESVKDDQVWKLSYAKRNRQYLVLKEVTDENEKQQIVDSAIPAWFKEWRSELRNSEGNI
;
B,D
#
# COMPACT_ATOMS: atom_id res chain seq x y z
N ALA A 5 17.87 -28.57 0.01
CA ALA A 5 16.49 -28.22 0.31
C ALA A 5 16.07 -26.95 -0.43
N LEU A 6 16.20 -25.80 0.25
CA LEU A 6 15.84 -24.52 -0.35
C LEU A 6 16.79 -24.10 -1.48
N PHE A 7 17.94 -24.76 -1.60
CA PHE A 7 18.87 -24.42 -2.69
C PHE A 7 18.19 -24.58 -4.04
N ARG A 8 17.34 -25.60 -4.19
CA ARG A 8 16.59 -25.75 -5.43
C ARG A 8 15.65 -24.56 -5.66
N TRP A 9 15.02 -24.06 -4.60
CA TRP A 9 14.15 -22.89 -4.75
C TRP A 9 14.96 -21.68 -5.17
N LEU A 10 16.15 -21.49 -4.58
CA LEU A 10 17.02 -20.40 -5.01
C LEU A 10 17.40 -20.53 -6.47
N SER A 11 17.74 -21.74 -6.91
CA SER A 11 18.11 -21.95 -8.30
C SER A 11 16.94 -21.63 -9.23
N ARG A 12 15.75 -22.09 -8.89
CA ARG A 12 14.59 -21.89 -9.76
C ARG A 12 14.18 -20.42 -9.80
N LYS A 13 13.95 -19.83 -8.63
CA LYS A 13 13.53 -18.42 -8.59
C LYS A 13 14.60 -17.50 -9.16
N TYR A 14 15.86 -17.74 -8.79
CA TYR A 14 16.97 -16.89 -9.24
C TYR A 14 17.90 -17.72 -10.10
N PRO A 15 17.77 -17.67 -11.42
CA PRO A 15 18.56 -18.55 -12.28
C PRO A 15 19.97 -18.05 -12.54
N LYS A 16 20.15 -16.73 -12.64
CA LYS A 16 21.45 -16.17 -13.01
C LYS A 16 22.48 -16.25 -11.89
N ILE A 17 22.05 -16.59 -10.68
CA ILE A 17 22.99 -16.64 -9.56
C ILE A 17 24.03 -17.72 -9.77
N ILE A 18 23.60 -18.93 -10.12
CA ILE A 18 24.52 -20.04 -10.30
C ILE A 18 25.36 -19.83 -11.55
N SER A 19 26.59 -20.33 -11.51
CA SER A 19 27.47 -20.30 -12.68
C SER A 19 28.50 -21.40 -12.49
N PRO A 20 28.90 -22.10 -13.55
CA PRO A 20 29.86 -23.20 -13.38
C PRO A 20 31.28 -22.67 -13.20
N VAL A 21 32.04 -23.40 -12.39
CA VAL A 21 33.44 -23.05 -12.15
C VAL A 21 34.27 -23.52 -13.32
N ILE A 22 35.12 -22.64 -13.85
CA ILE A 22 35.95 -23.00 -14.98
C ILE A 22 37.16 -23.75 -14.45
N GLN A 23 37.02 -25.08 -14.36
CA GLN A 23 38.08 -25.94 -13.83
C GLN A 23 39.03 -26.26 -14.97
N ASP A 24 39.87 -25.28 -15.31
CA ASP A 24 40.84 -25.41 -16.38
C ASP A 24 42.21 -25.68 -15.78
N GLU A 25 42.84 -26.76 -16.25
CA GLU A 25 44.17 -27.16 -15.78
C GLU A 25 45.03 -27.49 -16.98
N ASP A 26 46.35 -27.37 -16.79
CA ASP A 26 47.32 -27.59 -17.86
C ASP A 26 47.03 -26.69 -19.06
N VAL A 27 46.91 -25.39 -18.80
CA VAL A 27 46.61 -24.43 -19.85
C VAL A 27 47.75 -24.38 -20.85
N ASP A 28 47.39 -24.38 -22.14
CA ASP A 28 48.38 -24.40 -23.22
C ASP A 28 48.87 -22.97 -23.48
N ILE A 29 49.63 -22.46 -22.52
CA ILE A 29 50.19 -21.12 -22.60
C ILE A 29 51.45 -21.17 -23.46
N ASP A 30 51.49 -20.36 -24.51
CA ASP A 30 52.64 -20.28 -25.42
C ASP A 30 52.98 -21.64 -26.02
N GLY A 31 51.94 -22.43 -26.32
CA GLY A 31 52.11 -23.70 -27.00
C GLY A 31 52.45 -24.88 -26.12
N GLU A 32 52.63 -24.68 -24.82
CA GLU A 32 52.94 -25.77 -23.90
C GLU A 32 51.83 -25.88 -22.85
N SER A 33 51.31 -27.09 -22.68
CA SER A 33 50.29 -27.37 -21.67
C SER A 33 50.91 -27.62 -20.29
N ARG A 34 51.74 -26.67 -19.85
CA ARG A 34 52.41 -26.83 -18.57
C ARG A 34 51.41 -26.71 -17.42
N PRO A 35 51.72 -27.32 -16.27
CA PRO A 35 50.81 -27.23 -15.13
C PRO A 35 50.62 -25.77 -14.70
N THR A 36 49.39 -25.46 -14.29
CA THR A 36 49.04 -24.09 -13.96
C THR A 36 49.71 -23.68 -12.66
N ARG A 37 50.62 -22.71 -12.76
CA ARG A 37 51.25 -22.15 -11.57
C ARG A 37 50.23 -21.37 -10.74
N TYR A 38 50.45 -21.34 -9.43
CA TYR A 38 49.54 -20.62 -8.55
C TYR A 38 49.53 -19.13 -8.83
N GLU A 39 50.62 -18.60 -9.39
CA GLU A 39 50.72 -17.17 -9.68
C GLU A 39 50.02 -16.77 -10.98
N ASP A 40 49.56 -17.73 -11.76
CA ASP A 40 48.89 -17.41 -13.02
C ASP A 40 47.56 -16.72 -12.77
N PRO A 41 47.14 -15.83 -13.67
CA PRO A 41 45.85 -15.16 -13.50
C PRO A 41 44.70 -16.16 -13.45
N ASN A 42 43.73 -15.88 -12.58
CA ASN A 42 42.61 -16.79 -12.37
C ASN A 42 41.52 -16.53 -13.42
N PRO A 43 41.11 -17.56 -14.18
CA PRO A 43 39.98 -17.37 -15.10
C PRO A 43 38.63 -17.30 -14.41
N ASN A 44 38.57 -17.50 -13.10
CA ASN A 44 37.34 -17.34 -12.33
C ASN A 44 37.13 -15.92 -11.84
N GLY A 45 38.10 -15.04 -12.04
CA GLY A 45 38.07 -13.72 -11.45
C GLY A 45 38.94 -13.66 -10.21
N GLU A 46 39.63 -12.54 -10.00
CA GLU A 46 40.58 -12.47 -8.89
C GLU A 46 39.86 -12.45 -7.56
N LEU A 47 40.57 -12.91 -6.53
CA LEU A 47 40.01 -13.09 -5.20
C LEU A 47 40.99 -12.56 -4.16
N ASP A 48 40.47 -12.15 -3.02
CA ASP A 48 41.30 -11.62 -1.93
C ASP A 48 41.34 -12.59 -0.75
N ASN A 49 40.19 -13.05 -0.27
CA ASN A 49 40.13 -13.89 0.91
C ASN A 49 39.43 -15.20 0.61
N LEU A 50 39.66 -16.18 1.49
CA LEU A 50 39.10 -17.52 1.35
C LEU A 50 38.92 -18.11 2.74
N TYR A 51 37.66 -18.28 3.15
CA TYR A 51 37.34 -18.86 4.45
C TYR A 51 36.89 -20.29 4.24
N LEU A 52 37.74 -21.24 4.60
CA LEU A 52 37.38 -22.64 4.49
C LEU A 52 36.44 -23.04 5.62
N ASP A 53 35.77 -24.17 5.42
CA ASP A 53 34.92 -24.79 6.44
C ASP A 53 35.27 -26.27 6.46
N MET A 54 36.20 -26.64 7.34
CA MET A 54 36.68 -28.03 7.38
C MET A 54 35.54 -29.01 7.67
N ASN A 55 34.49 -28.54 8.34
CA ASN A 55 33.30 -29.36 8.53
C ASN A 55 32.55 -29.58 7.23
N GLY A 56 32.86 -28.82 6.18
CA GLY A 56 32.33 -29.11 4.87
C GLY A 56 33.06 -30.19 4.11
N ILE A 57 34.18 -30.66 4.63
CA ILE A 57 34.97 -31.71 4.01
C ILE A 57 35.01 -32.98 4.86
N VAL A 58 35.13 -32.83 6.18
CA VAL A 58 35.42 -33.98 7.05
C VAL A 58 34.07 -34.58 7.43
N HIS A 59 33.55 -35.41 6.54
CA HIS A 59 32.38 -36.26 6.75
C HIS A 59 32.39 -37.43 5.78
N PRO A 60 33.01 -38.56 6.14
CA PRO A 60 32.90 -39.75 5.28
C PRO A 60 31.46 -40.20 5.07
N CYS A 61 30.59 -39.98 6.07
CA CYS A 61 29.19 -40.37 5.96
C CYS A 61 28.38 -39.46 5.04
N SER A 62 28.81 -38.22 4.83
CA SER A 62 28.03 -37.29 4.02
C SER A 62 28.01 -37.68 2.54
N HIS A 63 28.92 -38.56 2.10
CA HIS A 63 28.97 -39.02 0.72
C HIS A 63 29.05 -40.54 0.69
N PRO A 64 27.93 -41.22 0.97
CA PRO A 64 27.91 -42.68 0.96
C PRO A 64 27.48 -43.31 -0.36
N GLU A 65 27.14 -42.51 -1.37
CA GLU A 65 26.71 -43.07 -2.65
C GLU A 65 27.84 -43.85 -3.32
N HIS A 66 29.06 -43.33 -3.27
CA HIS A 66 30.22 -44.04 -3.78
C HIS A 66 30.85 -44.84 -2.64
N LYS A 67 32.07 -45.34 -2.84
CA LYS A 67 32.76 -46.16 -1.86
C LYS A 67 34.13 -45.55 -1.54
N PRO A 68 34.16 -44.43 -0.81
CA PRO A 68 35.45 -43.89 -0.36
C PRO A 68 36.10 -44.80 0.68
N VAL A 69 35.31 -45.18 1.68
CA VAL A 69 35.72 -46.11 2.74
C VAL A 69 37.02 -45.63 3.38
N PRO A 70 36.99 -44.55 4.18
CA PRO A 70 38.20 -44.18 4.93
C PRO A 70 38.42 -45.09 6.12
N GLU A 71 39.40 -46.00 6.03
CA GLU A 71 39.64 -46.97 7.08
C GLU A 71 40.72 -46.50 8.06
N THR A 72 41.84 -46.02 7.54
CA THR A 72 42.94 -45.53 8.37
C THR A 72 42.94 -44.01 8.38
N GLU A 73 43.28 -43.44 9.53
CA GLU A 73 43.28 -41.98 9.66
C GLU A 73 44.26 -41.32 8.70
N ASP A 74 45.38 -41.98 8.40
CA ASP A 74 46.35 -41.41 7.47
C ASP A 74 45.75 -41.23 6.09
N GLU A 75 44.98 -42.21 5.63
CA GLU A 75 44.34 -42.11 4.32
C GLU A 75 43.41 -40.91 4.26
N MET A 76 42.57 -40.73 5.29
CA MET A 76 41.63 -39.62 5.28
C MET A 76 42.35 -38.28 5.43
N MET A 77 43.42 -38.21 6.21
CA MET A 77 44.19 -36.97 6.29
C MET A 77 44.80 -36.61 4.94
N LEU A 78 45.36 -37.60 4.23
CA LEU A 78 45.91 -37.33 2.91
C LEU A 78 44.82 -36.90 1.93
N ASP A 79 43.66 -37.54 1.98
CA ASP A 79 42.55 -37.15 1.11
C ASP A 79 42.09 -35.73 1.40
N VAL A 80 41.99 -35.37 2.69
CA VAL A 80 41.60 -34.02 3.06
C VAL A 80 42.63 -33.01 2.57
N PHE A 81 43.92 -33.33 2.72
CA PHE A 81 44.96 -32.42 2.24
C PHE A 81 44.88 -32.24 0.73
N ALA A 82 44.69 -33.32 -0.01
CA ALA A 82 44.58 -33.22 -1.46
C ALA A 82 43.35 -32.41 -1.86
N TYR A 83 42.22 -32.64 -1.19
CA TYR A 83 41.00 -31.91 -1.52
C TYR A 83 41.15 -30.42 -1.22
N THR A 84 41.77 -30.09 -0.09
CA THR A 84 42.01 -28.68 0.25
C THR A 84 42.95 -28.04 -0.77
N GLU A 85 43.99 -28.75 -1.18
CA GLU A 85 44.88 -28.22 -2.20
C GLU A 85 44.11 -27.97 -3.50
N ASN A 86 43.25 -28.91 -3.89
CA ASN A 86 42.46 -28.74 -5.11
C ASN A 86 41.55 -27.52 -5.02
N VAL A 87 40.86 -27.35 -3.88
CA VAL A 87 39.90 -26.26 -3.77
C VAL A 87 40.61 -24.92 -3.71
N ILE A 88 41.74 -24.84 -3.01
CA ILE A 88 42.51 -23.61 -2.98
C ILE A 88 43.06 -23.30 -4.36
N MET A 89 43.49 -24.33 -5.10
CA MET A 89 44.01 -24.13 -6.44
C MET A 89 42.93 -23.55 -7.35
N MET A 90 41.73 -24.14 -7.32
CA MET A 90 40.66 -23.62 -8.16
C MET A 90 40.09 -22.31 -7.65
N ALA A 91 40.40 -21.91 -6.41
CA ALA A 91 39.94 -20.63 -5.90
C ALA A 91 40.97 -19.52 -6.06
N ARG A 92 42.24 -19.80 -5.72
CA ARG A 92 43.34 -18.85 -5.80
C ARG A 92 43.09 -17.59 -4.98
N PRO A 93 43.06 -17.69 -3.65
CA PRO A 93 43.06 -16.47 -2.84
C PRO A 93 44.41 -15.77 -2.92
N ARG A 94 44.43 -14.51 -2.49
CA ARG A 94 45.65 -13.71 -2.55
C ARG A 94 46.04 -13.04 -1.25
N LYS A 95 45.15 -12.93 -0.26
CA LYS A 95 45.48 -12.21 0.97
C LYS A 95 45.46 -13.09 2.21
N VAL A 96 44.36 -13.78 2.49
CA VAL A 96 44.18 -14.43 3.79
C VAL A 96 43.48 -15.77 3.59
N ILE A 97 43.89 -16.76 4.40
CA ILE A 97 43.22 -18.05 4.48
C ILE A 97 42.71 -18.22 5.91
N TYR A 98 41.40 -18.39 6.06
CA TYR A 98 40.80 -18.66 7.34
C TYR A 98 40.31 -20.11 7.36
N ILE A 99 40.77 -20.88 8.34
CA ILE A 99 40.41 -22.28 8.49
C ILE A 99 39.51 -22.41 9.71
N ALA A 100 38.26 -22.79 9.49
CA ALA A 100 37.26 -22.88 10.54
C ALA A 100 36.91 -24.33 10.82
N VAL A 101 36.92 -24.72 12.09
CA VAL A 101 36.51 -26.04 12.55
C VAL A 101 35.52 -25.85 13.69
N ASP A 102 34.42 -26.60 13.65
CA ASP A 102 33.39 -26.47 14.67
C ASP A 102 33.97 -26.68 16.06
N GLY A 103 33.77 -25.69 16.92
CA GLY A 103 34.20 -25.75 18.30
C GLY A 103 33.06 -26.11 19.23
N VAL A 104 33.13 -25.61 20.46
CA VAL A 104 32.06 -25.84 21.42
C VAL A 104 30.84 -25.05 20.98
N ALA A 105 29.73 -25.74 20.75
CA ALA A 105 28.53 -25.12 20.23
C ALA A 105 27.79 -24.36 21.33
N PRO A 106 26.98 -23.37 20.95
CA PRO A 106 26.16 -22.67 21.96
C PRO A 106 25.08 -23.60 22.51
N ARG A 107 24.63 -23.28 23.72
CA ARG A 107 23.73 -24.17 24.46
C ARG A 107 22.45 -24.45 23.66
N ALA A 108 22.06 -23.56 22.78
CA ALA A 108 20.84 -23.73 22.00
C ALA A 108 21.05 -24.54 20.72
N LYS A 109 22.16 -25.26 20.58
CA LYS A 109 22.40 -25.97 19.33
C LYS A 109 22.55 -27.48 19.49
N MET A 110 23.29 -27.96 20.50
CA MET A 110 23.54 -29.41 20.54
C MET A 110 22.24 -30.18 20.72
N ASN A 111 21.23 -29.58 21.36
CA ASN A 111 19.93 -30.23 21.46
C ASN A 111 19.36 -30.55 20.09
N GLN A 112 19.66 -29.70 19.09
CA GLN A 112 19.14 -29.94 17.74
C GLN A 112 19.87 -31.09 17.06
N GLN A 113 21.11 -31.36 17.46
CA GLN A 113 21.81 -32.53 16.93
C GLN A 113 21.84 -33.69 17.92
N ARG A 114 21.38 -33.50 19.16
CA ARG A 114 21.08 -34.66 20.00
C ARG A 114 20.06 -35.56 19.31
N SER A 115 19.04 -34.96 18.70
CA SER A 115 18.10 -35.73 17.89
C SER A 115 18.82 -36.39 16.71
N ARG A 116 19.72 -35.67 16.06
CA ARG A 116 20.48 -36.25 14.95
C ARG A 116 21.44 -37.33 15.43
N ARG A 117 22.12 -37.10 16.56
CA ARG A 117 23.07 -38.08 17.07
C ARG A 117 22.35 -39.33 17.58
N PHE A 118 21.26 -39.14 18.34
CA PHE A 118 20.51 -40.29 18.83
C PHE A 118 19.86 -41.07 17.69
N ARG A 119 19.42 -40.37 16.63
CA ARG A 119 18.90 -41.06 15.47
C ARG A 119 19.97 -41.93 14.81
N SER A 120 21.19 -41.42 14.71
CA SER A 120 22.28 -42.21 14.14
C SER A 120 22.57 -43.45 14.98
N ALA A 121 22.38 -43.35 16.30
CA ALA A 121 22.49 -44.53 17.15
C ALA A 121 21.25 -45.41 17.07
N GLN A 122 20.06 -44.81 16.91
CA GLN A 122 18.83 -45.59 16.93
C GLN A 122 18.73 -46.50 15.71
N ASP A 123 18.97 -45.96 14.52
CA ASP A 123 18.88 -46.78 13.32
C ASP A 123 20.06 -47.74 13.18
N ALA A 124 21.19 -47.42 13.81
CA ALA A 124 22.32 -48.35 13.78
C ALA A 124 21.99 -49.65 14.49
N LYS A 125 21.31 -49.57 15.65
CA LYS A 125 20.93 -50.77 16.37
C LYS A 125 19.96 -51.61 15.54
N ASP A 126 18.99 -50.97 14.89
CA ASP A 126 18.05 -51.70 14.05
C ASP A 126 18.73 -52.25 12.81
N ALA A 127 19.84 -51.64 12.38
CA ALA A 127 20.57 -52.12 11.22
C ALA A 127 21.44 -53.33 11.52
N ASN A 128 21.67 -53.63 12.80
CA ASN A 128 22.51 -54.78 13.16
C ASN A 128 21.89 -56.09 12.69
N GLU A 129 20.59 -56.24 12.86
CA GLU A 129 19.91 -57.46 12.45
C GLU A 129 19.77 -57.54 10.93
N THR A 154 33.39 -50.00 8.07
CA THR A 154 32.73 -48.72 8.26
C THR A 154 33.38 -47.91 9.38
N TRP A 155 33.89 -46.74 9.02
CA TRP A 155 34.54 -45.88 10.00
C TRP A 155 33.52 -45.26 10.95
N ASP A 156 33.99 -44.92 12.15
CA ASP A 156 33.13 -44.27 13.14
C ASP A 156 32.90 -42.81 12.77
N SER A 157 31.83 -42.55 12.02
CA SER A 157 31.54 -41.19 11.55
C SER A 157 31.17 -40.25 12.68
N ASN A 158 30.91 -40.75 13.88
CA ASN A 158 30.59 -39.91 15.03
C ASN A 158 31.83 -39.41 15.75
N ALA A 159 33.02 -39.71 15.24
CA ALA A 159 34.26 -39.27 15.87
C ALA A 159 34.62 -37.83 15.52
N ILE A 160 33.95 -37.22 14.56
CA ILE A 160 34.22 -35.83 14.18
C ILE A 160 33.47 -34.90 15.13
N THR A 161 34.10 -34.54 16.23
CA THR A 161 33.48 -33.71 17.25
C THR A 161 34.58 -33.12 18.13
N PRO A 162 34.38 -31.92 18.69
CA PRO A 162 35.41 -31.35 19.56
C PRO A 162 35.67 -32.21 20.79
N GLY A 163 36.94 -32.27 21.20
CA GLY A 163 37.33 -33.00 22.38
C GLY A 163 37.81 -34.43 22.12
N THR A 164 37.48 -35.00 20.97
CA THR A 164 37.92 -36.34 20.64
C THR A 164 39.43 -36.35 20.39
N PRO A 165 40.08 -37.50 20.57
CA PRO A 165 41.49 -37.60 20.17
C PRO A 165 41.72 -37.40 18.69
N PHE A 166 40.70 -37.60 17.84
CA PHE A 166 40.88 -37.47 16.41
C PHE A 166 41.12 -36.02 16.01
N MET A 167 40.36 -35.08 16.58
CA MET A 167 40.55 -33.68 16.25
C MET A 167 41.92 -33.19 16.69
N HIS A 168 42.41 -33.66 17.83
CA HIS A 168 43.76 -33.30 18.27
C HIS A 168 44.80 -33.72 17.24
N ARG A 169 44.62 -34.90 16.66
CA ARG A 169 45.49 -35.32 15.55
C ARG A 169 45.20 -34.52 14.28
N LEU A 170 43.95 -34.10 14.10
CA LEU A 170 43.59 -33.30 12.93
C LEU A 170 44.06 -31.86 13.07
N ALA A 171 43.96 -31.29 14.27
CA ALA A 171 44.35 -29.89 14.47
C ALA A 171 45.82 -29.67 14.16
N ASP A 172 46.68 -30.54 14.66
CA ASP A 172 48.12 -30.39 14.43
C ASP A 172 48.51 -30.80 13.01
N SER A 173 47.76 -31.71 12.40
CA SER A 173 48.10 -32.17 11.05
C SER A 173 48.00 -31.04 10.04
N LEU A 174 46.94 -30.23 10.13
CA LEU A 174 46.76 -29.14 9.18
C LEU A 174 47.78 -28.02 9.40
N ARG A 175 48.22 -27.81 10.64
CA ARG A 175 49.23 -26.80 10.91
C ARG A 175 50.52 -27.11 10.17
N TYR A 176 50.87 -28.39 10.07
CA TYR A 176 51.99 -28.78 9.22
C TYR A 176 51.73 -28.41 7.77
N TRP A 177 50.50 -28.69 7.29
CA TRP A 177 50.17 -28.39 5.89
C TRP A 177 50.24 -26.89 5.61
N ALA A 178 49.79 -26.07 6.55
CA ALA A 178 49.90 -24.63 6.38
C ALA A 178 51.37 -24.20 6.31
N ALA A 179 52.21 -24.74 7.19
CA ALA A 179 53.63 -24.44 7.14
C ALA A 179 54.26 -24.93 5.84
N TYR A 180 53.88 -26.13 5.40
CA TYR A 180 54.43 -26.69 4.17
C TYR A 180 54.12 -25.80 2.96
N LYS A 181 52.86 -25.41 2.80
CA LYS A 181 52.46 -24.70 1.59
C LYS A 181 53.12 -23.33 1.50
N LEU A 182 53.26 -22.63 2.63
CA LEU A 182 53.87 -21.31 2.61
C LEU A 182 55.33 -21.37 2.20
N THR A 183 56.07 -22.35 2.70
CA THR A 183 57.51 -22.42 2.50
C THR A 183 57.91 -23.11 1.20
N THR A 184 56.96 -23.62 0.43
CA THR A 184 57.28 -24.31 -0.82
C THR A 184 56.74 -23.60 -2.04
N ASP A 185 55.46 -23.27 -2.07
CA ASP A 185 54.88 -22.60 -3.22
C ASP A 185 55.35 -21.17 -3.29
N PRO A 186 55.97 -20.73 -4.39
CA PRO A 186 56.36 -19.31 -4.49
C PRO A 186 55.17 -18.37 -4.47
N GLY A 187 54.00 -18.81 -4.93
CA GLY A 187 52.83 -17.96 -4.95
C GLY A 187 52.20 -17.72 -3.60
N TRP A 188 52.63 -18.44 -2.56
CA TRP A 188 52.07 -18.29 -1.23
C TRP A 188 52.89 -17.34 -0.36
N SER A 189 53.67 -16.45 -0.97
CA SER A 189 54.51 -15.54 -0.20
C SER A 189 53.66 -14.57 0.62
N GLY A 190 52.69 -13.91 -0.03
CA GLY A 190 51.87 -12.92 0.63
C GLY A 190 50.69 -13.45 1.39
N ILE A 191 50.44 -14.75 1.36
CA ILE A 191 49.26 -15.32 2.01
C ILE A 191 49.50 -15.41 3.52
N GLU A 192 48.45 -15.11 4.28
CA GLU A 192 48.43 -15.36 5.71
C GLU A 192 47.35 -16.38 6.01
N VAL A 193 47.68 -17.40 6.79
CA VAL A 193 46.74 -18.45 7.15
C VAL A 193 46.39 -18.29 8.62
N ILE A 194 45.09 -18.28 8.91
CA ILE A 194 44.58 -18.16 10.27
C ILE A 194 43.88 -19.46 10.63
N ILE A 195 44.30 -20.08 11.73
CA ILE A 195 43.81 -21.39 12.13
C ILE A 195 42.95 -21.22 13.38
N SER A 196 41.72 -21.70 13.30
CA SER A 196 40.78 -21.70 14.42
C SER A 196 40.29 -23.14 14.59
N ASP A 197 41.08 -23.94 15.31
CA ASP A 197 40.75 -25.35 15.48
C ASP A 197 39.53 -25.50 16.40
N ALA A 198 39.11 -26.74 16.59
CA ALA A 198 37.91 -27.02 17.37
C ALA A 198 38.08 -26.63 18.83
N SER A 199 39.32 -26.46 19.31
CA SER A 199 39.51 -26.01 20.68
C SER A 199 38.99 -24.59 20.88
N VAL A 200 38.96 -23.79 19.82
CA VAL A 200 38.45 -22.42 19.87
C VAL A 200 36.96 -22.45 20.13
N PRO A 201 36.46 -21.77 21.17
CA PRO A 201 35.02 -21.77 21.42
C PRO A 201 34.26 -21.11 20.29
N GLY A 202 33.04 -21.58 20.07
CA GLY A 202 32.19 -21.02 19.04
C GLY A 202 31.97 -21.99 17.90
N GLU A 203 30.85 -21.82 17.21
CA GLU A 203 30.49 -22.67 16.08
C GLU A 203 31.27 -22.21 14.83
N GLY A 204 31.34 -23.12 13.86
CA GLY A 204 32.18 -22.93 12.68
C GLY A 204 31.93 -21.68 11.87
N GLU A 205 30.77 -21.59 11.22
CA GLU A 205 30.47 -20.40 10.43
C GLU A 205 30.09 -19.20 11.28
N HIS A 206 29.97 -19.37 12.60
CA HIS A 206 29.89 -18.21 13.48
C HIS A 206 31.24 -17.55 13.64
N LYS A 207 32.32 -18.34 13.61
CA LYS A 207 33.66 -17.78 13.66
C LYS A 207 33.94 -16.90 12.45
N ILE A 208 33.54 -17.36 11.26
CA ILE A 208 33.75 -16.58 10.05
C ILE A 208 33.01 -15.25 10.14
N MET A 209 31.76 -15.29 10.60
CA MET A 209 30.97 -14.07 10.70
C MET A 209 31.59 -13.08 11.67
N SER A 210 32.03 -13.55 12.84
CA SER A 210 32.65 -12.67 13.82
C SER A 210 33.95 -12.08 13.29
N TYR A 211 34.71 -12.88 12.53
CA TYR A 211 36.00 -12.41 12.03
C TYR A 211 35.83 -11.24 11.06
N VAL A 212 34.85 -11.33 10.15
CA VAL A 212 34.63 -10.25 9.20
C VAL A 212 34.17 -8.99 9.91
N ARG A 213 33.35 -9.14 10.95
CA ARG A 213 32.86 -7.97 11.68
C ARG A 213 33.99 -7.25 12.40
N SER A 214 35.02 -7.98 12.85
CA SER A 214 36.17 -7.32 13.45
C SER A 214 36.94 -6.51 12.41
N LEU A 215 37.12 -7.07 11.21
CA LEU A 215 37.69 -6.28 10.12
C LEU A 215 36.79 -5.13 9.72
N ARG A 216 35.50 -5.20 10.05
CA ARG A 216 34.57 -4.12 9.73
C ARG A 216 34.77 -2.92 10.63
N SER A 217 35.15 -3.12 11.88
CA SER A 217 35.28 -2.03 12.85
C SER A 217 36.62 -1.30 12.75
N SER A 218 37.53 -1.77 11.90
CA SER A 218 38.79 -1.05 11.70
C SER A 218 38.57 0.07 10.69
N PRO A 219 38.87 1.32 11.04
CA PRO A 219 38.62 2.42 10.09
C PRO A 219 39.45 2.34 8.82
N LYS A 220 40.58 1.63 8.84
CA LYS A 220 41.43 1.50 7.67
C LYS A 220 41.03 0.33 6.77
N HIS A 221 39.85 -0.25 6.99
CA HIS A 221 39.40 -1.39 6.20
C HIS A 221 39.21 -1.00 4.74
N ASP A 222 39.48 -1.95 3.85
CA ASP A 222 39.30 -1.73 2.42
C ASP A 222 37.91 -2.19 2.00
N PRO A 223 37.04 -1.28 1.53
CA PRO A 223 35.67 -1.69 1.20
C PRO A 223 35.57 -2.63 0.00
N ASN A 224 36.62 -2.77 -0.79
CA ASN A 224 36.60 -3.62 -1.98
C ASN A 224 37.35 -4.93 -1.78
N THR A 225 37.28 -5.49 -0.58
CA THR A 225 37.99 -6.73 -0.27
C THR A 225 37.08 -7.91 -0.58
N THR A 226 37.21 -8.45 -1.80
CA THR A 226 36.37 -9.57 -2.21
C THR A 226 36.63 -10.79 -1.32
N HIS A 227 35.55 -11.48 -0.95
CA HIS A 227 35.63 -12.68 -0.15
C HIS A 227 34.93 -13.83 -0.86
N CYS A 228 35.03 -15.01 -0.27
CA CYS A 228 34.23 -16.17 -0.67
C CYS A 228 34.43 -17.27 0.36
N ILE A 229 33.44 -18.16 0.45
CA ILE A 229 33.45 -19.25 1.42
C ILE A 229 33.16 -20.56 0.71
N TYR A 230 33.85 -21.61 1.12
CA TYR A 230 33.49 -22.98 0.77
C TYR A 230 32.61 -23.54 1.88
N GLY A 231 31.42 -23.99 1.52
CA GLY A 231 30.50 -24.51 2.52
C GLY A 231 29.39 -25.32 1.89
N LEU A 232 28.68 -26.05 2.75
CA LEU A 232 27.58 -26.91 2.33
C LEU A 232 26.23 -26.48 2.86
N ALA A 233 26.17 -25.96 4.09
CA ALA A 233 24.90 -25.55 4.67
C ALA A 233 24.28 -24.41 3.86
N ALA A 234 22.94 -24.39 3.84
CA ALA A 234 22.22 -23.36 3.12
C ALA A 234 22.15 -22.04 3.87
N ALA A 235 22.49 -22.03 5.17
CA ALA A 235 22.53 -20.79 5.91
C ALA A 235 23.63 -19.85 5.41
N LEU A 236 24.64 -20.39 4.72
CA LEU A 236 25.74 -19.57 4.26
C LEU A 236 25.29 -18.50 3.28
N ILE A 237 24.21 -18.76 2.54
CA ILE A 237 23.67 -17.74 1.64
C ILE A 237 23.16 -16.55 2.43
N PHE A 238 22.43 -16.81 3.51
CA PHE A 238 21.88 -15.73 4.32
C PHE A 238 22.98 -14.99 5.08
N LEU A 239 23.96 -15.72 5.62
CA LEU A 239 25.05 -15.08 6.34
C LEU A 239 25.85 -14.17 5.42
N GLY A 240 26.00 -14.56 4.15
CA GLY A 240 26.72 -13.72 3.20
C GLY A 240 26.05 -12.37 2.99
N LEU A 241 24.72 -12.34 3.06
CA LEU A 241 24.02 -11.06 3.03
C LEU A 241 24.15 -10.32 4.35
N ALA A 242 24.27 -11.04 5.47
CA ALA A 242 24.35 -10.40 6.77
C ALA A 242 25.60 -9.54 6.90
N THR A 243 26.74 -10.03 6.41
CA THR A 243 27.99 -9.27 6.52
C THR A 243 27.94 -7.97 5.72
N HIS A 244 27.02 -7.85 4.78
CA HIS A 244 26.84 -6.63 3.99
C HIS A 244 28.12 -6.24 3.25
N GLU A 245 28.82 -7.23 2.72
CA GLU A 245 29.97 -6.98 1.85
C GLU A 245 29.54 -7.33 0.42
N PRO A 246 29.29 -6.32 -0.43
CA PRO A 246 28.77 -6.62 -1.77
C PRO A 246 29.65 -7.54 -2.59
N HIS A 247 30.97 -7.39 -2.51
CA HIS A 247 31.88 -8.23 -3.27
C HIS A 247 32.09 -9.51 -2.49
N PHE A 248 31.19 -10.47 -2.70
CA PHE A 248 31.16 -11.70 -1.92
C PHE A 248 30.60 -12.80 -2.81
N LYS A 249 30.89 -14.04 -2.44
CA LYS A 249 30.36 -15.20 -3.15
C LYS A 249 30.56 -16.44 -2.28
N ILE A 250 30.11 -17.57 -2.80
CA ILE A 250 30.22 -18.86 -2.09
C ILE A 250 30.65 -19.91 -3.09
N LEU A 251 31.52 -20.81 -2.65
CA LEU A 251 31.99 -21.93 -3.46
C LEU A 251 31.19 -23.17 -3.11
N ARG A 252 30.61 -23.81 -4.12
CA ARG A 252 29.66 -24.90 -3.91
C ARG A 252 29.79 -25.90 -5.04
N GLU A 253 29.58 -27.18 -4.71
CA GLU A 253 29.68 -28.25 -5.70
C GLU A 253 28.49 -28.21 -6.66
N ASP A 254 28.44 -29.19 -7.54
CA ASP A 254 27.38 -29.23 -8.56
C ASP A 254 26.02 -29.51 -7.95
N VAL A 255 25.96 -30.51 -7.05
CA VAL A 255 24.76 -31.00 -6.37
C VAL A 255 23.57 -31.09 -7.33
N PHE A 256 23.87 -31.30 -8.62
CA PHE A 256 22.84 -31.53 -9.62
C PHE A 256 22.95 -32.91 -10.25
N ALA A 257 24.11 -33.26 -10.79
CA ALA A 257 24.33 -34.58 -11.38
C ALA A 257 25.23 -35.45 -10.53
N GLN A 258 25.61 -35.01 -9.33
CA GLN A 258 26.50 -35.79 -8.48
C GLN A 258 25.86 -37.07 -7.98
N ASP A 259 24.53 -37.19 -8.06
CA ASP A 259 23.86 -38.41 -7.60
C ASP A 259 24.26 -39.60 -8.46
N LYS A 260 24.33 -39.42 -9.78
CA LYS A 260 24.69 -40.48 -10.71
C LYS A 260 23.78 -41.70 -10.56
N ASP A 281 37.12 -40.52 -9.52
CA ASP A 281 38.28 -40.55 -10.41
C ASP A 281 38.36 -39.28 -11.25
N LYS A 282 37.20 -38.77 -11.65
CA LYS A 282 37.11 -37.57 -12.46
C LYS A 282 36.68 -36.40 -11.59
N LYS A 283 37.20 -35.21 -11.90
CA LYS A 283 37.01 -34.05 -11.05
C LYS A 283 35.53 -33.68 -10.96
N THR A 284 35.04 -33.46 -9.75
CA THR A 284 33.66 -33.07 -9.54
C THR A 284 33.47 -31.60 -9.90
N PRO A 285 32.51 -31.28 -10.77
CA PRO A 285 32.30 -29.87 -11.12
C PRO A 285 31.78 -29.07 -9.93
N PHE A 286 32.18 -27.80 -9.88
CA PHE A 286 31.80 -26.90 -8.81
C PHE A 286 31.01 -25.73 -9.39
N LEU A 287 30.22 -25.09 -8.54
CA LEU A 287 29.37 -23.99 -8.94
C LEU A 287 29.67 -22.77 -8.09
N TRP A 288 29.90 -21.64 -8.74
CA TRP A 288 29.95 -20.37 -8.03
C TRP A 288 28.55 -19.95 -7.59
N LEU A 289 28.51 -19.16 -6.53
CA LEU A 289 27.25 -18.66 -5.96
C LEU A 289 27.46 -17.18 -5.72
N HIS A 290 27.17 -16.38 -6.75
CA HIS A 290 27.51 -14.96 -6.75
C HIS A 290 26.45 -14.18 -5.96
N LEU A 291 26.76 -13.92 -4.68
CA LEU A 291 25.84 -13.14 -3.86
C LEU A 291 25.79 -11.67 -4.26
N ASN A 292 26.81 -11.17 -4.96
CA ASN A 292 26.75 -9.79 -5.45
C ASN A 292 25.65 -9.64 -6.48
N ILE A 293 25.45 -10.65 -7.33
CA ILE A 293 24.36 -10.61 -8.30
C ILE A 293 23.02 -10.74 -7.58
N LEU A 294 22.97 -11.62 -6.57
CA LEU A 294 21.74 -11.78 -5.79
C LEU A 294 21.29 -10.47 -5.16
N ARG A 295 22.24 -9.61 -4.78
CA ARG A 295 21.88 -8.31 -4.25
C ARG A 295 21.13 -7.47 -5.27
N GLU A 296 21.42 -7.67 -6.56
CA GLU A 296 20.67 -6.98 -7.60
C GLU A 296 19.21 -7.44 -7.63
N TYR A 297 18.99 -8.75 -7.50
CA TYR A 297 17.63 -9.28 -7.45
C TYR A 297 16.83 -8.68 -6.31
N LEU A 298 17.28 -8.88 -5.07
CA LEU A 298 16.49 -8.44 -3.92
C LEU A 298 16.30 -6.94 -3.91
N GLN A 299 17.20 -6.19 -4.55
CA GLN A 299 16.99 -4.75 -4.68
C GLN A 299 15.75 -4.45 -5.49
N ILE A 300 15.52 -5.20 -6.57
CA ILE A 300 14.35 -4.98 -7.42
C ILE A 300 13.08 -5.41 -6.70
N GLU A 301 13.09 -6.60 -6.09
CA GLU A 301 11.90 -7.13 -5.44
C GLU A 301 11.49 -6.29 -4.24
N LEU A 302 12.42 -6.00 -3.35
CA LEU A 302 12.10 -5.34 -2.09
C LEU A 302 11.88 -3.85 -2.25
N ASN A 303 11.78 -3.34 -3.49
CA ASN A 303 11.51 -1.93 -3.74
C ASN A 303 10.00 -1.71 -3.86
N VAL A 304 9.35 -1.73 -2.71
CA VAL A 304 7.90 -1.52 -2.67
C VAL A 304 7.61 -0.02 -2.78
N PRO A 305 6.76 0.40 -3.70
CA PRO A 305 6.50 1.83 -3.90
C PRO A 305 5.61 2.40 -2.79
N GLY A 306 5.63 3.73 -2.69
CA GLY A 306 4.74 4.44 -1.79
C GLY A 306 4.98 4.16 -0.33
N LEU A 307 6.13 4.60 0.19
CA LEU A 307 6.47 4.43 1.59
C LEU A 307 6.60 5.80 2.27
N SER A 308 6.08 5.89 3.48
CA SER A 308 6.23 7.11 4.29
C SER A 308 7.67 7.30 4.77
N PHE A 309 8.52 6.30 4.61
CA PHE A 309 9.92 6.34 5.01
C PHE A 309 10.80 5.97 3.83
N PRO A 310 12.02 6.50 3.77
CA PRO A 310 12.86 6.28 2.60
C PRO A 310 13.25 4.82 2.43
N PHE A 311 13.36 4.41 1.16
CA PHE A 311 13.77 3.05 0.85
C PHE A 311 15.22 2.84 1.21
N ASP A 312 15.53 1.63 1.69
CA ASP A 312 16.90 1.27 2.08
C ASP A 312 17.07 -0.21 1.78
N LEU A 313 17.70 -0.52 0.65
CA LEU A 313 17.79 -1.92 0.21
C LEU A 313 18.58 -2.76 1.20
N GLU A 314 19.70 -2.23 1.71
CA GLU A 314 20.49 -2.99 2.67
C GLU A 314 19.76 -3.17 3.99
N LYS A 315 18.86 -2.23 4.33
CA LYS A 315 17.99 -2.44 5.48
C LYS A 315 16.88 -3.43 5.17
N SER A 316 16.39 -3.42 3.92
CA SER A 316 15.39 -4.39 3.51
C SER A 316 15.92 -5.82 3.57
N ILE A 317 17.18 -6.01 3.17
CA ILE A 317 17.77 -7.35 3.17
C ILE A 317 17.80 -7.92 4.59
N ASP A 318 18.07 -7.08 5.58
CA ASP A 318 18.05 -7.54 6.96
C ASP A 318 16.68 -8.07 7.34
N ASP A 319 15.61 -7.37 6.95
CA ASP A 319 14.28 -7.91 7.11
C ASP A 319 14.09 -9.17 6.28
N TRP A 320 14.59 -9.17 5.05
CA TRP A 320 14.44 -10.33 4.17
C TRP A 320 15.14 -11.55 4.73
N VAL A 321 16.34 -11.36 5.29
CA VAL A 321 17.03 -12.46 5.96
C VAL A 321 16.22 -12.93 7.15
N PHE A 322 15.68 -12.00 7.93
CA PHE A 322 14.84 -12.35 9.06
C PHE A 322 13.61 -13.12 8.62
N ILE A 323 13.10 -12.83 7.43
CA ILE A 323 11.93 -13.55 6.91
C ILE A 323 12.23 -15.03 6.77
N CYS A 324 13.40 -15.36 6.23
CA CYS A 324 13.79 -16.75 5.97
C CYS A 324 14.12 -17.51 7.24
N PHE A 325 13.89 -16.98 8.45
CA PHE A 325 14.26 -17.69 9.66
C PHE A 325 13.08 -18.19 10.47
N PHE A 326 11.85 -17.85 10.07
CA PHE A 326 10.69 -18.61 10.52
C PHE A 326 10.46 -19.82 9.62
N CYS A 327 10.63 -19.63 8.31
CA CYS A 327 10.40 -20.71 7.36
C CYS A 327 11.30 -21.91 7.63
N GLY A 328 12.54 -21.67 8.05
CA GLY A 328 13.43 -22.77 8.35
C GLY A 328 14.77 -22.38 8.93
N ASN A 329 15.13 -23.05 10.03
CA ASN A 329 16.43 -22.89 10.66
C ASN A 329 16.64 -24.09 11.57
N ASP A 330 17.82 -24.14 12.20
CA ASP A 330 18.18 -25.25 13.06
C ASP A 330 18.39 -24.83 14.51
N PHE A 331 17.55 -23.92 15.00
CA PHE A 331 17.57 -23.56 16.42
C PHE A 331 16.16 -23.59 16.98
N LEU A 332 15.16 -23.45 16.11
CA LEU A 332 13.77 -23.46 16.51
C LEU A 332 12.95 -24.32 15.55
N PRO A 333 12.03 -25.14 16.04
CA PRO A 333 11.13 -25.86 15.15
C PRO A 333 10.27 -24.90 14.34
N HIS A 334 10.03 -25.27 13.08
CA HIS A 334 9.26 -24.41 12.20
C HIS A 334 7.81 -24.34 12.65
N LEU A 335 7.15 -23.26 12.26
CA LEU A 335 5.74 -23.09 12.59
C LEU A 335 4.92 -24.19 11.93
N PRO A 336 3.85 -24.65 12.59
CA PRO A 336 3.06 -25.76 12.02
C PRO A 336 2.46 -25.44 10.67
N SER A 337 2.27 -24.17 10.34
CA SER A 337 1.69 -23.76 9.06
C SER A 337 2.74 -23.32 8.05
N LEU A 338 4.01 -23.66 8.28
CA LEU A 338 5.09 -23.20 7.42
C LEU A 338 5.89 -24.39 6.90
N ASP A 339 6.22 -24.36 5.60
CA ASP A 339 6.99 -25.42 4.97
C ASP A 339 7.73 -24.82 3.79
N VAL A 340 9.06 -24.95 3.79
CA VAL A 340 9.86 -24.43 2.68
C VAL A 340 9.54 -25.19 1.41
N ARG A 341 9.29 -26.50 1.52
CA ARG A 341 8.85 -27.28 0.36
C ARG A 341 7.56 -26.73 -0.22
N ASP A 342 6.68 -26.20 0.63
CA ASP A 342 5.47 -25.52 0.18
C ASP A 342 5.72 -24.07 -0.23
N ASN A 343 6.98 -23.69 -0.41
CA ASN A 343 7.36 -22.33 -0.83
C ASN A 343 6.84 -21.28 0.16
N SER A 344 6.94 -21.60 1.46
CA SER A 344 6.50 -20.67 2.48
C SER A 344 7.33 -19.40 2.51
N ILE A 345 8.55 -19.43 1.98
CA ILE A 345 9.36 -18.22 1.94
C ILE A 345 8.71 -17.17 1.06
N THR A 346 8.15 -17.60 -0.08
CA THR A 346 7.40 -16.68 -0.93
C THR A 346 6.17 -16.15 -0.20
N THR A 347 5.56 -16.97 0.66
CA THR A 347 4.41 -16.51 1.43
C THR A 347 4.77 -15.32 2.32
N LEU A 348 5.70 -15.52 3.25
CA LEU A 348 6.07 -14.46 4.18
C LEU A 348 6.53 -13.20 3.46
N VAL A 349 7.16 -13.35 2.29
CA VAL A 349 7.55 -12.19 1.51
C VAL A 349 6.32 -11.39 1.09
N THR A 350 5.28 -12.10 0.63
CA THR A 350 4.07 -11.40 0.17
C THR A 350 3.44 -10.60 1.30
N ILE A 351 3.17 -11.24 2.44
CA ILE A 351 2.60 -10.53 3.58
C ILE A 351 3.52 -9.40 4.01
N TRP A 352 4.83 -9.61 3.89
CA TRP A 352 5.77 -8.53 4.19
C TRP A 352 5.57 -7.34 3.26
N LYS A 353 5.32 -7.60 1.97
CA LYS A 353 5.17 -6.51 1.02
C LYS A 353 3.90 -5.71 1.26
N GLN A 354 2.78 -6.39 1.51
CA GLN A 354 1.53 -5.67 1.76
C GLN A 354 1.60 -4.84 3.04
N ILE A 355 2.23 -5.38 4.09
CA ILE A 355 2.24 -4.71 5.39
C ILE A 355 3.06 -3.42 5.39
N LEU A 356 4.18 -3.37 4.65
CA LEU A 356 5.12 -2.25 4.78
C LEU A 356 4.51 -0.88 4.58
N PRO A 357 3.68 -0.61 3.55
CA PRO A 357 3.15 0.75 3.40
C PRO A 357 2.42 1.27 4.63
N THR A 358 1.68 0.41 5.32
CA THR A 358 1.03 0.82 6.55
C THR A 358 2.05 1.12 7.65
N MET A 359 3.12 0.32 7.72
CA MET A 359 4.10 0.45 8.78
C MET A 359 4.93 1.72 8.62
N LYS A 360 5.57 2.11 9.71
CA LYS A 360 6.45 3.27 9.74
C LYS A 360 7.92 2.90 9.70
N GLY A 361 8.26 1.62 9.65
CA GLY A 361 9.65 1.22 9.69
C GLY A 361 9.82 -0.25 9.34
N TYR A 362 11.02 -0.74 9.64
CA TYR A 362 11.38 -2.11 9.33
C TYR A 362 11.25 -3.00 10.57
N LEU A 363 11.12 -4.31 10.33
CA LEU A 363 10.90 -5.25 11.42
C LEU A 363 12.10 -5.29 12.36
N THR A 364 13.31 -5.31 11.83
CA THR A 364 14.51 -5.39 12.64
C THR A 364 15.52 -4.35 12.18
N THR A 365 16.43 -4.01 13.08
CA THR A 365 17.48 -3.03 12.82
C THR A 365 18.75 -3.46 13.53
N ASP A 366 19.79 -3.77 12.74
CA ASP A 366 21.08 -4.22 13.27
C ASP A 366 20.92 -5.43 14.18
N GLY A 367 20.00 -6.32 13.83
CA GLY A 367 19.76 -7.52 14.58
C GLY A 367 18.83 -7.37 15.76
N TYR A 368 18.32 -6.17 16.03
CA TYR A 368 17.38 -5.96 17.13
C TYR A 368 15.98 -5.81 16.57
N LEU A 369 15.03 -6.50 17.20
CA LEU A 369 13.68 -6.58 16.65
C LEU A 369 12.84 -5.38 17.06
N ASN A 370 11.72 -5.22 16.36
CA ASN A 370 10.68 -4.25 16.70
C ASN A 370 9.42 -5.07 16.95
N LEU A 371 9.18 -5.42 18.21
CA LEU A 371 8.07 -6.30 18.55
C LEU A 371 6.72 -5.84 18.03
N PRO A 372 6.34 -4.57 18.10
CA PRO A 372 5.09 -4.15 17.42
C PRO A 372 5.12 -4.40 15.93
N ALA A 373 6.29 -4.29 15.28
CA ALA A 373 6.36 -4.47 13.85
C ALA A 373 6.13 -5.93 13.45
N VAL A 374 6.80 -6.86 14.14
CA VAL A 374 6.63 -8.28 13.81
C VAL A 374 5.23 -8.75 14.17
N GLU A 375 4.63 -8.15 15.21
CA GLU A 375 3.28 -8.57 15.62
C GLU A 375 2.28 -8.43 14.50
N ARG A 376 2.34 -7.32 13.76
CA ARG A 376 1.42 -7.13 12.64
C ARG A 376 1.64 -8.19 11.56
N LEU A 377 2.90 -8.51 11.26
CA LEU A 377 3.19 -9.54 10.28
C LEU A 377 2.64 -10.90 10.71
N LEU A 378 2.91 -11.28 11.96
CA LEU A 378 2.45 -12.57 12.46
C LEU A 378 0.93 -12.63 12.53
N ALA A 379 0.29 -11.57 13.04
CA ALA A 379 -1.16 -11.55 13.13
C ALA A 379 -1.80 -11.66 11.74
N GLU A 380 -1.26 -10.95 10.75
CA GLU A 380 -1.79 -11.02 9.40
C GLU A 380 -1.66 -12.43 8.84
N LEU A 381 -0.54 -13.10 9.12
CA LEU A 381 -0.37 -14.47 8.65
C LEU A 381 -1.40 -15.42 9.26
N ALA A 382 -1.85 -15.13 10.48
CA ALA A 382 -2.80 -16.02 11.15
C ALA A 382 -4.08 -16.20 10.35
N LYS A 383 -4.46 -15.20 9.55
CA LYS A 383 -5.65 -15.33 8.72
C LYS A 383 -5.49 -16.44 7.70
N LYS A 384 -4.31 -16.53 7.09
CA LYS A 384 -4.05 -17.55 6.07
C LYS A 384 -3.91 -18.95 6.64
N GLU A 385 -3.82 -19.08 7.97
CA GLU A 385 -3.54 -20.40 8.57
C GLU A 385 -4.63 -21.41 8.24
N ASP A 386 -5.89 -21.00 8.36
CA ASP A 386 -6.99 -21.93 8.09
C ASP A 386 -7.01 -22.39 6.64
N TYR A 387 -6.75 -21.47 5.71
CA TYR A 387 -6.85 -21.80 4.29
C TYR A 387 -5.80 -22.83 3.91
N ILE A 388 -4.54 -22.62 4.30
CA ILE A 388 -3.47 -23.51 3.87
C ILE A 388 -3.62 -24.90 4.48
N PHE A 389 -4.09 -24.99 5.72
CA PHE A 389 -4.30 -26.29 6.34
C PHE A 389 -5.22 -27.16 5.49
N ARG A 390 -6.38 -26.61 5.11
CA ARG A 390 -7.29 -27.33 4.21
C ARG A 390 -6.66 -27.52 2.83
N LYS A 391 -5.99 -26.48 2.32
CA LYS A 391 -5.37 -26.60 1.01
C LYS A 391 -4.30 -27.68 0.98
N ARG A 392 -3.47 -27.74 2.02
CA ARG A 392 -2.48 -28.81 2.11
C ARG A 392 -3.15 -30.18 2.21
N TYR A 393 -4.20 -30.28 3.03
CA TYR A 393 -4.91 -31.54 3.18
C TYR A 393 -5.59 -31.99 1.89
N GLU A 394 -6.20 -31.04 1.17
CA GLU A 394 -6.91 -31.39 -0.06
C GLU A 394 -5.94 -31.83 -1.15
N ASP A 395 -4.81 -31.12 -1.30
CA ASP A 395 -3.88 -31.42 -2.37
C ASP A 395 -3.29 -32.82 -2.24
N GLU A 396 -2.90 -33.21 -1.02
CA GLU A 396 -2.36 -34.55 -0.82
C GLU A 396 -3.43 -35.60 -1.08
N LYS A 397 -4.68 -35.32 -0.72
CA LYS A 397 -5.78 -36.20 -1.11
C LYS A 397 -5.93 -36.23 -2.63
N ARG A 398 -5.83 -35.07 -3.27
CA ARG A 398 -5.83 -35.03 -4.73
C ARG A 398 -4.64 -35.79 -5.31
N SER A 399 -3.47 -35.63 -4.67
CA SER A 399 -2.30 -36.38 -5.11
C SER A 399 -2.51 -37.88 -4.93
N LEU A 400 -3.03 -38.28 -3.77
CA LEU A 400 -3.28 -39.70 -3.50
C LEU A 400 -4.24 -40.31 -4.53
N GLU A 401 -5.19 -39.51 -5.02
CA GLU A 401 -6.07 -39.99 -6.08
C GLU A 401 -5.29 -40.29 -7.36
N ASN A 402 -4.18 -39.58 -7.58
CA ASN A 402 -3.37 -39.83 -8.77
C ASN A 402 -2.71 -41.20 -8.71
N GLN A 403 -2.11 -41.55 -7.57
CA GLN A 403 -1.56 -42.88 -7.43
C GLN A 403 -2.65 -43.94 -7.45
N LYS A 404 -3.81 -43.63 -6.86
CA LYS A 404 -4.95 -44.55 -6.95
C LYS A 404 -5.33 -44.80 -8.40
N ARG A 405 -5.24 -43.77 -9.24
CA ARG A 405 -5.39 -43.97 -10.68
C ARG A 405 -4.25 -44.81 -11.23
N ARG A 406 -3.02 -44.57 -10.76
CA ARG A 406 -1.88 -45.33 -11.23
C ARG A 406 -1.91 -46.76 -10.70
N LYS A 407 -2.22 -46.93 -9.41
CA LYS A 407 -2.26 -48.28 -8.83
C LYS A 407 -3.68 -48.83 -8.85
N LYS A 531 0.05 -37.68 21.37
CA LYS A 531 1.00 -38.27 20.43
C LYS A 531 0.28 -39.06 19.35
N ASN A 532 -1.04 -39.15 19.46
CA ASN A 532 -1.85 -39.94 18.55
C ASN A 532 -2.29 -39.17 17.32
N GLU A 533 -1.85 -37.92 17.16
CA GLU A 533 -2.17 -37.08 16.00
C GLU A 533 -3.68 -36.87 15.98
N GLU A 534 -4.39 -37.30 14.92
CA GLU A 534 -5.85 -37.16 14.79
C GLU A 534 -6.32 -35.73 15.12
N ILE A 535 -5.42 -34.75 14.96
CA ILE A 535 -5.78 -33.37 15.23
C ILE A 535 -6.68 -32.82 14.13
N ARG A 536 -6.48 -33.26 12.89
CA ARG A 536 -7.28 -32.80 11.74
C ARG A 536 -7.20 -31.29 11.59
N LEU A 537 -5.98 -30.83 11.27
CA LEU A 537 -5.73 -29.40 11.10
C LEU A 537 -6.65 -28.78 10.07
N TRP A 538 -7.08 -29.56 9.08
CA TRP A 538 -8.00 -29.05 8.07
C TRP A 538 -9.42 -28.89 8.61
N GLU A 539 -9.73 -29.47 9.77
CA GLU A 539 -11.07 -29.29 10.32
C GLU A 539 -11.07 -28.16 11.35
N PRO A 540 -12.15 -27.39 11.42
CA PRO A 540 -12.20 -26.27 12.36
C PRO A 540 -12.11 -26.74 13.81
N GLY A 541 -11.73 -25.80 14.68
CA GLY A 541 -11.52 -26.12 16.08
C GLY A 541 -10.23 -26.85 16.36
N TYR A 542 -9.30 -26.90 15.41
CA TYR A 542 -8.05 -27.64 15.61
C TYR A 542 -7.18 -26.99 16.67
N ARG A 543 -7.29 -25.67 16.85
CA ARG A 543 -6.40 -24.96 17.75
C ARG A 543 -6.48 -25.51 19.17
N LYS A 544 -7.70 -25.76 19.65
CA LYS A 544 -7.84 -26.42 20.95
C LYS A 544 -7.36 -27.86 20.86
N ARG A 545 -7.84 -28.61 19.87
CA ARG A 545 -7.48 -30.02 19.75
C ARG A 545 -5.98 -30.23 19.59
N TYR A 546 -5.26 -29.25 19.04
CA TYR A 546 -3.83 -29.41 18.83
C TYR A 546 -3.08 -29.55 20.15
N TYR A 547 -3.42 -28.72 21.14
CA TYR A 547 -2.57 -28.61 22.33
C TYR A 547 -2.76 -29.78 23.29
N GLU A 548 -4.01 -30.10 23.65
CA GLU A 548 -4.21 -31.25 24.54
C GLU A 548 -3.79 -32.56 23.89
N THR A 549 -3.80 -32.64 22.56
CA THR A 549 -3.29 -33.82 21.89
C THR A 549 -1.81 -34.02 22.19
N LYS A 550 -1.03 -32.95 22.12
CA LYS A 550 0.42 -33.03 22.31
C LYS A 550 0.81 -33.09 23.78
N PHE A 551 0.19 -32.29 24.63
CA PHE A 551 0.59 -32.15 26.02
C PHE A 551 -0.25 -32.96 26.99
N HIS A 552 -1.30 -33.64 26.50
CA HIS A 552 -2.10 -34.57 27.30
C HIS A 552 -2.68 -33.91 28.55
N THR A 553 -3.44 -32.83 28.34
CA THR A 553 -4.16 -32.17 29.44
C THR A 553 -5.35 -31.45 28.85
N LYS A 554 -6.55 -31.81 29.31
CA LYS A 554 -7.78 -31.26 28.76
C LYS A 554 -8.21 -29.95 29.41
N ASP A 555 -7.54 -29.53 30.48
CA ASP A 555 -7.94 -28.31 31.18
C ASP A 555 -7.60 -27.09 30.32
N PRO A 556 -8.58 -26.26 29.97
CA PRO A 556 -8.26 -25.05 29.20
C PRO A 556 -7.30 -24.10 29.91
N GLN A 557 -7.38 -24.02 31.25
CA GLN A 557 -6.45 -23.17 31.99
C GLN A 557 -5.02 -23.66 31.84
N LYS A 558 -4.81 -24.97 31.92
CA LYS A 558 -3.48 -25.53 31.69
C LYS A 558 -3.00 -25.24 30.26
N VAL A 559 -3.90 -25.41 29.29
CA VAL A 559 -3.53 -25.13 27.90
C VAL A 559 -3.23 -23.65 27.71
N LYS A 560 -4.08 -22.78 28.25
CA LYS A 560 -3.89 -21.34 28.07
C LYS A 560 -2.58 -20.86 28.68
N LYS A 561 -2.23 -21.39 29.85
CA LYS A 561 -0.96 -21.00 30.48
C LYS A 561 0.22 -21.52 29.68
N ILE A 562 0.17 -22.78 29.27
CA ILE A 562 1.27 -23.36 28.50
C ILE A 562 1.42 -22.66 27.15
N ALA A 563 0.30 -22.42 26.48
CA ALA A 563 0.35 -21.83 25.15
C ALA A 563 0.97 -20.44 25.17
N ARG A 564 0.63 -19.63 26.18
CA ARG A 564 1.20 -18.28 26.26
C ARG A 564 2.67 -18.32 26.64
N ASN A 565 3.02 -19.14 27.63
CA ASN A 565 4.42 -19.24 28.05
C ASN A 565 5.30 -19.76 26.92
N MET A 566 4.83 -20.76 26.18
CA MET A 566 5.64 -21.34 25.11
C MET A 566 5.85 -20.35 23.97
N VAL A 567 4.95 -19.38 23.80
CA VAL A 567 5.18 -18.31 22.84
C VAL A 567 6.32 -17.41 23.30
N GLN A 568 6.39 -17.15 24.61
CA GLN A 568 7.44 -16.29 25.13
C GLN A 568 8.82 -16.85 24.82
N LYS A 569 9.00 -18.15 25.01
CA LYS A 569 10.28 -18.77 24.67
C LYS A 569 10.57 -18.68 23.17
N TYR A 570 9.54 -18.89 22.35
CA TYR A 570 9.73 -18.84 20.90
C TYR A 570 10.21 -17.47 20.45
N ILE A 571 9.68 -16.40 21.06
CA ILE A 571 10.11 -15.07 20.70
C ILE A 571 11.56 -14.85 21.12
N GLU A 572 11.96 -15.43 22.26
CA GLU A 572 13.35 -15.37 22.69
C GLU A 572 14.27 -15.95 21.62
N GLY A 573 13.92 -17.11 21.08
CA GLY A 573 14.77 -17.76 20.09
C GLY A 573 14.94 -16.93 18.83
N VAL A 574 13.84 -16.44 18.27
CA VAL A 574 13.91 -15.64 17.07
C VAL A 574 14.61 -14.31 17.33
N SER A 575 14.72 -13.92 18.60
CA SER A 575 15.57 -12.79 18.97
C SER A 575 17.00 -13.23 19.24
N TRP A 576 17.17 -14.37 19.90
CA TRP A 576 18.50 -14.89 20.17
C TRP A 576 19.23 -15.24 18.88
N VAL A 577 18.52 -15.82 17.92
CA VAL A 577 19.17 -16.23 16.67
C VAL A 577 19.58 -15.01 15.85
N LEU A 578 18.78 -13.95 15.88
CA LEU A 578 19.11 -12.76 15.09
C LEU A 578 20.39 -12.10 15.58
N LEU A 579 20.56 -12.01 16.90
CA LEU A 579 21.82 -11.51 17.45
C LEU A 579 22.97 -12.46 17.10
N TYR A 580 22.69 -13.77 17.11
CA TYR A 580 23.74 -14.75 16.86
C TYR A 580 24.34 -14.59 15.47
N TYR A 581 23.59 -14.04 14.52
CA TYR A 581 24.08 -13.81 13.17
C TYR A 581 24.49 -12.36 12.92
N TYR A 582 24.31 -11.48 13.88
CA TYR A 582 24.64 -10.08 13.66
C TYR A 582 25.59 -9.50 14.71
N GLN A 583 25.43 -9.88 15.98
CA GLN A 583 26.28 -9.37 17.04
C GLN A 583 26.97 -10.51 17.80
N GLY A 584 27.10 -11.68 17.19
CA GLY A 584 27.66 -12.82 17.87
C GLY A 584 26.64 -13.46 18.81
N CYS A 585 27.09 -14.49 19.49
CA CYS A 585 26.22 -15.22 20.39
C CYS A 585 25.87 -14.36 21.60
N PRO A 586 24.58 -14.06 21.83
CA PRO A 586 24.22 -13.24 22.99
C PRO A 586 24.10 -14.05 24.27
N SER A 587 23.92 -15.36 24.13
CA SER A 587 23.73 -16.22 25.28
C SER A 587 24.20 -17.64 24.96
N TRP A 588 24.96 -18.22 25.87
CA TRP A 588 25.35 -19.62 25.82
C TRP A 588 24.64 -20.46 26.89
N ASN A 589 23.46 -20.03 27.32
CA ASN A 589 22.64 -20.80 28.25
C ASN A 589 21.20 -20.98 27.79
N TRP A 590 20.68 -20.11 26.92
CA TRP A 590 19.30 -20.24 26.46
C TRP A 590 19.14 -21.47 25.59
N TYR A 591 17.93 -22.04 25.63
CA TYR A 591 17.56 -23.15 24.78
C TYR A 591 16.03 -23.26 24.79
N TYR A 592 15.47 -23.61 23.63
CA TYR A 592 14.03 -23.65 23.48
C TYR A 592 13.48 -24.89 24.17
N PRO A 593 12.63 -24.75 25.19
CA PRO A 593 12.31 -25.89 26.05
C PRO A 593 11.12 -26.71 25.60
N TYR A 594 10.67 -26.57 24.36
CA TYR A 594 9.54 -27.31 23.85
C TYR A 594 9.89 -27.98 22.52
N HIS A 595 9.14 -29.03 22.20
CA HIS A 595 9.35 -29.78 20.98
C HIS A 595 8.52 -29.27 19.81
N TYR A 596 7.70 -28.24 20.01
CA TYR A 596 6.74 -27.83 19.00
C TYR A 596 6.64 -26.30 18.98
N ALA A 597 6.17 -25.77 17.83
CA ALA A 597 5.98 -24.36 17.60
C ALA A 597 4.50 -23.99 17.72
N PRO A 598 4.20 -22.75 18.11
CA PRO A 598 2.80 -22.32 18.23
C PRO A 598 2.28 -21.72 16.94
N PHE A 599 0.96 -21.73 16.81
CA PHE A 599 0.32 -21.18 15.64
C PHE A 599 0.51 -19.66 15.59
N ALA A 600 0.35 -19.10 14.38
CA ALA A 600 0.50 -17.67 14.21
C ALA A 600 -0.56 -16.89 14.98
N ALA A 601 -1.70 -17.52 15.25
CA ALA A 601 -2.76 -16.86 16.00
C ALA A 601 -2.31 -16.54 17.42
N ASP A 602 -1.53 -17.44 18.03
CA ASP A 602 -1.07 -17.26 19.40
C ASP A 602 -0.10 -16.10 19.55
N PHE A 603 0.44 -15.56 18.45
CA PHE A 603 1.38 -14.45 18.51
C PHE A 603 0.60 -13.14 18.62
N VAL A 604 0.17 -12.84 19.85
CA VAL A 604 -0.51 -11.60 20.16
C VAL A 604 0.04 -11.06 21.47
N ASN A 605 -0.18 -9.76 21.68
CA ASN A 605 0.29 -9.07 22.89
C ASN A 605 1.80 -9.22 23.06
N LEU A 606 2.53 -9.13 21.95
CA LEU A 606 3.98 -9.34 21.99
C LEU A 606 4.70 -8.19 22.66
N SER A 607 4.24 -6.95 22.42
CA SER A 607 4.96 -5.79 22.93
C SER A 607 5.06 -5.78 24.45
N GLU A 608 4.07 -6.37 25.14
CA GLU A 608 4.12 -6.46 26.59
C GLU A 608 5.25 -7.36 27.07
N LEU A 609 5.67 -8.32 26.26
CA LEU A 609 6.65 -9.30 26.69
C LEU A 609 8.03 -8.66 26.88
N LYS A 610 8.82 -9.26 27.76
CA LYS A 610 10.18 -8.81 28.04
C LYS A 610 11.18 -9.88 27.59
N ILE A 611 12.36 -9.43 27.19
CA ILE A 611 13.40 -10.30 26.68
C ILE A 611 14.73 -9.92 27.33
N GLU A 612 15.53 -10.92 27.67
CA GLU A 612 16.85 -10.70 28.25
C GLU A 612 17.73 -11.91 27.98
N PHE A 613 19.04 -11.71 28.17
CA PHE A 613 20.00 -12.78 27.92
C PHE A 613 21.17 -12.63 28.88
N VAL A 614 21.90 -13.73 29.07
CA VAL A 614 23.14 -13.75 29.83
C VAL A 614 24.20 -14.46 28.99
N GLU A 615 25.39 -13.88 28.90
CA GLU A 615 26.41 -14.41 28.00
C GLU A 615 26.85 -15.81 28.42
N GLY A 616 27.13 -16.00 29.71
CA GLY A 616 27.55 -17.30 30.19
C GLY A 616 28.96 -17.64 29.74
N THR A 617 29.30 -18.92 29.95
CA THR A 617 30.61 -19.45 29.60
C THR A 617 30.43 -20.71 28.78
N PRO A 618 31.37 -21.00 27.87
CA PRO A 618 31.23 -22.20 27.04
C PRO A 618 31.45 -23.48 27.84
N PHE A 619 30.81 -24.55 27.39
CA PHE A 619 31.07 -25.86 27.96
C PHE A 619 32.47 -26.34 27.57
N ARG A 620 33.06 -27.15 28.43
CA ARG A 620 34.32 -27.77 28.09
C ARG A 620 34.10 -28.79 26.97
N PRO A 621 35.13 -29.07 26.16
CA PRO A 621 34.92 -30.00 25.03
C PRO A 621 34.43 -31.37 25.46
N TYR A 622 34.83 -31.85 26.64
CA TYR A 622 34.30 -33.11 27.14
C TYR A 622 32.86 -32.98 27.57
N GLU A 623 32.50 -31.84 28.17
CA GLU A 623 31.13 -31.64 28.63
C GLU A 623 30.14 -31.71 27.47
N GLN A 624 30.52 -31.16 26.31
CA GLN A 624 29.66 -31.26 25.14
C GLN A 624 29.51 -32.71 24.68
N LEU A 625 30.58 -33.50 24.80
CA LEU A 625 30.56 -34.88 24.29
C LEU A 625 29.48 -35.70 24.98
N MET A 626 29.40 -35.61 26.31
CA MET A 626 28.33 -36.31 27.02
C MET A 626 26.96 -35.71 26.74
N SER A 627 26.90 -34.45 26.32
CA SER A 627 25.65 -33.83 25.91
C SER A 627 25.34 -34.04 24.44
N VAL A 628 26.24 -34.65 23.68
CA VAL A 628 25.98 -34.92 22.27
C VAL A 628 26.26 -36.37 21.87
N LEU A 629 27.05 -37.15 22.65
CA LEU A 629 27.20 -38.52 22.17
C LEU A 629 26.10 -39.42 22.72
N PRO A 630 25.66 -40.39 21.93
CA PRO A 630 24.68 -41.37 22.43
C PRO A 630 25.34 -42.47 23.24
N ALA A 631 24.56 -43.48 23.62
CA ALA A 631 25.10 -44.59 24.41
C ALA A 631 25.95 -45.55 23.59
N ALA A 632 25.91 -45.46 22.26
CA ALA A 632 26.61 -46.39 21.39
C ALA A 632 28.02 -45.93 21.03
N SER A 633 28.48 -44.80 21.56
CA SER A 633 29.78 -44.24 21.21
C SER A 633 30.54 -43.82 22.46
N SER A 634 30.60 -44.71 23.44
CA SER A 634 31.34 -44.43 24.67
C SER A 634 32.85 -44.43 24.45
N HIS A 635 33.32 -44.98 23.33
CA HIS A 635 34.76 -45.03 23.09
C HIS A 635 35.34 -43.64 22.83
N ASN A 636 34.60 -42.80 22.13
CA ASN A 636 35.10 -41.46 21.80
C ASN A 636 35.32 -40.65 23.08
N LEU A 637 34.33 -40.62 23.97
CA LEU A 637 34.50 -39.96 25.25
C LEU A 637 35.52 -40.71 26.10
N PRO A 638 36.22 -40.02 27.01
CA PRO A 638 37.23 -40.70 27.83
C PRO A 638 36.63 -41.83 28.64
N ASP A 639 37.41 -42.91 28.78
CA ASP A 639 36.90 -44.12 29.39
C ASP A 639 36.50 -43.94 30.85
N VAL A 640 36.99 -42.88 31.50
CA VAL A 640 36.60 -42.62 32.88
C VAL A 640 35.12 -42.28 32.97
N PHE A 641 34.61 -41.52 31.99
CA PHE A 641 33.21 -41.08 32.01
C PHE A 641 32.22 -42.14 31.57
N ARG A 642 32.70 -43.30 31.09
CA ARG A 642 31.78 -44.35 30.68
C ARG A 642 30.92 -44.85 31.84
N SER A 643 31.44 -44.78 33.06
CA SER A 643 30.66 -45.18 34.23
C SER A 643 29.45 -44.27 34.42
N LEU A 644 29.65 -42.97 34.24
CA LEU A 644 28.57 -42.00 34.38
C LEU A 644 27.72 -41.88 33.12
N MET A 645 28.06 -42.59 32.06
CA MET A 645 27.39 -42.47 30.77
C MET A 645 26.52 -43.68 30.46
N SER A 646 27.07 -44.89 30.55
CA SER A 646 26.36 -46.10 30.15
C SER A 646 25.85 -46.93 31.32
N ASP A 647 26.54 -46.93 32.45
CA ASP A 647 26.13 -47.75 33.57
C ASP A 647 24.83 -47.25 34.19
N ALA A 648 23.98 -48.19 34.59
CA ALA A 648 22.68 -47.83 35.15
C ALA A 648 22.78 -47.13 36.49
N ASN A 649 23.88 -47.30 37.21
CA ASN A 649 24.04 -46.65 38.51
C ASN A 649 24.33 -45.16 38.40
N SER A 650 24.56 -44.64 37.20
CA SER A 650 24.83 -43.22 37.02
C SER A 650 23.60 -42.39 37.37
N GLU A 651 23.85 -41.24 38.01
CA GLU A 651 22.75 -40.33 38.35
C GLU A 651 22.16 -39.63 37.13
N ILE A 652 22.85 -39.67 35.99
CA ILE A 652 22.37 -39.03 34.77
C ILE A 652 22.00 -40.07 33.71
N ILE A 653 21.87 -41.33 34.11
CA ILE A 653 21.50 -42.39 33.16
C ILE A 653 20.11 -42.13 32.56
N ASP A 654 19.24 -41.42 33.29
CA ASP A 654 17.94 -41.06 32.75
C ASP A 654 18.08 -40.25 31.47
N PHE A 655 19.17 -39.50 31.33
CA PHE A 655 19.44 -38.76 30.11
C PHE A 655 19.90 -39.66 28.97
N TYR A 656 20.12 -40.95 29.23
CA TYR A 656 20.66 -41.88 28.23
C TYR A 656 19.72 -43.07 28.09
N PRO A 657 18.60 -42.91 27.38
CA PRO A 657 17.73 -44.06 27.12
C PRO A 657 18.08 -44.76 25.82
N GLU A 658 18.03 -46.10 25.86
CA GLU A 658 18.29 -46.88 24.65
C GLU A 658 17.24 -46.62 23.59
N GLU A 659 15.98 -46.52 23.99
CA GLU A 659 14.87 -46.26 23.08
C GLU A 659 14.11 -45.02 23.54
N PHE A 660 13.67 -44.22 22.57
CA PHE A 660 12.90 -43.03 22.83
C PHE A 660 11.68 -43.00 21.93
N PRO A 661 10.59 -42.36 22.36
CA PRO A 661 9.37 -42.32 21.53
C PRO A 661 9.52 -41.32 20.39
N LEU A 662 9.67 -41.85 19.17
CA LEU A 662 9.78 -41.02 17.99
C LEU A 662 8.38 -40.56 17.59
N ASP A 663 8.03 -39.32 17.94
CA ASP A 663 6.72 -38.77 17.59
C ASP A 663 6.66 -38.57 16.09
N MET A 664 5.87 -39.39 15.40
CA MET A 664 5.84 -39.38 13.94
C MET A 664 5.29 -38.06 13.43
N ASN A 665 4.32 -37.48 14.15
CA ASN A 665 3.74 -36.17 13.83
C ASN A 665 3.11 -36.13 12.44
N GLY A 666 2.59 -37.26 11.98
CA GLY A 666 1.87 -37.31 10.72
C GLY A 666 2.69 -36.92 9.50
N LYS A 667 3.98 -37.27 9.50
CA LYS A 667 4.84 -37.00 8.37
C LYS A 667 4.71 -38.11 7.33
N LYS A 668 5.60 -38.10 6.35
CA LYS A 668 5.59 -39.12 5.30
C LYS A 668 6.46 -40.32 5.66
N VAL A 669 7.70 -40.08 6.08
CA VAL A 669 8.64 -41.14 6.39
C VAL A 669 9.17 -40.89 7.80
N ILE A 670 9.54 -41.98 8.50
CA ILE A 670 9.91 -41.90 9.90
C ILE A 670 11.16 -41.04 10.10
N TRP A 671 12.01 -40.92 9.07
CA TRP A 671 13.30 -40.26 9.25
C TRP A 671 13.14 -38.76 9.55
N GLN A 672 12.00 -38.16 9.23
CA GLN A 672 11.76 -36.75 9.49
C GLN A 672 10.85 -36.52 10.70
N ALA A 673 10.73 -37.50 11.58
CA ALA A 673 9.90 -37.37 12.77
C ALA A 673 10.66 -36.59 13.84
N ILE A 674 10.11 -36.55 15.05
CA ILE A 674 10.71 -35.78 16.14
C ILE A 674 11.16 -36.72 17.24
N PRO A 675 12.47 -36.87 17.48
CA PRO A 675 12.94 -37.72 18.57
C PRO A 675 12.76 -37.07 19.92
N LEU A 676 11.58 -37.23 20.52
CA LEU A 676 11.31 -36.68 21.85
C LEU A 676 12.29 -37.23 22.88
N LEU A 677 13.16 -36.37 23.39
CA LEU A 677 14.11 -36.73 24.44
C LEU A 677 14.00 -35.74 25.59
N PRO A 678 14.15 -36.20 26.83
CA PRO A 678 14.17 -35.27 27.95
C PRO A 678 15.33 -34.29 27.82
N PHE A 679 15.09 -33.05 28.19
CA PHE A 679 16.10 -32.01 28.09
C PHE A 679 17.07 -32.09 29.27
N ILE A 680 18.36 -31.95 28.97
CA ILE A 680 19.39 -32.19 29.97
C ILE A 680 19.40 -31.06 30.98
N ASP A 681 19.27 -31.40 32.26
CA ASP A 681 19.42 -30.41 33.31
C ASP A 681 20.88 -29.95 33.38
N GLU A 682 21.06 -28.64 33.54
CA GLU A 682 22.41 -28.08 33.53
C GLU A 682 23.18 -28.47 34.78
N ASN A 683 22.56 -28.31 35.95
CA ASN A 683 23.26 -28.59 37.21
C ASN A 683 23.64 -30.06 37.32
N ARG A 684 22.70 -30.95 37.02
CA ARG A 684 22.98 -32.39 37.10
C ARG A 684 24.01 -32.83 36.07
N LEU A 685 24.08 -32.17 34.91
CA LEU A 685 25.01 -32.57 33.86
C LEU A 685 26.45 -32.33 34.27
N LEU A 686 26.73 -31.18 34.88
CA LEU A 686 28.10 -30.77 35.17
C LEU A 686 28.59 -31.17 36.56
N LYS A 687 27.68 -31.30 37.53
CA LYS A 687 28.10 -31.61 38.90
C LYS A 687 28.83 -32.94 38.96
N ALA A 688 28.33 -33.94 38.24
CA ALA A 688 29.01 -35.24 38.20
C ALA A 688 30.38 -35.15 37.55
N VAL A 689 30.52 -34.28 36.54
CA VAL A 689 31.79 -34.15 35.84
C VAL A 689 32.88 -33.63 36.78
N GLN A 690 32.52 -32.66 37.63
CA GLN A 690 33.51 -32.06 38.53
C GLN A 690 34.10 -33.07 39.50
N SER A 691 33.42 -34.20 39.71
CA SER A 691 33.98 -35.28 40.52
C SER A 691 34.95 -36.16 39.75
N LYS A 692 35.10 -35.95 38.45
CA LYS A 692 35.98 -36.76 37.62
C LYS A 692 37.11 -35.97 36.98
N TYR A 693 37.18 -34.66 37.23
CA TYR A 693 38.26 -33.86 36.66
C TYR A 693 39.62 -34.24 37.24
N ASP A 694 39.65 -34.63 38.52
CA ASP A 694 40.93 -34.86 39.19
C ASP A 694 41.70 -36.03 38.59
N GLN A 695 41.01 -37.11 38.23
CA GLN A 695 41.67 -38.33 37.78
C GLN A 695 41.91 -38.37 36.28
N LEU A 696 41.58 -37.30 35.55
CA LEU A 696 41.86 -37.26 34.12
C LEU A 696 43.35 -37.08 33.88
N THR A 697 43.81 -37.59 32.74
CA THR A 697 45.21 -37.49 32.37
C THR A 697 45.54 -36.07 31.91
N GLU A 698 46.83 -35.73 31.98
CA GLU A 698 47.28 -34.41 31.55
C GLU A 698 47.04 -34.20 30.06
N ASP A 699 47.29 -35.24 29.25
CA ASP A 699 47.01 -35.12 27.82
C ASP A 699 45.54 -34.84 27.55
N GLU A 700 44.66 -35.56 28.27
CA GLU A 700 43.22 -35.26 28.17
C GLU A 700 42.91 -33.89 28.74
N LYS A 701 43.57 -33.53 29.85
CA LYS A 701 43.33 -32.22 30.46
C LYS A 701 43.70 -31.08 29.51
N PHE A 702 44.84 -31.21 28.82
CA PHE A 702 45.19 -30.21 27.82
C PHE A 702 44.18 -30.18 26.69
N ARG A 703 43.71 -31.36 26.27
CA ARG A 703 42.63 -31.46 25.29
C ARG A 703 41.29 -31.01 25.85
N ASN A 704 41.17 -30.84 27.17
CA ASN A 704 39.94 -30.40 27.82
C ASN A 704 40.01 -28.94 28.21
N THR A 705 40.66 -28.11 27.39
CA THR A 705 40.79 -26.69 27.67
C THR A 705 40.67 -25.91 26.37
N ASN A 706 39.82 -24.89 26.37
CA ASN A 706 39.64 -24.07 25.18
C ASN A 706 40.71 -22.99 25.09
N ARG A 707 41.14 -22.70 23.87
CA ARG A 707 42.23 -21.77 23.65
C ARG A 707 41.83 -20.69 22.65
N SER A 708 42.80 -19.89 22.21
CA SER A 708 42.60 -18.86 21.20
C SER A 708 43.20 -19.34 19.87
N GLU A 709 42.75 -18.71 18.79
CA GLU A 709 43.13 -19.16 17.46
C GLU A 709 44.60 -18.84 17.19
N ILE A 710 45.05 -19.25 16.00
CA ILE A 710 46.47 -19.21 15.65
C ILE A 710 46.63 -18.56 14.28
N LEU A 711 47.65 -17.71 14.16
CA LEU A 711 48.01 -17.09 12.89
C LEU A 711 49.41 -17.56 12.50
N VAL A 712 49.56 -18.01 11.27
CA VAL A 712 50.83 -18.51 10.75
C VAL A 712 51.26 -17.63 9.59
N LEU A 713 52.50 -17.15 9.64
CA LEU A 713 52.99 -16.15 8.70
C LEU A 713 54.24 -16.65 8.00
N GLY A 714 54.31 -16.41 6.68
CA GLY A 714 55.45 -16.86 5.91
C GLY A 714 56.66 -15.97 6.06
N ARG A 715 57.82 -16.51 5.68
CA ARG A 715 59.07 -15.77 5.79
C ARG A 715 59.10 -14.60 4.81
N SER A 716 58.78 -14.85 3.55
CA SER A 716 58.86 -13.83 2.52
C SER A 716 57.74 -12.81 2.60
N HIS A 717 56.86 -12.89 3.60
CA HIS A 717 55.79 -11.93 3.73
C HIS A 717 56.32 -10.57 4.14
N SER A 718 55.57 -9.52 3.79
CA SER A 718 56.03 -8.15 4.05
C SER A 718 56.16 -7.88 5.55
N HIS A 719 55.20 -8.33 6.35
CA HIS A 719 55.18 -8.06 7.78
C HIS A 719 55.88 -9.15 8.59
N TYR A 720 56.53 -10.11 7.94
CA TYR A 720 57.31 -11.11 8.67
C TYR A 720 58.39 -10.49 9.55
N PRO A 721 59.24 -9.57 9.08
CA PRO A 721 60.23 -8.98 9.98
C PRO A 721 59.64 -8.19 11.13
N THR A 722 58.49 -7.53 10.92
CA THR A 722 57.93 -6.67 11.95
C THR A 722 57.60 -7.46 13.22
N LEU A 723 56.96 -8.62 13.07
CA LEU A 723 56.63 -9.43 14.24
C LEU A 723 57.89 -9.93 14.95
N VAL A 724 58.87 -10.40 14.18
CA VAL A 724 60.13 -10.85 14.76
C VAL A 724 60.82 -9.70 15.49
N LYS A 725 60.73 -8.49 14.93
CA LYS A 725 61.34 -7.33 15.57
C LYS A 725 60.81 -7.09 16.97
N GLU A 726 59.52 -7.34 17.19
CA GLU A 726 58.88 -7.10 18.49
C GLU A 726 58.68 -8.35 19.31
N LEU A 727 58.18 -9.43 18.69
CA LEU A 727 57.88 -10.65 19.45
C LEU A 727 59.10 -11.54 19.64
N TYR A 728 60.24 -11.21 19.03
CA TYR A 728 61.44 -12.02 19.17
C TYR A 728 62.70 -11.21 19.48
N GLU A 729 62.68 -9.89 19.34
CA GLU A 729 63.84 -9.06 19.61
C GLU A 729 63.59 -8.08 20.74
N GLU A 730 62.47 -7.37 20.72
CA GLU A 730 62.13 -6.43 21.78
C GLU A 730 61.42 -7.09 22.96
N GLY A 731 61.14 -8.38 22.87
CA GLY A 731 60.42 -9.06 23.95
C GLY A 731 59.04 -8.52 24.20
N LYS A 732 58.37 -8.01 23.17
CA LYS A 732 57.04 -7.46 23.33
C LYS A 732 56.04 -8.57 23.65
N ASP A 733 54.99 -8.20 24.38
CA ASP A 733 53.95 -9.14 24.79
C ASP A 733 52.72 -9.06 23.88
N SER A 734 52.14 -7.87 23.76
CA SER A 734 50.98 -7.65 22.91
C SER A 734 51.29 -6.54 21.92
N TYR A 735 51.01 -6.79 20.64
CA TYR A 735 51.25 -5.83 19.57
C TYR A 735 49.97 -5.68 18.77
N GLU A 736 49.34 -4.51 18.86
CA GLU A 736 48.10 -4.24 18.13
C GLU A 736 48.44 -4.17 16.65
N PHE A 737 48.19 -5.25 15.93
CA PHE A 737 48.71 -5.39 14.58
C PHE A 737 48.03 -4.44 13.60
N GLN A 738 46.73 -4.20 13.80
CA GLN A 738 45.94 -3.33 12.92
C GLN A 738 46.01 -3.84 11.48
N VAL A 739 45.58 -3.03 10.51
CA VAL A 739 45.56 -3.47 9.13
C VAL A 739 46.98 -3.65 8.61
N ASP A 740 47.09 -4.34 7.48
CA ASP A 740 48.39 -4.66 6.89
C ASP A 740 48.20 -4.93 5.41
N SER A 741 49.23 -5.48 4.77
CA SER A 741 49.15 -5.80 3.35
C SER A 741 48.11 -6.88 3.09
N SER A 742 48.05 -7.89 3.96
CA SER A 742 47.10 -8.97 3.80
C SER A 742 45.69 -8.61 4.29
N GLY A 743 45.54 -7.52 5.02
CA GLY A 743 44.25 -7.09 5.51
C GLY A 743 43.87 -7.59 6.88
N VAL A 744 44.62 -8.54 7.44
CA VAL A 744 44.33 -9.05 8.78
C VAL A 744 44.55 -7.95 9.80
N SER A 745 43.75 -7.95 10.86
CA SER A 745 43.85 -6.98 11.93
C SER A 745 43.55 -7.65 13.25
N GLY A 746 44.15 -7.14 14.31
CA GLY A 746 43.91 -7.65 15.64
C GLY A 746 45.17 -7.54 16.49
N VAL A 747 45.28 -8.46 17.45
CA VAL A 747 46.38 -8.49 18.41
C VAL A 747 47.15 -9.79 18.21
N ALA A 748 48.48 -9.70 18.24
CA ALA A 748 49.35 -10.85 18.02
C ALA A 748 50.21 -11.07 19.25
N ILE A 749 50.31 -12.34 19.68
CA ILE A 749 51.13 -12.74 20.81
C ILE A 749 51.93 -13.98 20.38
N LYS A 750 53.02 -14.22 21.11
CA LYS A 750 53.92 -15.32 20.79
C LYS A 750 53.51 -16.58 21.54
N LEU A 751 53.64 -17.72 20.89
CA LEU A 751 53.28 -19.01 21.49
C LEU A 751 54.29 -19.37 22.57
N GLN A 752 53.86 -19.38 23.83
CA GLN A 752 54.62 -19.86 24.97
C GLN A 752 56.11 -19.49 24.89
N SER A 753 56.99 -20.42 25.25
CA SER A 753 58.41 -20.29 25.00
C SER A 753 58.84 -20.92 23.68
N PHE A 754 57.90 -21.12 22.76
CA PHE A 754 58.20 -21.74 21.48
C PHE A 754 59.27 -20.96 20.72
N ASP A 755 60.25 -21.68 20.17
CA ASP A 755 61.32 -21.08 19.39
C ASP A 755 61.20 -21.51 17.94
N ARG A 756 61.61 -20.62 17.03
CA ARG A 756 61.63 -20.96 15.61
C ARG A 756 62.96 -21.60 15.21
N SER A 757 63.36 -22.63 15.96
CA SER A 757 64.62 -23.31 15.72
C SER A 757 64.48 -24.82 15.59
N GLY A 758 63.39 -25.41 16.06
CA GLY A 758 63.17 -26.84 15.96
C GLY A 758 62.66 -27.24 14.59
N VAL A 759 61.98 -28.39 14.55
CA VAL A 759 61.45 -28.94 13.33
C VAL A 759 60.00 -29.38 13.59
N LEU A 760 59.11 -29.01 12.67
CA LEU A 760 57.71 -29.41 12.76
C LEU A 760 57.54 -30.75 12.05
N ARG A 761 57.41 -31.83 12.83
CA ARG A 761 57.30 -33.15 12.25
C ARG A 761 55.93 -33.34 11.58
N LEU A 762 55.85 -34.38 10.76
CA LEU A 762 54.61 -34.73 10.08
C LEU A 762 53.95 -35.87 10.82
N PRO A 763 52.83 -35.66 11.52
CA PRO A 763 52.22 -36.72 12.31
C PRO A 763 51.38 -37.70 11.51
N VAL A 764 51.37 -37.59 10.18
CA VAL A 764 50.53 -38.48 9.38
C VAL A 764 51.23 -39.80 9.05
N LYS A 765 52.57 -39.83 9.09
CA LYS A 765 53.34 -41.02 8.74
C LYS A 765 53.02 -41.44 7.30
N GLN A 766 53.41 -40.57 6.37
CA GLN A 766 53.03 -40.71 4.97
C GLN A 766 53.43 -42.07 4.43
N LEU A 767 52.51 -42.69 3.69
CA LEU A 767 52.68 -44.04 3.18
C LEU A 767 53.12 -44.07 1.72
N GLU A 768 53.52 -42.93 1.17
CA GLU A 768 53.90 -42.76 -0.23
C GLU A 768 52.76 -43.05 -1.19
N GLY A 769 51.54 -43.25 -0.69
CA GLY A 769 50.40 -43.44 -1.57
C GLY A 769 50.05 -42.19 -2.35
N TYR A 770 50.12 -41.03 -1.69
CA TYR A 770 49.83 -39.74 -2.32
C TYR A 770 50.99 -38.80 -2.04
N ARG A 771 51.80 -38.53 -3.08
CA ARG A 771 52.91 -37.59 -3.02
C ARG A 771 53.88 -38.03 -1.92
N HIS A 772 54.76 -37.16 -1.45
CA HIS A 772 55.74 -37.51 -0.42
C HIS A 772 55.62 -36.64 0.83
N TYR A 773 55.34 -35.35 0.66
CA TYR A 773 55.23 -34.39 1.75
C TYR A 773 56.53 -34.33 2.56
N PRO A 774 57.59 -33.76 2.01
CA PRO A 774 58.84 -33.64 2.78
C PRO A 774 58.64 -32.76 4.00
N ASP A 775 59.39 -33.07 5.05
CA ASP A 775 59.24 -32.36 6.32
C ASP A 775 60.14 -31.13 6.34
N ILE A 776 59.73 -30.13 7.12
CA ILE A 776 60.39 -28.83 7.14
C ILE A 776 60.64 -28.43 8.59
N SER A 777 61.79 -27.79 8.83
CA SER A 777 62.11 -27.26 10.14
C SER A 777 61.26 -26.02 10.43
N ASN A 778 61.51 -25.41 11.58
CA ASN A 778 60.76 -24.24 12.03
C ASN A 778 61.52 -22.94 11.81
N ARG A 779 62.32 -22.86 10.74
CA ARG A 779 63.16 -21.71 10.50
C ARG A 779 62.52 -20.66 9.60
N ASP A 780 61.91 -21.07 8.49
CA ASP A 780 61.36 -20.09 7.56
C ASP A 780 60.09 -19.44 8.10
N PHE A 781 59.06 -20.24 8.34
CA PHE A 781 57.79 -19.69 8.75
C PHE A 781 57.80 -19.31 10.24
N LEU A 782 56.72 -18.68 10.68
CA LEU A 782 56.56 -18.28 12.06
C LEU A 782 55.08 -18.19 12.38
N MET A 783 54.69 -18.76 13.52
CA MET A 783 53.30 -18.71 13.98
C MET A 783 53.22 -17.87 15.25
N VAL A 784 52.16 -17.06 15.35
CA VAL A 784 51.93 -16.19 16.49
C VAL A 784 50.50 -16.39 16.97
N GLU A 785 50.32 -16.38 18.28
CA GLU A 785 48.98 -16.42 18.85
C GLU A 785 48.20 -15.19 18.39
N PHE A 786 46.97 -15.42 17.92
CA PHE A 786 46.18 -14.36 17.33
C PHE A 786 44.96 -14.07 18.20
N LYS A 787 44.34 -12.92 17.95
CA LYS A 787 43.16 -12.51 18.69
C LYS A 787 42.42 -11.47 17.86
N GLN A 788 41.10 -11.46 17.99
CA GLN A 788 40.27 -10.54 17.23
C GLN A 788 40.40 -9.13 17.79
N LEU A 789 39.86 -8.17 17.03
CA LEU A 789 39.76 -6.82 17.52
C LEU A 789 38.73 -6.77 18.66
N PRO A 790 38.80 -5.75 19.52
CA PRO A 790 37.84 -5.66 20.62
C PRO A 790 36.41 -5.62 20.09
N LYS A 791 35.52 -6.31 20.80
CA LYS A 791 34.15 -6.46 20.34
C LYS A 791 33.45 -5.11 20.30
N SER A 792 32.70 -4.88 19.22
CA SER A 792 32.00 -3.62 19.03
C SER A 792 30.59 -3.90 18.54
N HIS A 793 29.69 -2.95 18.80
CA HIS A 793 28.32 -3.05 18.32
C HIS A 793 28.31 -2.79 16.83
N ALA A 794 28.36 -3.87 16.04
CA ALA A 794 28.50 -3.75 14.60
C ALA A 794 27.18 -3.32 13.97
N LYS A 795 27.21 -2.22 13.23
CA LYS A 795 26.05 -1.72 12.52
C LYS A 795 25.89 -2.50 11.20
N SER A 796 25.02 -2.03 10.32
CA SER A 796 24.78 -2.72 9.05
C SER A 796 24.45 -1.68 7.99
N MET A 797 25.45 -1.30 7.20
CA MET A 797 25.25 -0.56 5.97
C MET A 797 26.53 -0.65 5.14
N ILE A 798 26.41 -0.30 3.86
CA ILE A 798 27.57 -0.37 2.96
C ILE A 798 28.62 0.65 3.39
N LEU A 799 29.86 0.37 3.03
CA LEU A 799 31.01 1.15 3.49
C LEU A 799 31.13 2.44 2.67
N SER A 800 32.22 3.17 2.90
CA SER A 800 32.53 4.39 2.16
C SER A 800 33.60 4.10 1.13
N GLY A 801 33.45 4.69 -0.05
CA GLY A 801 34.38 4.44 -1.14
C GLY A 801 34.20 3.12 -1.84
N LEU A 802 33.12 2.41 -1.55
CA LEU A 802 32.89 1.11 -2.18
C LEU A 802 32.51 1.29 -3.64
N ILE A 803 33.10 0.48 -4.50
CA ILE A 803 32.89 0.53 -5.94
C ILE A 803 32.04 -0.66 -6.35
N PRO A 804 30.84 -0.44 -6.88
CA PRO A 804 30.00 -1.57 -7.31
C PRO A 804 30.55 -2.23 -8.56
N HIS A 805 30.19 -3.50 -8.72
CA HIS A 805 30.63 -4.28 -9.86
C HIS A 805 29.77 -3.95 -11.08
N LEU A 806 30.08 -4.60 -12.20
CA LEU A 806 29.30 -4.40 -13.41
C LEU A 806 27.94 -5.09 -13.29
N ARG A 807 26.91 -4.39 -13.75
CA ARG A 807 25.56 -4.92 -13.65
C ARG A 807 25.36 -6.06 -14.64
N ARG A 808 24.83 -7.18 -14.16
CA ARG A 808 24.57 -8.34 -15.00
C ARG A 808 23.18 -8.32 -15.61
N LEU A 809 22.19 -7.88 -14.83
CA LEU A 809 20.81 -7.88 -15.28
C LEU A 809 20.59 -6.73 -16.27
N THR A 810 20.05 -7.06 -17.45
CA THR A 810 19.74 -6.05 -18.46
C THR A 810 18.26 -6.15 -18.81
N GLN A 811 17.42 -5.55 -17.96
CA GLN A 811 16.04 -5.19 -18.28
C GLN A 811 15.17 -6.39 -18.65
N GLU A 812 15.72 -7.60 -18.64
CA GLU A 812 14.96 -8.80 -18.99
C GLU A 812 14.55 -9.59 -17.75
N ASP A 813 15.53 -10.02 -16.95
CA ASP A 813 15.20 -10.59 -15.65
C ASP A 813 14.70 -9.52 -14.69
N LYS A 814 14.94 -8.24 -14.99
CA LYS A 814 14.33 -7.17 -14.23
C LYS A 814 12.81 -7.20 -14.34
N ASP A 815 12.30 -7.45 -15.55
CA ASP A 815 10.87 -7.54 -15.78
C ASP A 815 10.33 -8.94 -15.51
N SER A 816 11.05 -9.98 -15.94
CA SER A 816 10.59 -11.35 -15.81
C SER A 816 10.53 -11.83 -14.37
N ILE A 817 10.90 -10.99 -13.41
CA ILE A 817 10.79 -11.36 -12.00
C ILE A 817 9.82 -10.41 -11.31
N LEU A 818 9.63 -9.22 -11.89
CA LEU A 818 8.62 -8.31 -11.38
C LEU A 818 7.21 -8.80 -11.72
N TYR A 819 7.02 -9.25 -12.96
CA TYR A 819 5.71 -9.71 -13.42
C TYR A 819 5.70 -11.17 -13.86
N GLY A 820 6.80 -11.90 -13.67
CA GLY A 820 6.80 -13.31 -14.03
C GLY A 820 5.89 -14.13 -13.16
N GLY A 821 5.88 -13.84 -11.85
CA GLY A 821 5.02 -14.54 -10.92
C GLY A 821 5.51 -15.93 -10.59
N THR A 822 5.43 -16.85 -11.56
CA THR A 822 5.89 -18.23 -11.39
C THR A 822 6.61 -18.63 -12.67
N ASN A 823 7.93 -18.61 -12.63
CA ASN A 823 8.78 -19.05 -13.74
C ASN A 823 9.66 -20.19 -13.23
N PHE A 824 9.13 -21.40 -13.27
CA PHE A 824 9.85 -22.58 -12.81
C PHE A 824 10.04 -23.62 -13.91
N TYR A 825 9.81 -23.24 -15.17
CA TYR A 825 9.98 -24.14 -16.29
C TYR A 825 11.46 -24.48 -16.51
N ALA A 836 29.11 -20.69 -19.91
CA ALA A 836 29.98 -19.54 -20.13
C ALA A 836 29.96 -18.60 -18.94
N ASP A 837 30.97 -18.72 -18.08
CA ASP A 837 31.05 -17.88 -16.90
C ASP A 837 31.32 -16.43 -17.29
N PHE A 838 30.87 -15.51 -16.43
CA PHE A 838 30.95 -14.08 -16.69
C PHE A 838 31.79 -13.38 -15.63
N LYS A 839 32.98 -13.92 -15.36
CA LYS A 839 33.92 -13.30 -14.42
C LYS A 839 34.09 -11.80 -14.64
N GLN A 840 33.81 -11.31 -15.86
CA GLN A 840 33.88 -9.88 -16.11
C GLN A 840 32.93 -9.07 -15.23
N TYR A 841 31.91 -9.71 -14.67
CA TYR A 841 31.01 -9.06 -13.73
C TYR A 841 31.44 -9.23 -12.28
N ILE A 842 32.54 -9.93 -12.03
CA ILE A 842 32.98 -10.22 -10.67
C ILE A 842 34.08 -9.24 -10.28
N GLY A 843 34.04 -8.81 -9.03
CA GLY A 843 34.98 -7.83 -8.52
C GLY A 843 34.57 -6.43 -8.89
N PRO A 844 35.18 -5.43 -8.24
CA PRO A 844 34.83 -4.04 -8.54
C PRO A 844 35.17 -3.67 -9.98
N HIS A 845 34.32 -2.83 -10.55
CA HIS A 845 34.48 -2.38 -11.93
C HIS A 845 34.57 -0.87 -11.94
N GLY A 846 35.52 -0.34 -12.70
CA GLY A 846 35.73 1.09 -12.72
C GLY A 846 36.38 1.59 -11.44
N LYS A 847 36.44 2.91 -11.32
CA LYS A 847 37.01 3.55 -10.15
C LYS A 847 36.10 4.57 -9.49
N SER A 848 35.03 5.01 -10.15
CA SER A 848 34.12 5.99 -9.55
C SER A 848 33.27 5.33 -8.47
N GLN A 849 33.08 6.06 -7.37
CA GLN A 849 32.22 5.55 -6.29
C GLN A 849 30.75 5.66 -6.66
N TYR A 850 30.40 6.58 -7.55
CA TYR A 850 29.01 6.84 -7.90
C TYR A 850 28.81 6.64 -9.40
N LEU A 851 27.54 6.41 -9.77
CA LEU A 851 27.19 6.18 -11.16
C LEU A 851 26.88 7.51 -11.82
N PRO A 852 27.37 7.77 -13.04
CA PRO A 852 27.11 9.07 -13.69
C PRO A 852 25.67 9.14 -14.17
N ARG A 853 24.89 10.04 -13.56
CA ARG A 853 23.51 10.29 -13.96
C ARG A 853 23.24 11.78 -13.89
N GLN A 854 22.26 12.21 -14.68
CA GLN A 854 21.82 13.61 -14.71
C GLN A 854 22.98 14.55 -15.00
N GLY A 855 22.98 15.71 -14.36
CA GLY A 855 24.06 16.68 -14.54
C GLY A 855 25.24 16.41 -13.63
N GLY A 856 26.32 15.90 -14.19
CA GLY A 856 27.52 15.61 -13.43
C GLY A 856 28.80 15.88 -14.18
N TYR A 857 28.72 16.72 -15.22
CA TYR A 857 29.81 16.99 -16.14
C TYR A 857 30.19 15.71 -16.88
N LYS A 858 30.76 14.76 -16.14
CA LYS A 858 31.18 13.49 -16.73
C LYS A 858 29.99 12.78 -17.37
N ALA A 859 28.86 12.75 -16.67
CA ALA A 859 27.64 12.22 -17.26
C ALA A 859 27.22 13.03 -18.48
N PHE A 860 27.31 14.36 -18.39
CA PHE A 860 27.00 15.21 -19.54
C PHE A 860 27.96 14.93 -20.68
N ILE A 861 29.26 14.77 -20.38
CA ILE A 861 30.21 14.37 -21.42
C ILE A 861 29.88 12.97 -21.91
N GLN A 862 29.42 12.09 -21.02
CA GLN A 862 29.14 10.72 -21.42
C GLN A 862 28.01 10.62 -22.44
N ILE A 863 27.10 11.59 -22.48
CA ILE A 863 25.94 11.56 -23.38
C ILE A 863 26.01 12.66 -24.42
N HIS A 864 26.28 13.90 -23.99
CA HIS A 864 26.25 15.02 -24.92
C HIS A 864 27.48 15.06 -25.81
N SER A 865 28.66 14.81 -25.24
CA SER A 865 29.90 14.96 -26.02
C SER A 865 29.96 13.96 -27.17
N ASP A 866 29.60 12.70 -26.91
CA ASP A 866 29.59 11.71 -27.98
C ASP A 866 28.33 11.78 -28.84
N GLU A 867 27.34 12.57 -28.43
CA GLU A 867 26.21 12.86 -29.33
C GLU A 867 26.61 13.85 -30.41
N ALA A 868 27.43 14.84 -30.06
CA ALA A 868 27.87 15.84 -31.01
C ALA A 868 29.31 16.27 -30.72
N SER B 5 53.26 59.36 0.42
CA SER B 5 53.03 57.92 0.45
C SER B 5 53.39 57.29 -0.89
N LYS B 6 54.50 56.57 -0.92
CA LYS B 6 54.97 55.97 -2.16
C LYS B 6 54.06 54.84 -2.60
N GLU B 7 53.89 54.70 -3.92
CA GLU B 7 53.07 53.66 -4.50
C GLU B 7 53.83 52.96 -5.63
N LYS B 8 53.61 51.66 -5.78
CA LYS B 8 54.23 50.87 -6.82
C LYS B 8 53.16 50.17 -7.65
N ILE B 9 53.42 50.05 -8.95
CA ILE B 9 52.47 49.50 -9.91
C ILE B 9 53.00 48.17 -10.42
N LEU B 10 52.17 47.12 -10.33
CA LEU B 10 52.52 45.82 -10.89
C LEU B 10 51.60 45.50 -12.06
N PRO B 11 52.12 45.40 -13.28
CA PRO B 11 51.25 45.06 -14.42
C PRO B 11 50.57 43.71 -14.23
N LEU B 12 49.33 43.63 -14.71
CA LEU B 12 48.55 42.39 -14.56
C LEU B 12 49.06 41.28 -15.46
N ALA B 13 49.85 41.61 -16.48
CA ALA B 13 50.36 40.61 -17.42
C ALA B 13 51.75 40.11 -17.05
N ALA B 14 52.31 40.56 -15.94
CA ALA B 14 53.64 40.11 -15.54
C ALA B 14 53.63 38.64 -15.16
N ARG B 15 54.67 37.92 -15.59
CA ARG B 15 54.82 36.50 -15.30
C ARG B 15 56.23 36.21 -14.84
N SER B 16 56.37 35.25 -13.93
CA SER B 16 57.66 34.77 -13.45
C SER B 16 57.72 33.27 -13.72
N LYS B 17 58.15 32.90 -14.93
CA LYS B 17 58.21 31.49 -15.29
C LYS B 17 59.34 30.75 -14.58
N LYS B 18 60.31 31.48 -14.00
CA LYS B 18 61.45 30.84 -13.37
C LYS B 18 61.04 30.09 -12.10
N ALA B 19 60.13 30.66 -11.33
CA ALA B 19 59.84 30.13 -10.00
C ALA B 19 59.06 28.82 -10.08
N MET B 20 59.59 27.79 -9.44
CA MET B 20 58.92 26.51 -9.27
C MET B 20 58.25 26.43 -7.91
N LEU B 21 57.42 25.41 -7.73
CA LEU B 21 56.58 25.26 -6.55
C LEU B 21 57.08 24.12 -5.67
N ARG B 22 57.27 24.42 -4.38
CA ARG B 22 57.52 23.38 -3.39
C ARG B 22 56.23 22.66 -3.06
N GLN B 23 56.35 21.39 -2.68
CA GLN B 23 55.17 20.63 -2.32
C GLN B 23 54.57 21.16 -1.01
N PRO B 24 53.26 21.16 -0.87
CA PRO B 24 52.65 21.58 0.40
C PRO B 24 53.05 20.63 1.53
N LYS B 25 53.12 21.19 2.74
CA LYS B 25 53.54 20.40 3.90
C LYS B 25 52.92 21.03 5.14
N GLN B 26 51.94 20.34 5.73
CA GLN B 26 51.30 20.83 6.94
C GLN B 26 52.27 20.84 8.11
N VAL B 27 52.13 21.85 8.97
CA VAL B 27 52.98 21.99 10.14
C VAL B 27 52.18 21.85 11.44
N ALA B 28 51.00 22.46 11.50
CA ALA B 28 50.17 22.38 12.70
C ALA B 28 48.71 22.58 12.31
N TYR B 29 47.82 22.22 13.22
CA TYR B 29 46.39 22.28 12.99
C TYR B 29 45.70 22.97 14.16
N PHE B 30 44.44 23.35 13.93
CA PHE B 30 43.67 24.06 14.95
C PHE B 30 42.20 23.70 14.81
N SER B 31 41.46 23.94 15.89
CA SER B 31 40.01 23.71 15.91
C SER B 31 39.36 24.91 16.62
N ARG B 32 38.83 25.83 15.83
CA ARG B 32 38.17 27.00 16.39
C ARG B 32 36.80 26.60 16.94
N ASP B 33 36.52 27.03 18.17
CA ASP B 33 35.27 26.67 18.84
C ASP B 33 34.13 27.54 18.33
N LEU B 34 32.97 27.45 18.97
CA LEU B 34 31.83 28.27 18.59
C LEU B 34 31.89 29.68 19.15
N ASN B 35 32.87 29.97 20.01
CA ASN B 35 33.07 31.31 20.57
C ASN B 35 34.24 32.03 19.92
N TYR B 36 34.67 31.58 18.74
CA TYR B 36 35.78 32.18 18.01
C TYR B 36 37.09 32.13 18.80
N LYS B 37 37.24 31.14 19.66
CA LYS B 37 38.47 30.89 20.41
C LYS B 37 39.16 29.68 19.80
N THR B 38 40.22 29.91 19.05
CA THR B 38 40.92 28.83 18.37
C THR B 38 41.65 27.94 19.36
N HIS B 39 41.56 26.62 19.16
CA HIS B 39 42.21 25.66 20.02
C HIS B 39 43.02 24.69 19.18
N PRO B 40 44.15 24.20 19.71
CA PRO B 40 44.99 23.21 18.98
C PRO B 40 44.48 21.78 19.16
N ASP B 41 43.42 21.45 18.43
CA ASP B 41 42.79 20.13 18.55
C ASP B 41 42.11 19.81 17.22
N ARG B 42 41.41 18.68 17.18
CA ARG B 42 40.63 18.25 16.02
C ARG B 42 39.17 18.03 16.40
N SER B 43 38.64 18.92 17.25
CA SER B 43 37.26 18.77 17.69
C SER B 43 36.28 18.87 16.52
N ASN B 44 36.52 19.79 15.59
CA ASN B 44 35.64 19.99 14.45
C ASN B 44 36.05 19.20 13.23
N LEU B 45 37.11 18.40 13.32
CA LEU B 45 37.55 17.58 12.20
C LEU B 45 36.53 16.47 11.96
N SER B 46 35.82 16.54 10.85
CA SER B 46 34.79 15.57 10.51
C SER B 46 35.34 14.54 9.52
N TYR B 47 34.56 13.48 9.31
CA TYR B 47 34.93 12.37 8.47
C TYR B 47 33.92 12.19 7.35
N TYR B 48 34.40 12.07 6.12
CA TYR B 48 33.52 11.93 4.96
C TYR B 48 32.81 10.58 4.97
N TYR B 49 31.51 10.60 4.67
CA TYR B 49 30.73 9.38 4.53
C TYR B 49 29.48 9.70 3.74
N LEU B 50 29.35 9.08 2.56
CA LEU B 50 28.12 9.23 1.79
C LEU B 50 27.96 8.05 0.83
N PRO B 51 27.11 7.08 1.16
CA PRO B 51 26.79 6.02 0.20
C PRO B 51 25.95 6.55 -0.95
N ASP B 52 25.95 5.76 -2.03
CA ASP B 52 25.16 6.13 -3.21
C ASP B 52 23.67 6.17 -2.91
N GLY B 53 23.21 5.40 -1.92
CA GLY B 53 21.80 5.40 -1.58
C GLY B 53 21.29 6.75 -1.14
N ASP B 54 22.12 7.51 -0.42
CA ASP B 54 21.69 8.82 0.06
C ASP B 54 21.39 9.77 -1.11
N ILE B 55 22.27 9.79 -2.12
CA ILE B 55 21.99 10.63 -3.28
C ILE B 55 20.94 9.99 -4.19
N ASP B 56 20.65 8.69 -4.00
CA ASP B 56 19.49 8.10 -4.66
C ASP B 56 18.20 8.44 -3.96
N ASN B 57 18.26 8.93 -2.71
CA ASN B 57 17.08 9.25 -1.93
C ASN B 57 16.61 10.68 -2.13
N SER B 58 17.30 11.47 -2.94
CA SER B 58 16.90 12.85 -3.25
C SER B 58 16.81 13.70 -1.97
N ILE B 59 17.95 13.86 -1.31
CA ILE B 59 18.00 14.64 -0.08
C ILE B 59 17.76 16.11 -0.38
N ASP B 60 16.98 16.76 0.47
CA ASP B 60 16.68 18.18 0.32
C ASP B 60 17.72 19.01 1.07
N LEU B 61 18.23 20.05 0.42
CA LEU B 61 19.28 20.89 0.98
C LEU B 61 18.75 22.21 1.55
N SER B 62 17.43 22.40 1.57
CA SER B 62 16.84 23.66 2.00
C SER B 62 16.19 23.59 3.37
N VAL B 63 16.08 22.39 3.96
CA VAL B 63 15.37 22.22 5.22
C VAL B 63 16.16 22.88 6.35
N GLY B 64 15.46 23.60 7.21
CA GLY B 64 16.09 24.31 8.31
C GLY B 64 16.91 25.51 7.89
N SER B 65 16.46 26.24 6.86
CA SER B 65 17.19 27.43 6.43
C SER B 65 17.17 28.52 7.50
N LYS B 66 16.05 28.67 8.19
CA LYS B 66 15.93 29.73 9.19
C LYS B 66 16.91 29.54 10.35
N HIS B 67 17.34 28.30 10.60
CA HIS B 67 18.28 28.04 11.68
C HIS B 67 19.72 28.39 11.32
N PHE B 68 19.98 28.78 10.08
CA PHE B 68 21.35 29.00 9.61
C PHE B 68 21.88 30.32 10.16
N LEU B 69 22.60 30.26 11.28
CA LEU B 69 23.33 31.41 11.78
C LEU B 69 24.70 31.48 11.10
N LEU B 70 25.37 32.61 11.28
CA LEU B 70 26.68 32.83 10.67
C LEU B 70 27.38 33.97 11.38
N GLY B 71 28.69 33.81 11.59
CA GLY B 71 29.49 34.84 12.22
C GLY B 71 29.83 35.97 11.26
N ASP B 72 30.58 36.93 11.78
CA ASP B 72 31.00 38.10 11.01
C ASP B 72 32.44 37.94 10.55
N SER B 73 32.70 38.43 9.34
CA SER B 73 34.02 38.27 8.74
C SER B 73 35.09 39.13 9.41
N VAL B 74 34.69 40.17 10.14
CA VAL B 74 35.66 41.11 10.70
C VAL B 74 36.59 40.40 11.69
N GLU B 75 36.01 39.66 12.63
CA GLU B 75 36.77 38.88 13.59
C GLU B 75 37.10 37.48 13.09
N LEU B 76 36.53 37.06 11.96
CA LEU B 76 36.87 35.75 11.41
C LEU B 76 38.16 35.81 10.61
N SER B 77 38.28 36.77 9.70
CA SER B 77 39.48 36.94 8.88
C SER B 77 40.58 37.62 9.68
N LYS B 78 40.98 36.96 10.77
CA LYS B 78 42.04 37.45 11.64
C LYS B 78 43.14 36.41 11.73
N LEU B 79 44.39 36.87 11.77
CA LEU B 79 45.54 36.00 11.85
C LEU B 79 45.74 35.40 13.24
N ASP B 80 44.87 35.72 14.19
CA ASP B 80 45.04 35.24 15.57
C ASP B 80 45.22 33.72 15.69
N PRO B 81 44.46 32.87 14.99
CA PRO B 81 44.76 31.43 15.07
C PRO B 81 46.15 31.09 14.55
N ILE B 82 46.50 31.61 13.37
CA ILE B 82 47.85 31.40 12.84
C ILE B 82 48.89 32.02 13.76
N LEU B 83 48.56 33.16 14.36
CA LEU B 83 49.49 33.80 15.28
C LEU B 83 49.77 32.92 16.49
N LEU B 84 48.72 32.32 17.06
CA LEU B 84 48.92 31.39 18.17
C LEU B 84 49.73 30.18 17.73
N ALA B 85 49.41 29.63 16.55
CA ALA B 85 50.15 28.47 16.05
C ALA B 85 51.64 28.77 15.95
N LEU B 86 51.98 29.89 15.29
CA LEU B 86 53.36 30.31 15.23
C LEU B 86 53.92 30.58 16.63
N LYS B 87 53.07 31.00 17.56
CA LYS B 87 53.53 31.23 18.93
C LYS B 87 54.09 29.97 19.53
N GLU B 88 53.36 28.84 19.42
CA GLU B 88 53.99 27.62 19.94
C GLU B 88 55.15 27.17 19.04
N ILE B 89 55.08 27.42 17.73
CA ILE B 89 56.16 27.01 16.85
C ILE B 89 57.49 27.58 17.34
N GLU B 90 57.52 28.89 17.60
CA GLU B 90 58.70 29.48 18.22
C GLU B 90 58.83 29.20 19.71
N LYS B 91 57.78 28.73 20.38
CA LYS B 91 57.93 28.38 21.80
C LYS B 91 58.82 27.16 21.97
N GLU B 92 58.52 26.06 21.27
CA GLU B 92 59.43 24.93 21.36
C GLU B 92 60.60 24.99 20.38
N SER B 93 60.46 25.64 19.24
CA SER B 93 61.60 25.73 18.33
C SER B 93 62.67 26.66 18.87
N GLY B 94 62.27 27.77 19.47
CA GLY B 94 63.20 28.71 20.07
C GLY B 94 63.82 29.70 19.11
N ALA B 95 63.51 29.63 17.83
CA ALA B 95 64.04 30.56 16.84
C ALA B 95 62.95 30.88 15.82
N LYS B 96 62.98 32.09 15.29
CA LYS B 96 61.98 32.51 14.32
C LYS B 96 62.08 31.68 13.05
N THR B 97 60.94 31.34 12.47
CA THR B 97 60.91 30.55 11.25
C THR B 97 61.31 31.41 10.05
N LYS B 98 61.83 30.73 9.03
CA LYS B 98 62.20 31.40 7.79
C LYS B 98 61.00 31.84 6.97
N ASP B 99 59.80 31.42 7.35
CA ASP B 99 58.60 31.82 6.62
C ASP B 99 58.42 33.33 6.66
N ARG B 100 58.05 33.90 5.51
CA ARG B 100 57.89 35.34 5.37
C ARG B 100 56.44 35.75 5.13
N ILE B 101 55.77 35.11 4.18
CA ILE B 101 54.39 35.43 3.86
C ILE B 101 53.48 34.59 4.75
N ILE B 102 52.56 35.26 5.45
CA ILE B 102 51.57 34.60 6.31
C ILE B 102 50.22 35.25 6.03
N THR B 103 49.23 34.43 5.68
CA THR B 103 47.92 34.92 5.28
C THR B 103 46.93 33.76 5.30
N TRP B 104 45.73 34.03 4.77
CA TRP B 104 44.67 33.03 4.63
C TRP B 104 44.53 32.62 3.17
N ARG B 105 43.93 31.45 2.98
CA ARG B 105 43.79 30.88 1.64
C ARG B 105 42.93 31.75 0.73
N GLY B 106 42.04 32.56 1.30
CA GLY B 106 41.16 33.36 0.47
C GLY B 106 41.90 34.39 -0.38
N ILE B 107 42.84 35.11 0.24
CA ILE B 107 43.61 36.09 -0.50
C ILE B 107 44.42 35.41 -1.60
N MET B 108 45.06 34.29 -1.27
CA MET B 108 45.87 33.57 -2.24
C MET B 108 45.03 33.11 -3.42
N ARG B 109 43.87 32.51 -3.16
CA ARG B 109 43.03 32.04 -4.25
C ARG B 109 42.50 33.20 -5.08
N LYS B 110 42.15 34.32 -4.45
CA LYS B 110 41.71 35.49 -5.20
C LYS B 110 42.79 35.99 -6.14
N LEU B 111 44.04 36.09 -5.65
CA LEU B 111 45.08 36.64 -6.50
C LEU B 111 45.56 35.65 -7.56
N LEU B 112 45.50 34.35 -7.27
CA LEU B 112 45.73 33.36 -8.32
C LEU B 112 44.68 33.45 -9.42
N THR B 113 43.41 33.58 -9.05
CA THR B 113 42.36 33.68 -10.06
C THR B 113 42.38 35.00 -10.83
N LEU B 114 43.15 35.98 -10.36
CA LEU B 114 43.08 37.32 -10.94
C LEU B 114 43.32 37.39 -12.44
N PRO B 115 44.32 36.73 -13.02
CA PRO B 115 44.58 36.92 -14.47
C PRO B 115 43.40 36.56 -15.36
N TYR B 116 42.51 35.68 -14.92
CA TYR B 116 41.35 35.30 -15.74
C TYR B 116 40.04 35.47 -15.01
N ASP B 117 40.02 35.35 -13.69
CA ASP B 117 38.84 35.65 -12.88
C ASP B 117 39.17 36.90 -12.06
N SER B 118 38.92 38.06 -12.66
CA SER B 118 39.33 39.33 -12.08
C SER B 118 38.17 40.10 -11.46
N GLU B 119 36.99 39.48 -11.34
CA GLU B 119 35.81 40.15 -10.80
C GLU B 119 35.85 40.09 -9.27
N GLU B 120 36.84 40.77 -8.71
CA GLU B 120 37.01 40.85 -7.26
C GLU B 120 37.56 42.21 -6.87
N ASP B 121 37.07 42.73 -5.76
CA ASP B 121 37.56 43.99 -5.19
C ASP B 121 37.92 43.75 -3.73
N PHE B 122 39.11 44.19 -3.34
CA PHE B 122 39.61 43.90 -2.00
C PHE B 122 40.69 44.89 -1.63
N VAL B 123 40.94 44.99 -0.33
CA VAL B 123 42.03 45.78 0.23
C VAL B 123 42.79 44.90 1.22
N LEU B 124 44.12 44.86 1.09
CA LEU B 124 44.95 43.94 1.86
C LEU B 124 45.97 44.72 2.67
N ASP B 125 45.96 44.49 3.99
CA ASP B 125 47.02 45.02 4.84
C ASP B 125 48.33 44.29 4.52
N VAL B 126 49.43 45.03 4.57
CA VAL B 126 50.74 44.49 4.18
C VAL B 126 51.72 44.72 5.33
N VAL B 127 51.21 44.70 6.56
CA VAL B 127 52.06 44.94 7.73
C VAL B 127 53.27 44.01 7.70
N SER B 128 54.43 44.56 8.06
CA SER B 128 55.70 43.83 7.98
C SER B 128 56.39 43.75 9.33
N PHE B 129 55.66 43.40 10.37
CA PHE B 129 56.23 43.33 11.71
C PHE B 129 57.31 42.26 11.78
N ASP B 130 58.48 42.64 12.31
CA ASP B 130 59.59 41.71 12.56
C ASP B 130 60.02 40.98 11.29
N GLY B 131 59.91 41.67 10.15
CA GLY B 131 60.34 41.08 8.89
C GLY B 131 59.54 39.86 8.48
N GLN B 132 58.25 39.83 8.77
CA GLN B 132 57.37 38.74 8.38
C GLN B 132 56.04 39.34 7.95
N LEU B 133 55.81 39.39 6.65
CA LEU B 133 54.67 40.10 6.09
C LEU B 133 53.38 39.38 6.48
N PHE B 134 52.60 40.01 7.36
CA PHE B 134 51.34 39.44 7.83
C PHE B 134 50.18 40.00 7.01
N ILE B 135 50.11 39.56 5.75
CA ILE B 135 49.07 40.02 4.85
C ILE B 135 47.72 39.51 5.31
N GLN B 136 46.73 40.41 5.37
CA GLN B 136 45.36 40.06 5.72
C GLN B 136 44.48 41.25 5.36
N PHE B 137 43.17 41.04 5.48
CA PHE B 137 42.21 42.06 5.07
C PHE B 137 42.32 43.31 5.92
N ASN B 138 42.18 44.47 5.28
CA ASN B 138 42.17 45.74 5.97
C ASN B 138 40.95 45.82 6.88
N VAL B 139 41.17 45.99 8.20
CA VAL B 139 40.07 45.91 9.15
C VAL B 139 38.99 46.97 8.93
N PRO B 140 39.29 48.23 8.60
CA PRO B 140 38.19 49.13 8.22
C PRO B 140 37.44 48.66 6.98
N TYR B 141 38.14 48.04 6.02
CA TYR B 141 37.48 47.49 4.85
C TYR B 141 36.53 46.36 5.23
N LEU B 142 36.85 45.62 6.29
CA LEU B 142 35.96 44.54 6.74
C LEU B 142 34.61 45.10 7.18
N LYS B 143 34.61 46.22 7.90
CA LYS B 143 33.35 46.86 8.29
C LYS B 143 32.58 47.32 7.07
N SER B 144 33.27 47.88 6.07
CA SER B 144 32.61 48.29 4.84
C SER B 144 32.06 47.08 4.08
N LYS B 145 32.70 45.92 4.20
CA LYS B 145 32.21 44.72 3.53
C LYS B 145 30.85 44.30 4.05
N ASP B 146 30.51 44.67 5.30
CA ASP B 146 29.19 44.34 5.84
C ASP B 146 28.09 44.98 5.01
N VAL B 147 28.26 46.26 4.66
CA VAL B 147 27.33 46.90 3.72
C VAL B 147 27.41 46.23 2.35
N GLN B 148 28.63 45.97 1.88
CA GLN B 148 28.79 45.29 0.59
C GLN B 148 28.25 43.86 0.64
N LYS B 149 28.20 43.26 1.82
CA LYS B 149 27.61 41.92 1.95
C LYS B 149 26.12 41.94 1.63
N GLN B 150 25.43 43.00 2.03
CA GLN B 150 24.00 43.17 1.78
C GLN B 150 23.19 42.01 2.36
N THR B 153 21.29 39.76 0.28
CA THR B 153 19.95 39.38 -0.20
C THR B 153 19.50 38.08 0.44
N GLU B 154 18.71 37.31 -0.31
CA GLU B 154 18.20 36.03 0.16
C GLU B 154 18.64 34.85 -0.68
N PHE B 155 18.78 35.03 -2.00
CA PHE B 155 19.21 33.94 -2.86
C PHE B 155 20.63 33.51 -2.55
N HIS B 156 21.53 34.46 -2.34
CA HIS B 156 22.91 34.13 -2.01
C HIS B 156 22.99 33.41 -0.67
N LYS B 157 22.27 33.90 0.33
CA LYS B 157 22.27 33.25 1.64
C LYS B 157 21.68 31.85 1.54
N LYS B 158 20.66 31.67 0.70
CA LYS B 158 20.14 30.34 0.45
C LYS B 158 21.21 29.44 -0.17
N LEU B 159 22.04 30.00 -1.06
CA LEU B 159 23.10 29.21 -1.66
C LEU B 159 24.15 28.79 -0.63
N GLN B 160 24.56 29.71 0.24
CA GLN B 160 25.50 29.32 1.29
C GLN B 160 24.89 28.29 2.23
N PHE B 161 23.62 28.44 2.55
CA PHE B 161 22.96 27.42 3.39
C PHE B 161 22.91 26.08 2.69
N SER B 162 22.67 26.08 1.38
CA SER B 162 22.69 24.83 0.62
C SER B 162 24.07 24.17 0.69
N GLY B 163 25.12 24.98 0.53
CA GLY B 163 26.46 24.43 0.61
C GLY B 163 26.76 23.84 1.98
N TYR B 164 26.41 24.56 3.04
CA TYR B 164 26.70 24.07 4.39
C TYR B 164 25.84 22.87 4.75
N LYS B 165 24.59 22.83 4.29
CA LYS B 165 23.75 21.66 4.53
C LYS B 165 24.29 20.45 3.79
N PHE B 166 24.77 20.64 2.56
CA PHE B 166 25.40 19.55 1.83
C PHE B 166 26.64 19.06 2.56
N GLU B 167 27.44 20.00 3.10
CA GLU B 167 28.61 19.61 3.88
C GLU B 167 28.22 18.80 5.11
N LYS B 168 27.18 19.23 5.82
CA LYS B 168 26.77 18.52 7.03
C LYS B 168 26.16 17.16 6.72
N MET B 169 25.47 17.05 5.58
CA MET B 169 24.82 15.79 5.23
C MET B 169 25.83 14.71 4.85
N ALA B 170 26.95 15.10 4.26
CA ALA B 170 27.94 14.16 3.72
C ALA B 170 29.16 14.04 4.62
N THR B 171 29.01 14.18 5.93
CA THR B 171 30.12 14.04 6.85
C THR B 171 29.67 13.29 8.09
N LEU B 172 30.61 13.12 9.03
CA LEU B 172 30.35 12.42 10.27
C LEU B 172 31.25 13.00 11.36
N PRO B 173 30.71 13.32 12.53
CA PRO B 173 31.55 13.84 13.63
C PRO B 173 32.59 12.84 14.11
N LYS B 174 32.39 11.55 13.90
CA LYS B 174 33.29 10.52 14.39
C LYS B 174 33.54 9.51 13.28
N PRO B 175 34.61 8.72 13.38
CA PRO B 175 34.85 7.68 12.38
C PRO B 175 33.69 6.70 12.32
N TRP B 176 33.43 6.19 11.12
CA TRP B 176 32.25 5.36 10.87
C TRP B 176 32.11 4.16 11.83
N PRO B 177 33.17 3.41 12.17
CA PRO B 177 32.97 2.28 13.11
C PRO B 177 32.37 2.69 14.44
N GLU B 178 33.01 3.62 15.14
CA GLU B 178 32.56 4.03 16.46
C GLU B 178 31.33 4.93 16.43
N CYS B 179 30.95 5.43 15.26
CA CYS B 179 29.84 6.37 15.16
C CYS B 179 28.52 5.61 15.24
N THR B 180 27.79 5.79 16.34
CA THR B 180 26.58 5.02 16.59
C THR B 180 25.46 5.44 15.65
N ARG B 181 24.49 4.53 15.48
CA ARG B 181 23.43 4.71 14.48
C ARG B 181 22.59 5.95 14.75
N LYS B 182 22.35 6.28 16.02
CA LYS B 182 21.52 7.44 16.34
C LYS B 182 22.09 8.72 15.75
N GLU B 183 23.39 8.94 15.90
CA GLU B 183 24.01 10.12 15.32
C GLU B 183 24.28 9.98 13.83
N ILE B 184 24.19 8.77 13.27
CA ILE B 184 24.13 8.65 11.82
C ILE B 184 22.82 9.21 11.29
N ASP B 185 21.69 8.80 11.89
CA ASP B 185 20.39 9.32 11.47
C ASP B 185 19.95 10.50 12.32
N SER B 186 20.85 11.48 12.45
CA SER B 186 20.50 12.75 13.10
C SER B 186 21.15 13.93 12.38
N ARG B 187 21.77 13.71 11.23
CA ARG B 187 22.48 14.78 10.53
C ARG B 187 21.53 15.86 10.03
N ALA B 188 20.33 15.48 9.57
CA ALA B 188 19.39 16.44 9.02
C ALA B 188 18.69 17.27 10.08
N LYS B 189 18.74 16.84 11.34
CA LYS B 189 18.05 17.55 12.42
C LYS B 189 18.96 18.43 13.24
N SER B 190 20.20 18.66 12.79
CA SER B 190 21.11 19.53 13.49
C SER B 190 21.16 20.91 12.83
N LYS B 191 21.73 21.87 13.55
CA LYS B 191 21.87 23.22 13.03
C LYS B 191 23.04 23.29 12.06
N CYS B 192 23.27 24.48 11.49
CA CYS B 192 24.35 24.71 10.54
C CYS B 192 25.17 25.89 11.07
N ASN B 193 26.14 25.59 11.92
CA ASN B 193 26.96 26.63 12.54
C ASN B 193 28.12 26.97 11.62
N ASN B 194 28.19 28.24 11.23
CA ASN B 194 29.27 28.74 10.38
C ASN B 194 30.39 29.37 11.20
N ILE B 195 30.59 28.90 12.42
CA ILE B 195 31.62 29.42 13.32
C ILE B 195 32.74 28.40 13.53
N GLU B 196 32.41 27.24 14.09
CA GLU B 196 33.43 26.25 14.40
C GLU B 196 33.94 25.60 13.12
N GLN B 197 35.27 25.54 12.99
CA GLN B 197 35.91 24.95 11.83
C GLN B 197 37.17 24.22 12.26
N TYR B 198 37.59 23.28 11.43
CA TYR B 198 38.88 22.61 11.58
C TYR B 198 39.81 23.12 10.49
N GLY B 199 41.03 23.52 10.89
CA GLY B 199 41.98 24.05 9.95
C GLY B 199 43.40 23.64 10.32
N ALA B 200 44.31 23.89 9.37
CA ALA B 200 45.72 23.57 9.57
C ALA B 200 46.55 24.58 8.80
N ILE B 201 47.81 24.72 9.23
CA ILE B 201 48.74 25.65 8.61
C ILE B 201 49.67 24.86 7.69
N VAL B 202 49.85 25.35 6.47
CA VAL B 202 50.62 24.67 5.45
C VAL B 202 51.83 25.53 5.09
N ARG B 203 53.01 24.94 5.11
CA ARG B 203 54.24 25.64 4.76
C ARG B 203 54.59 25.33 3.31
N THR B 204 53.86 25.96 2.41
CA THR B 204 54.09 25.80 0.98
C THR B 204 55.32 26.61 0.58
N GLY B 205 55.64 26.62 -0.71
CA GLY B 205 56.79 27.35 -1.19
C GLY B 205 56.74 27.72 -2.65
N ILE B 206 57.09 28.97 -2.96
CA ILE B 206 57.21 29.44 -4.33
C ILE B 206 58.50 30.25 -4.43
N SER B 207 59.18 30.12 -5.57
CA SER B 207 60.48 30.74 -5.79
C SER B 207 61.45 30.34 -4.69
N ARG B 208 61.78 31.28 -3.80
CA ARG B 208 62.66 31.01 -2.66
C ARG B 208 62.07 31.54 -1.37
N ILE B 209 60.74 31.62 -1.29
CA ILE B 209 60.03 32.15 -0.14
C ILE B 209 59.15 31.04 0.44
N LYS B 210 59.19 30.90 1.76
CA LYS B 210 58.33 29.96 2.47
C LYS B 210 57.10 30.69 2.99
N ILE B 211 55.93 30.12 2.74
CA ILE B 211 54.65 30.76 3.03
C ILE B 211 53.84 29.87 3.94
N LEU B 212 53.24 30.47 4.97
CA LEU B 212 52.33 29.77 5.87
C LEU B 212 50.90 30.17 5.53
N ILE B 213 50.07 29.17 5.20
CA ILE B 213 48.69 29.41 4.80
C ILE B 213 47.79 28.56 5.68
N GLY B 214 46.80 29.20 6.30
CA GLY B 214 45.77 28.46 7.00
C GLY B 214 44.66 28.03 6.06
N GLY B 215 43.99 26.95 6.42
CA GLY B 215 42.95 26.43 5.55
C GLY B 215 41.84 25.70 6.25
N ALA B 216 40.60 26.13 6.00
CA ALA B 216 39.42 25.50 6.61
C ALA B 216 39.19 24.16 5.93
N VAL B 217 39.67 23.09 6.55
CA VAL B 217 39.51 21.75 6.00
C VAL B 217 38.07 21.28 6.22
N ALA B 218 37.41 20.88 5.14
CA ALA B 218 36.04 20.40 5.26
C ALA B 218 35.97 19.14 6.12
N CYS B 219 36.62 18.07 5.67
CA CYS B 219 36.60 16.80 6.39
C CYS B 219 37.63 15.87 5.75
N THR B 220 38.21 15.00 6.58
CA THR B 220 39.11 13.97 6.07
C THR B 220 38.30 12.83 5.45
N ALA B 221 38.98 12.06 4.59
CA ALA B 221 38.33 11.01 3.81
C ALA B 221 37.76 9.90 4.69
N ASP B 222 38.64 9.15 5.35
CA ASP B 222 38.22 8.01 6.15
C ASP B 222 38.79 8.02 7.55
N TYR B 223 39.96 8.63 7.74
CA TYR B 223 40.48 8.95 9.07
C TYR B 223 41.59 9.98 8.89
N TYR B 224 42.32 10.25 9.96
CA TYR B 224 43.42 11.21 9.95
C TYR B 224 44.74 10.45 9.86
N ASP B 225 45.45 10.62 8.75
CA ASP B 225 46.75 9.98 8.58
C ASP B 225 47.80 10.80 9.31
N GLU B 226 48.48 10.18 10.27
CA GLU B 226 49.45 10.88 11.10
C GLU B 226 50.74 11.24 10.35
N ASN B 227 50.92 10.74 9.13
CA ASN B 227 52.15 10.97 8.38
C ASN B 227 51.99 11.99 7.27
N ASP B 228 50.99 11.81 6.41
CA ASP B 228 50.73 12.73 5.29
C ASP B 228 49.26 13.12 5.33
N PRO B 229 48.87 13.98 6.26
CA PRO B 229 47.44 14.32 6.41
C PRO B 229 46.84 14.97 5.19
N LEU B 230 47.64 15.60 4.32
CA LEU B 230 47.10 16.34 3.19
C LEU B 230 46.36 15.42 2.22
N SER B 231 46.88 14.21 2.01
CA SER B 231 46.27 13.29 1.04
C SER B 231 44.86 12.89 1.48
N ARG B 232 44.64 12.71 2.77
CA ARG B 232 43.35 12.29 3.28
C ARG B 232 42.31 13.40 3.31
N TYR B 233 42.73 14.66 3.18
CA TYR B 233 41.80 15.78 3.28
C TYR B 233 40.89 15.84 2.06
N ILE B 234 39.67 16.34 2.27
CA ILE B 234 38.68 16.49 1.22
C ILE B 234 38.02 17.86 1.36
N GLU B 235 37.70 18.47 0.22
CA GLU B 235 36.99 19.73 0.17
C GLU B 235 35.62 19.51 -0.46
N LEU B 236 34.58 20.03 0.19
CA LEU B 236 33.20 19.83 -0.24
C LEU B 236 32.65 21.11 -0.86
N LYS B 237 32.12 20.98 -2.08
CA LYS B 237 31.51 22.10 -2.78
C LYS B 237 30.32 21.58 -3.58
N THR B 238 29.38 22.48 -3.89
CA THR B 238 28.21 22.12 -4.66
C THR B 238 27.75 23.31 -5.49
N THR B 239 27.24 23.03 -6.69
CA THR B 239 26.72 24.05 -7.58
C THR B 239 25.49 23.50 -8.31
N ARG B 240 24.90 24.35 -9.14
CA ARG B 240 23.72 23.98 -9.93
C ARG B 240 24.09 22.91 -10.95
N THR B 241 23.14 22.00 -11.20
CA THR B 241 23.38 20.91 -12.13
C THR B 241 23.61 21.44 -13.55
N ILE B 242 24.40 20.70 -14.31
CA ILE B 242 24.77 21.09 -15.67
C ILE B 242 23.70 20.60 -16.63
N ASN B 243 23.23 21.48 -17.50
CA ASN B 243 22.23 21.13 -18.51
C ASN B 243 22.53 21.66 -19.90
N GLN B 244 23.45 22.59 -20.06
CA GLN B 244 23.79 23.11 -21.39
C GLN B 244 25.24 23.62 -21.36
N TYR B 245 25.66 24.22 -22.47
CA TYR B 245 27.05 24.65 -22.62
C TYR B 245 27.41 25.76 -21.65
N LYS B 246 26.51 26.73 -21.46
CA LYS B 246 26.79 27.80 -20.50
C LYS B 246 26.96 27.24 -19.09
N ASP B 247 26.15 26.25 -18.74
CA ASP B 247 26.28 25.60 -17.44
C ASP B 247 27.67 25.00 -17.27
N MET B 248 28.15 24.28 -18.28
CA MET B 248 29.46 23.65 -18.12
C MET B 248 30.61 24.66 -18.22
N ILE B 249 30.40 25.80 -18.90
CA ILE B 249 31.42 26.85 -18.88
C ILE B 249 31.56 27.45 -17.48
N ALA B 250 30.41 27.79 -16.86
CA ALA B 250 30.46 28.27 -15.48
C ALA B 250 31.03 27.20 -14.55
N PHE B 251 30.69 25.94 -14.81
CA PHE B 251 31.27 24.82 -14.09
C PHE B 251 32.79 24.81 -14.21
N GLU B 252 33.31 25.02 -15.42
CA GLU B 252 34.75 25.02 -15.63
C GLU B 252 35.41 26.17 -14.88
N LYS B 253 34.78 27.34 -14.86
CA LYS B 253 35.35 28.45 -14.10
C LYS B 253 35.36 28.15 -12.60
N LYS B 254 34.27 27.55 -12.11
CA LYS B 254 34.21 27.18 -10.69
C LYS B 254 35.29 26.16 -10.36
N LEU B 255 35.50 25.18 -11.26
CA LEU B 255 36.57 24.21 -11.04
C LEU B 255 37.95 24.86 -11.12
N PHE B 256 38.12 25.87 -11.96
CA PHE B 256 39.38 26.61 -11.98
C PHE B 256 39.66 27.21 -10.61
N ARG B 257 38.69 27.93 -10.05
CA ARG B 257 38.94 28.57 -8.75
C ARG B 257 39.09 27.53 -7.64
N THR B 258 38.31 26.45 -7.69
CA THR B 258 38.42 25.41 -6.69
C THR B 258 39.78 24.71 -6.77
N TRP B 259 40.26 24.46 -7.99
CA TRP B 259 41.58 23.87 -8.16
C TRP B 259 42.66 24.79 -7.62
N ALA B 260 42.53 26.10 -7.87
CA ALA B 260 43.49 27.04 -7.30
C ALA B 260 43.51 26.94 -5.78
N GLN B 261 42.32 26.95 -5.17
CA GLN B 261 42.21 26.83 -3.72
C GLN B 261 42.91 25.57 -3.22
N CYS B 262 42.49 24.41 -3.71
CA CYS B 262 43.03 23.16 -3.22
C CYS B 262 44.52 23.02 -3.51
N PHE B 263 44.96 23.39 -4.71
CA PHE B 263 46.36 23.24 -5.09
C PHE B 263 47.26 24.12 -4.22
N LEU B 264 46.80 25.33 -3.87
CA LEU B 264 47.54 26.08 -2.85
C LEU B 264 47.55 25.35 -1.51
N LEU B 265 46.43 24.73 -1.13
CA LEU B 265 46.49 23.88 0.06
C LEU B 265 46.97 22.46 -0.22
N GLY B 266 47.12 22.08 -1.48
CA GLY B 266 47.56 20.73 -1.81
C GLY B 266 46.59 19.65 -1.35
N ILE B 267 45.31 19.82 -1.63
CA ILE B 267 44.27 18.86 -1.24
C ILE B 267 43.88 18.08 -2.49
N PRO B 268 44.14 16.77 -2.56
CA PRO B 268 43.94 16.03 -3.81
C PRO B 268 42.48 15.85 -4.20
N LYS B 269 41.65 15.41 -3.25
CA LYS B 269 40.28 15.02 -3.58
C LYS B 269 39.34 16.21 -3.60
N ILE B 270 38.35 16.12 -4.48
CA ILE B 270 37.25 17.08 -4.57
C ILE B 270 35.98 16.29 -4.79
N ILE B 271 35.10 16.31 -3.79
CA ILE B 271 33.74 15.79 -3.95
C ILE B 271 32.83 16.99 -4.23
N TYR B 272 32.15 16.96 -5.37
CA TYR B 272 31.51 18.15 -5.91
C TYR B 272 30.03 17.86 -6.09
N GLY B 273 29.19 18.51 -5.28
CA GLY B 273 27.76 18.30 -5.34
C GLY B 273 27.09 19.04 -6.48
N PHE B 274 25.91 18.56 -6.86
CA PHE B 274 25.13 19.14 -7.95
C PHE B 274 23.69 19.34 -7.45
N ARG B 275 23.44 20.47 -6.82
CA ARG B 275 22.08 20.81 -6.39
C ARG B 275 21.26 21.34 -7.55
N ASP B 276 19.96 21.06 -7.50
CA ASP B 276 19.04 21.45 -8.56
C ASP B 276 18.49 22.84 -8.30
N ASP B 277 17.45 23.22 -9.05
CA ASP B 277 16.88 24.56 -8.94
C ASP B 277 16.32 24.83 -7.56
N ASN B 278 15.63 23.85 -6.97
CA ASN B 278 14.93 24.05 -5.70
C ASN B 278 15.69 23.48 -4.51
N CYS B 279 17.02 23.58 -4.53
CA CYS B 279 17.86 23.30 -3.37
C CYS B 279 17.74 21.85 -2.92
N ILE B 280 17.95 20.93 -3.87
CA ILE B 280 17.93 19.50 -3.60
C ILE B 280 19.11 18.86 -4.32
N LEU B 281 19.87 18.04 -3.60
CA LEU B 281 20.99 17.34 -4.22
C LEU B 281 20.48 16.29 -5.20
N ARG B 282 21.08 16.27 -6.40
CA ARG B 282 20.66 15.35 -7.45
C ARG B 282 21.74 14.34 -7.79
N THR B 283 22.99 14.77 -7.97
CA THR B 283 24.07 13.86 -8.30
C THR B 283 25.36 14.39 -7.68
N VAL B 284 26.30 13.49 -7.41
CA VAL B 284 27.60 13.86 -6.88
C VAL B 284 28.67 13.08 -7.66
N GLU B 285 29.88 13.63 -7.66
CA GLU B 285 31.01 13.03 -8.35
C GLU B 285 32.29 13.63 -7.81
N GLU B 286 33.39 12.92 -8.01
CA GLU B 286 34.67 13.27 -7.39
C GLU B 286 35.67 13.76 -8.43
N PHE B 287 36.74 14.37 -7.91
CA PHE B 287 37.83 14.89 -8.73
C PHE B 287 39.16 14.69 -8.00
N SER B 288 40.23 14.69 -8.78
CA SER B 288 41.58 14.73 -8.25
C SER B 288 42.24 16.05 -8.64
N THR B 289 43.01 16.62 -7.71
CA THR B 289 43.58 17.94 -7.92
C THR B 289 44.48 17.97 -9.16
N ASN B 290 45.37 17.00 -9.28
CA ASN B 290 46.31 17.01 -10.41
C ASN B 290 45.62 16.77 -11.73
N ASP B 291 44.47 16.11 -11.72
CA ASP B 291 43.74 15.80 -12.95
C ASP B 291 42.95 16.98 -13.50
N ILE B 292 42.74 18.04 -12.71
CA ILE B 292 41.85 19.12 -13.15
C ILE B 292 42.33 19.78 -14.44
N PRO B 293 43.59 20.22 -14.58
CA PRO B 293 43.99 20.85 -15.84
C PRO B 293 43.82 19.95 -17.05
N LEU B 294 44.11 18.65 -16.89
CA LEU B 294 43.99 17.73 -18.02
C LEU B 294 42.53 17.58 -18.45
N MET B 295 41.61 17.46 -17.49
CA MET B 295 40.19 17.43 -17.83
C MET B 295 39.76 18.74 -18.51
N VAL B 296 40.23 19.87 -18.02
CA VAL B 296 39.80 21.15 -18.57
C VAL B 296 40.28 21.33 -20.01
N LYS B 297 41.56 21.05 -20.26
CA LYS B 297 42.14 21.30 -21.58
C LYS B 297 41.98 20.12 -22.53
N ASN B 298 41.33 19.04 -22.12
CA ASN B 298 41.04 17.91 -22.99
C ASN B 298 39.56 17.55 -22.93
N ASN B 299 38.71 18.57 -23.04
CA ASN B 299 37.26 18.37 -22.99
C ASN B 299 36.74 18.13 -24.40
N PRO B 300 36.22 16.94 -24.71
CA PRO B 300 35.72 16.70 -26.08
C PRO B 300 34.61 17.64 -26.49
N LEU B 301 33.71 17.99 -25.58
CA LEU B 301 32.62 18.92 -25.89
C LEU B 301 33.13 20.35 -25.80
N ASN B 302 32.90 21.13 -26.86
CA ASN B 302 33.41 22.49 -26.97
C ASN B 302 34.92 22.50 -26.75
N GLU B 303 35.61 21.86 -27.70
CA GLU B 303 37.06 21.65 -27.58
C GLU B 303 37.80 22.97 -27.44
N GLN B 304 37.36 24.00 -28.14
CA GLN B 304 38.00 25.31 -28.07
C GLN B 304 37.79 25.94 -26.70
N LYS B 307 42.21 28.49 -26.54
CA LYS B 307 43.40 29.24 -26.18
C LYS B 307 44.47 28.33 -25.57
N GLU B 308 44.95 28.67 -24.38
CA GLU B 308 46.01 27.93 -23.72
C GLU B 308 45.61 27.64 -22.28
N ASN B 309 46.52 26.98 -21.56
CA ASN B 309 46.26 26.55 -20.19
C ASN B 309 46.55 27.68 -19.23
N CYS B 310 45.49 28.22 -18.61
CA CYS B 310 45.62 29.36 -17.71
C CYS B 310 46.37 29.00 -16.42
N TYR B 311 46.58 27.72 -16.14
CA TYR B 311 47.17 27.32 -14.87
C TYR B 311 48.61 27.79 -14.74
N MET B 312 49.42 27.55 -15.78
CA MET B 312 50.81 27.97 -15.73
C MET B 312 50.93 29.49 -15.67
N SER B 313 50.10 30.20 -16.43
CA SER B 313 50.13 31.66 -16.38
C SER B 313 49.76 32.17 -14.99
N SER B 314 48.73 31.58 -14.37
CA SER B 314 48.35 31.97 -13.01
C SER B 314 49.47 31.71 -12.02
N ILE B 315 50.13 30.55 -12.14
CA ILE B 315 51.22 30.21 -11.23
C ILE B 315 52.37 31.20 -11.38
N ASN B 316 52.74 31.51 -12.62
CA ASN B 316 53.82 32.46 -12.86
C ASN B 316 53.47 33.84 -12.34
N PHE B 317 52.22 34.27 -12.56
CA PHE B 317 51.79 35.57 -12.06
C PHE B 317 51.83 35.62 -10.54
N TYR B 318 51.42 34.53 -9.89
CA TYR B 318 51.46 34.49 -8.42
C TYR B 318 52.90 34.52 -7.92
N GLY B 319 53.81 33.83 -8.60
CA GLY B 319 55.21 33.92 -8.23
C GLY B 319 55.75 35.34 -8.40
N ALA B 320 55.36 36.01 -9.48
CA ALA B 320 55.76 37.40 -9.66
C ALA B 320 55.20 38.28 -8.55
N VAL B 321 53.96 38.02 -8.14
CA VAL B 321 53.35 38.77 -7.05
C VAL B 321 54.12 38.55 -5.75
N VAL B 322 54.52 37.32 -5.48
CA VAL B 322 55.31 37.03 -4.28
C VAL B 322 56.65 37.76 -4.33
N GLU B 323 57.29 37.76 -5.50
CA GLU B 323 58.54 38.51 -5.64
C GLU B 323 58.32 40.00 -5.41
N TRP B 324 57.23 40.54 -5.95
CA TRP B 324 56.88 41.94 -5.72
C TRP B 324 56.70 42.23 -4.24
N LEU B 325 55.99 41.35 -3.53
CA LEU B 325 55.74 41.57 -2.11
C LEU B 325 57.03 41.53 -1.31
N ASN B 326 57.91 40.56 -1.58
CA ASN B 326 59.15 40.46 -0.81
C ASN B 326 60.20 41.47 -1.24
N GLU B 327 60.04 42.11 -2.40
CA GLU B 327 60.97 43.15 -2.83
C GLU B 327 60.49 44.56 -2.53
N SER B 328 59.18 44.76 -2.30
CA SER B 328 58.65 46.10 -2.14
C SER B 328 58.88 46.64 -0.73
N VAL B 329 58.30 45.98 0.27
CA VAL B 329 58.41 46.44 1.65
C VAL B 329 59.73 45.95 2.24
N LYS B 330 60.44 46.85 2.93
CA LYS B 330 61.72 46.48 3.54
C LYS B 330 61.51 45.90 4.93
N ASP B 331 60.92 46.69 5.83
CA ASP B 331 60.67 46.26 7.20
C ASP B 331 59.68 47.22 7.83
N ASP B 332 58.91 46.71 8.80
CA ASP B 332 57.96 47.43 9.66
C ASP B 332 57.30 48.59 8.94
N GLN B 333 56.81 48.34 7.73
CA GLN B 333 56.23 49.37 6.87
C GLN B 333 54.87 48.85 6.42
N VAL B 334 53.80 49.46 6.94
CA VAL B 334 52.45 49.04 6.61
C VAL B 334 52.05 49.63 5.25
N TRP B 335 51.38 48.81 4.45
CA TRP B 335 50.89 49.25 3.14
C TRP B 335 49.40 48.94 3.02
N LYS B 336 48.85 49.14 1.83
CA LYS B 336 47.48 48.71 1.53
C LYS B 336 47.44 48.21 0.10
N LEU B 337 47.35 46.90 -0.07
CA LEU B 337 47.30 46.28 -1.39
C LEU B 337 45.84 46.14 -1.79
N SER B 338 45.47 46.74 -2.92
CA SER B 338 44.09 46.79 -3.36
C SER B 338 44.01 46.63 -4.87
N TYR B 339 42.81 46.29 -5.35
CA TYR B 339 42.57 46.14 -6.77
C TYR B 339 41.11 46.50 -7.04
N ALA B 340 40.89 47.35 -8.04
CA ALA B 340 39.56 47.74 -8.47
C ALA B 340 39.15 46.91 -9.68
N LYS B 341 37.86 46.53 -9.72
CA LYS B 341 37.36 45.75 -10.84
C LYS B 341 37.52 46.48 -12.16
N ARG B 342 37.56 47.81 -12.14
CA ARG B 342 37.74 48.62 -13.33
C ARG B 342 39.20 48.77 -13.74
N ASN B 343 40.15 48.43 -12.86
CA ASN B 343 41.57 48.59 -13.17
C ASN B 343 41.98 47.69 -14.33
N ARG B 344 41.93 46.39 -14.12
CA ARG B 344 42.20 45.36 -15.14
C ARG B 344 43.59 45.47 -15.74
N GLN B 345 44.47 46.30 -15.18
CA GLN B 345 45.79 46.48 -15.78
C GLN B 345 46.91 46.39 -14.76
N TYR B 346 46.63 46.71 -13.49
CA TYR B 346 47.70 46.90 -12.52
C TYR B 346 47.20 46.52 -11.13
N LEU B 347 48.15 46.48 -10.19
CA LEU B 347 47.88 46.24 -8.79
C LEU B 347 48.27 47.48 -7.99
N VAL B 348 47.42 47.86 -7.05
CA VAL B 348 47.60 49.10 -6.28
C VAL B 348 48.27 48.74 -4.96
N LEU B 349 49.56 49.06 -4.85
CA LEU B 349 50.33 48.84 -3.62
C LEU B 349 50.70 50.21 -3.06
N LYS B 350 49.81 50.77 -2.24
CA LYS B 350 50.04 52.03 -1.57
C LYS B 350 50.38 51.78 -0.10
N GLU B 351 51.20 52.66 0.46
CA GLU B 351 51.56 52.59 1.87
C GLU B 351 50.80 53.64 2.67
N VAL B 352 50.36 53.27 3.86
CA VAL B 352 49.60 54.18 4.71
C VAL B 352 50.57 54.88 5.66
N THR B 353 50.18 56.06 6.12
CA THR B 353 51.07 56.94 6.89
C THR B 353 50.26 57.58 8.00
N ASP B 354 50.82 58.64 8.59
CA ASP B 354 50.27 59.50 9.65
C ASP B 354 50.42 58.89 11.04
N GLU B 355 51.03 57.72 11.18
CA GLU B 355 51.34 57.09 12.47
C GLU B 355 50.10 56.80 13.31
N ASN B 356 48.91 56.91 12.74
CA ASN B 356 47.67 56.56 13.43
C ASN B 356 47.00 55.36 12.79
N GLU B 357 46.75 55.42 11.49
CA GLU B 357 46.22 54.25 10.78
C GLU B 357 47.18 53.09 10.84
N LYS B 358 48.49 53.36 10.70
CA LYS B 358 49.49 52.31 10.83
C LYS B 358 49.40 51.63 12.18
N GLN B 359 49.36 52.41 13.26
CA GLN B 359 49.34 51.83 14.60
C GLN B 359 48.06 51.06 14.87
N GLN B 360 46.91 51.61 14.46
CA GLN B 360 45.65 50.90 14.70
C GLN B 360 45.58 49.62 13.89
N ILE B 361 46.09 49.64 12.65
CA ILE B 361 46.12 48.43 11.84
C ILE B 361 47.04 47.38 12.46
N VAL B 362 48.21 47.82 12.95
CA VAL B 362 49.13 46.88 13.59
C VAL B 362 48.49 46.25 14.82
N ASP B 363 47.82 47.07 15.64
CA ASP B 363 47.18 46.54 16.84
C ASP B 363 46.06 45.57 16.49
N SER B 364 45.24 45.92 15.50
CA SER B 364 44.11 45.07 15.13
C SER B 364 44.58 43.74 14.54
N ALA B 365 45.48 43.80 13.56
CA ALA B 365 45.94 42.57 12.92
C ALA B 365 46.75 41.71 13.87
N ILE B 366 47.73 42.29 14.54
CA ILE B 366 48.60 41.56 15.46
C ILE B 366 48.25 42.01 16.88
N PRO B 367 47.65 41.15 17.70
CA PRO B 367 47.50 41.48 19.12
C PRO B 367 48.85 41.58 19.80
N ALA B 368 48.90 42.37 20.88
CA ALA B 368 50.14 42.55 21.61
C ALA B 368 50.70 41.24 22.15
N TRP B 369 49.85 40.21 22.28
CA TRP B 369 50.33 38.90 22.72
C TRP B 369 51.45 38.40 21.83
N PHE B 370 51.27 38.47 20.51
CA PHE B 370 52.35 38.08 19.61
C PHE B 370 53.50 39.08 19.66
N LYS B 371 53.19 40.37 19.76
CA LYS B 371 54.24 41.39 19.78
C LYS B 371 55.14 41.23 20.99
N GLU B 372 54.56 41.00 22.17
CA GLU B 372 55.37 40.74 23.35
C GLU B 372 56.07 39.39 23.27
N TRP B 373 55.47 38.43 22.55
CA TRP B 373 56.09 37.12 22.41
C TRP B 373 57.44 37.20 21.72
N ARG B 374 57.54 38.02 20.67
CA ARG B 374 58.81 38.20 19.98
C ARG B 374 59.86 38.84 20.86
N SER B 375 59.46 39.62 21.87
CA SER B 375 60.44 40.31 22.72
C SER B 375 61.38 39.31 23.38
N GLU B 376 60.83 38.28 24.03
CA GLU B 376 61.68 37.25 24.61
C GLU B 376 62.33 36.39 23.53
N LEU B 377 61.74 36.33 22.34
CA LEU B 377 62.37 35.58 21.25
C LEU B 377 63.69 36.20 20.84
N ARG B 378 63.73 37.54 20.75
CA ARG B 378 65.01 38.22 20.51
C ARG B 378 65.96 38.08 21.68
N ASN B 379 65.47 37.75 22.86
CA ASN B 379 66.33 37.52 24.02
C ASN B 379 66.88 36.10 24.01
N ALA C 5 -16.61 -15.75 -24.37
CA ALA C 5 -15.50 -14.83 -24.09
C ALA C 5 -15.43 -14.50 -22.60
N LEU C 6 -16.02 -13.36 -22.23
CA LEU C 6 -16.03 -12.94 -20.83
C LEU C 6 -16.77 -13.94 -19.95
N PHE C 7 -17.91 -14.44 -20.45
CA PHE C 7 -18.77 -15.30 -19.63
C PHE C 7 -18.02 -16.50 -19.09
N ARG C 8 -17.13 -17.08 -19.90
CA ARG C 8 -16.33 -18.22 -19.41
C ARG C 8 -15.44 -17.82 -18.25
N TRP C 9 -14.79 -16.65 -18.36
CA TRP C 9 -13.93 -16.19 -17.26
C TRP C 9 -14.75 -15.91 -16.00
N LEU C 10 -15.93 -15.29 -16.16
CA LEU C 10 -16.80 -15.08 -15.02
C LEU C 10 -17.20 -16.40 -14.37
N SER C 11 -17.51 -17.41 -15.19
CA SER C 11 -17.90 -18.71 -14.66
C SER C 11 -16.77 -19.34 -13.87
N ARG C 12 -15.57 -19.39 -14.44
CA ARG C 12 -14.47 -20.09 -13.78
C ARG C 12 -13.98 -19.33 -12.55
N LYS C 13 -13.81 -18.01 -12.66
CA LYS C 13 -13.34 -17.23 -11.52
C LYS C 13 -14.41 -17.12 -10.44
N TYR C 14 -15.66 -16.90 -10.85
CA TYR C 14 -16.78 -16.78 -9.91
C TYR C 14 -17.75 -17.92 -10.16
N PRO C 15 -17.70 -18.99 -9.36
CA PRO C 15 -18.49 -20.19 -9.70
C PRO C 15 -19.93 -20.16 -9.17
N LYS C 16 -20.17 -19.46 -8.07
CA LYS C 16 -21.47 -19.51 -7.41
C LYS C 16 -22.49 -18.54 -7.97
N ILE C 17 -22.07 -17.58 -8.81
CA ILE C 17 -23.02 -16.63 -9.37
C ILE C 17 -23.81 -17.21 -10.53
N ILE C 18 -23.55 -18.46 -10.91
CA ILE C 18 -24.28 -19.12 -11.98
C ILE C 18 -25.02 -20.31 -11.39
N SER C 19 -26.24 -20.54 -11.87
CA SER C 19 -27.09 -21.58 -11.34
C SER C 19 -28.08 -22.00 -12.42
N PRO C 20 -28.59 -23.24 -12.36
CA PRO C 20 -29.56 -23.67 -13.36
C PRO C 20 -30.97 -23.23 -13.01
N VAL C 21 -31.79 -23.11 -14.04
CA VAL C 21 -33.18 -22.68 -13.89
C VAL C 21 -34.05 -23.92 -13.73
N ILE C 22 -34.85 -23.95 -12.66
CA ILE C 22 -35.74 -25.08 -12.41
C ILE C 22 -37.02 -24.87 -13.19
N GLN C 23 -37.05 -25.35 -14.43
CA GLN C 23 -38.26 -25.26 -15.25
C GLN C 23 -39.35 -26.21 -14.79
N ASP C 24 -39.04 -27.13 -13.88
CA ASP C 24 -40.00 -28.09 -13.32
C ASP C 24 -40.55 -28.88 -14.51
N GLU C 25 -41.85 -29.02 -14.68
CA GLU C 25 -42.41 -29.68 -15.85
C GLU C 25 -43.77 -29.07 -16.16
N ASP C 26 -44.50 -29.70 -17.09
CA ASP C 26 -45.80 -29.17 -17.50
C ASP C 26 -46.79 -29.21 -16.33
N VAL C 27 -46.78 -30.27 -15.54
CA VAL C 27 -47.61 -30.36 -14.34
C VAL C 27 -46.70 -29.98 -13.17
N ASP C 28 -46.70 -28.69 -12.83
CA ASP C 28 -45.79 -28.19 -11.80
C ASP C 28 -46.15 -28.73 -10.42
N ILE C 29 -47.44 -28.75 -10.08
CA ILE C 29 -47.89 -29.32 -8.81
C ILE C 29 -48.35 -30.75 -9.07
N ASP C 30 -47.75 -31.70 -8.35
CA ASP C 30 -48.10 -33.10 -8.46
C ASP C 30 -49.26 -33.42 -7.51
N GLY C 31 -49.54 -34.70 -7.33
CA GLY C 31 -50.69 -35.12 -6.54
C GLY C 31 -51.98 -35.01 -7.32
N GLU C 32 -52.38 -33.78 -7.63
CA GLU C 32 -53.52 -33.53 -8.50
C GLU C 32 -53.12 -33.35 -9.97
N SER C 33 -51.81 -33.41 -10.27
CA SER C 33 -51.30 -33.24 -11.63
C SER C 33 -51.77 -31.93 -12.25
N ARG C 34 -51.72 -30.86 -11.46
CA ARG C 34 -52.17 -29.56 -11.95
C ARG C 34 -51.16 -29.01 -12.95
N PRO C 35 -51.58 -28.65 -14.17
CA PRO C 35 -50.65 -28.00 -15.10
C PRO C 35 -50.18 -26.66 -14.59
N THR C 36 -49.14 -26.14 -15.24
CA THR C 36 -48.52 -24.88 -14.83
C THR C 36 -49.52 -23.74 -14.89
N ARG C 37 -49.81 -23.15 -13.74
CA ARG C 37 -50.65 -21.97 -13.64
C ARG C 37 -49.78 -20.78 -13.22
N TYR C 38 -50.11 -19.60 -13.75
CA TYR C 38 -49.28 -18.43 -13.52
C TYR C 38 -49.27 -18.04 -12.04
N GLU C 39 -50.42 -18.16 -11.36
CA GLU C 39 -50.52 -17.78 -9.96
C GLU C 39 -49.74 -18.71 -9.03
N ASP C 40 -49.27 -19.85 -9.52
CA ASP C 40 -48.55 -20.77 -8.67
C ASP C 40 -47.22 -20.17 -8.23
N PRO C 41 -46.74 -20.52 -7.04
CA PRO C 41 -45.44 -20.02 -6.58
C PRO C 41 -44.31 -20.44 -7.52
N ASN C 42 -43.32 -19.57 -7.63
CA ASN C 42 -42.21 -19.80 -8.56
C ASN C 42 -41.09 -20.53 -7.86
N PRO C 43 -40.69 -21.71 -8.31
CA PRO C 43 -39.53 -22.39 -7.70
C PRO C 43 -38.25 -21.60 -7.83
N ASN C 44 -38.08 -20.85 -8.93
CA ASN C 44 -36.88 -20.03 -9.10
C ASN C 44 -36.79 -18.93 -8.05
N GLY C 45 -37.92 -18.48 -7.52
CA GLY C 45 -37.94 -17.37 -6.59
C GLY C 45 -38.85 -16.25 -7.05
N GLU C 46 -39.50 -15.58 -6.11
CA GLU C 46 -40.44 -14.53 -6.45
C GLU C 46 -39.72 -13.36 -7.12
N LEU C 47 -40.35 -12.79 -8.15
CA LEU C 47 -39.78 -11.72 -8.94
C LEU C 47 -40.82 -10.63 -9.13
N ASP C 48 -40.36 -9.37 -9.19
CA ASP C 48 -41.25 -8.23 -9.33
C ASP C 48 -41.30 -7.70 -10.75
N ASN C 49 -40.16 -7.30 -11.31
CA ASN C 49 -40.09 -6.74 -12.64
C ASN C 49 -39.29 -7.64 -13.56
N LEU C 50 -39.55 -7.53 -14.86
CA LEU C 50 -38.82 -8.30 -15.86
C LEU C 50 -38.67 -7.46 -17.12
N TYR C 51 -37.45 -7.41 -17.65
CA TYR C 51 -37.14 -6.68 -18.86
C TYR C 51 -36.68 -7.66 -19.93
N LEU C 52 -37.24 -7.52 -21.13
CA LEU C 52 -36.90 -8.39 -22.25
C LEU C 52 -36.10 -7.61 -23.28
N ASP C 53 -35.01 -8.20 -23.74
CA ASP C 53 -34.23 -7.67 -24.85
C ASP C 53 -34.63 -8.47 -26.08
N MET C 54 -35.47 -7.85 -26.92
CA MET C 54 -36.08 -8.56 -28.04
C MET C 54 -35.08 -9.01 -29.09
N ASN C 55 -33.83 -8.51 -29.04
CA ASN C 55 -32.83 -8.94 -30.01
C ASN C 55 -32.54 -10.43 -29.89
N GLY C 56 -32.42 -10.93 -28.66
CA GLY C 56 -32.12 -12.34 -28.45
C GLY C 56 -33.18 -13.28 -28.99
N ILE C 57 -34.40 -12.79 -29.20
CA ILE C 57 -35.47 -13.61 -29.77
C ILE C 57 -35.61 -13.37 -31.26
N VAL C 58 -35.50 -12.12 -31.70
CA VAL C 58 -35.66 -11.81 -33.11
C VAL C 58 -34.50 -12.37 -33.93
N HIS C 59 -33.32 -12.51 -33.33
CA HIS C 59 -32.15 -13.06 -34.01
C HIS C 59 -31.53 -14.15 -33.13
N PRO C 60 -32.19 -15.31 -33.05
CA PRO C 60 -31.69 -16.40 -32.21
C PRO C 60 -30.67 -17.31 -32.88
N CYS C 61 -30.17 -16.94 -34.06
CA CYS C 61 -29.19 -17.73 -34.80
C CYS C 61 -29.73 -19.13 -35.10
N SER C 62 -29.18 -20.13 -34.42
CA SER C 62 -29.57 -21.53 -34.60
C SER C 62 -29.42 -21.97 -36.06
N HIS C 63 -28.36 -21.50 -36.70
CA HIS C 63 -28.09 -21.84 -38.10
C HIS C 63 -27.45 -23.23 -38.20
N VAL C 69 -35.56 -23.97 -39.70
CA VAL C 69 -35.38 -22.53 -39.72
C VAL C 69 -36.51 -21.88 -40.52
N PRO C 70 -37.30 -21.03 -39.85
CA PRO C 70 -38.38 -20.33 -40.55
C PRO C 70 -37.84 -19.41 -41.63
N GLU C 71 -38.64 -19.22 -42.68
CA GLU C 71 -38.25 -18.39 -43.81
C GLU C 71 -39.17 -17.21 -44.05
N THR C 72 -40.45 -17.32 -43.70
CA THR C 72 -41.40 -16.23 -43.89
C THR C 72 -41.70 -15.56 -42.55
N GLU C 73 -42.20 -14.34 -42.64
CA GLU C 73 -42.46 -13.54 -41.44
C GLU C 73 -43.48 -14.21 -40.53
N ASP C 74 -44.58 -14.71 -41.11
CA ASP C 74 -45.65 -15.29 -40.31
C ASP C 74 -45.25 -16.63 -39.69
N GLU C 75 -44.23 -17.30 -40.22
CA GLU C 75 -43.81 -18.58 -39.66
C GLU C 75 -43.27 -18.42 -38.24
N MET C 76 -42.47 -17.38 -38.01
CA MET C 76 -41.75 -17.24 -36.75
C MET C 76 -42.37 -16.24 -35.79
N MET C 77 -43.31 -15.40 -36.24
CA MET C 77 -44.07 -14.59 -35.30
C MET C 77 -44.75 -15.48 -34.25
N LEU C 78 -45.41 -16.54 -34.71
CA LEU C 78 -46.01 -17.48 -33.77
C LEU C 78 -44.94 -18.21 -32.96
N ASP C 79 -43.80 -18.52 -33.60
CA ASP C 79 -42.69 -19.12 -32.86
C ASP C 79 -42.16 -18.16 -31.80
N VAL C 80 -42.03 -16.87 -32.14
CA VAL C 80 -41.57 -15.88 -31.17
C VAL C 80 -42.54 -15.80 -30.00
N PHE C 81 -43.84 -15.74 -30.29
CA PHE C 81 -44.84 -15.67 -29.22
C PHE C 81 -44.79 -16.90 -28.34
N ALA C 82 -44.63 -18.08 -28.95
CA ALA C 82 -44.54 -19.31 -28.17
C ALA C 82 -43.28 -19.30 -27.29
N TYR C 83 -42.16 -18.85 -27.84
CA TYR C 83 -40.91 -18.85 -27.07
C TYR C 83 -40.94 -17.78 -25.99
N THR C 84 -41.43 -16.58 -26.32
CA THR C 84 -41.53 -15.52 -25.32
C THR C 84 -42.48 -15.92 -24.19
N GLU C 85 -43.62 -16.52 -24.52
CA GLU C 85 -44.53 -16.99 -23.49
C GLU C 85 -43.85 -17.99 -22.56
N ASN C 86 -42.90 -18.76 -23.08
CA ASN C 86 -42.20 -19.74 -22.24
C ASN C 86 -41.31 -19.05 -21.21
N VAL C 87 -40.51 -18.07 -21.65
CA VAL C 87 -39.57 -17.43 -20.75
C VAL C 87 -40.30 -16.62 -19.69
N ILE C 88 -41.42 -16.01 -20.05
CA ILE C 88 -42.23 -15.28 -19.07
C ILE C 88 -42.72 -16.22 -17.99
N MET C 89 -43.25 -17.37 -18.39
CA MET C 89 -43.65 -18.39 -17.43
C MET C 89 -42.45 -18.89 -16.63
N MET C 90 -41.28 -18.95 -17.28
CA MET C 90 -40.07 -19.42 -16.61
C MET C 90 -39.68 -18.54 -15.44
N ALA C 91 -40.01 -17.24 -15.51
CA ALA C 91 -39.69 -16.30 -14.44
C ALA C 91 -40.89 -15.76 -13.70
N ARG C 92 -42.02 -15.56 -14.38
CA ARG C 92 -43.27 -15.09 -13.79
C ARG C 92 -43.10 -13.75 -13.09
N PRO C 93 -42.88 -12.66 -13.83
CA PRO C 93 -42.91 -11.34 -13.21
C PRO C 93 -44.30 -11.00 -12.70
N ARG C 94 -44.35 -10.16 -11.67
CA ARG C 94 -45.61 -9.82 -11.02
C ARG C 94 -45.99 -8.35 -11.11
N LYS C 95 -45.08 -7.46 -11.48
CA LYS C 95 -45.39 -6.03 -11.49
C LYS C 95 -45.35 -5.42 -12.89
N VAL C 96 -44.22 -5.50 -13.59
CA VAL C 96 -44.03 -4.79 -14.85
C VAL C 96 -43.30 -5.71 -15.82
N ILE C 97 -43.62 -5.58 -17.11
CA ILE C 97 -42.91 -6.26 -18.18
C ILE C 97 -42.49 -5.20 -19.19
N TYR C 98 -41.18 -5.00 -19.34
CA TYR C 98 -40.64 -4.01 -20.26
C TYR C 98 -40.13 -4.74 -21.50
N ILE C 99 -40.60 -4.30 -22.67
CA ILE C 99 -40.20 -4.87 -23.95
C ILE C 99 -39.33 -3.86 -24.67
N ALA C 100 -38.07 -4.22 -24.91
CA ALA C 100 -37.10 -3.34 -25.52
C ALA C 100 -36.75 -3.84 -26.91
N VAL C 101 -36.85 -2.95 -27.90
CA VAL C 101 -36.48 -3.23 -29.28
C VAL C 101 -35.52 -2.13 -29.72
N ASP C 102 -34.46 -2.52 -30.44
CA ASP C 102 -33.46 -1.56 -30.86
C ASP C 102 -34.09 -0.44 -31.68
N GLY C 103 -33.73 0.79 -31.35
CA GLY C 103 -34.08 1.96 -32.13
C GLY C 103 -32.91 2.42 -32.98
N VAL C 104 -32.87 3.72 -33.25
CA VAL C 104 -31.72 4.31 -33.93
C VAL C 104 -30.60 4.46 -32.90
N ALA C 105 -29.54 3.67 -33.06
CA ALA C 105 -28.44 3.69 -32.11
C ALA C 105 -27.59 4.94 -32.32
N PRO C 106 -26.79 5.32 -31.31
CA PRO C 106 -25.95 6.51 -31.45
C PRO C 106 -24.89 6.34 -32.53
N ARG C 107 -24.38 7.47 -32.99
CA ARG C 107 -23.42 7.48 -34.10
C ARG C 107 -22.17 6.67 -33.77
N ALA C 108 -21.80 6.59 -32.50
CA ALA C 108 -20.62 5.81 -32.12
C ALA C 108 -20.78 4.34 -32.50
N LYS C 109 -21.97 3.77 -32.29
CA LYS C 109 -22.21 2.39 -32.65
C LYS C 109 -22.46 2.19 -34.15
N MET C 110 -22.71 3.27 -34.89
CA MET C 110 -22.90 3.14 -36.33
C MET C 110 -21.65 2.55 -37.00
N ASN C 111 -20.48 3.11 -36.70
CA ASN C 111 -19.25 2.60 -37.30
C ASN C 111 -18.99 1.16 -36.90
N GLN C 112 -19.20 0.83 -35.63
CA GLN C 112 -19.06 -0.55 -35.18
C GLN C 112 -20.15 -1.46 -35.74
N GLN C 113 -21.20 -0.89 -36.32
CA GLN C 113 -22.24 -1.68 -36.97
C GLN C 113 -22.03 -1.80 -38.48
N ARG C 114 -21.40 -0.80 -39.11
CA ARG C 114 -21.06 -0.93 -40.53
C ARG C 114 -20.14 -2.12 -40.77
N SER C 115 -19.10 -2.26 -39.95
CA SER C 115 -18.17 -3.38 -40.10
C SER C 115 -18.88 -4.71 -39.91
N ARG C 116 -19.91 -4.75 -39.08
CA ARG C 116 -20.68 -5.99 -38.89
C ARG C 116 -21.43 -6.35 -40.16
N ARG C 117 -22.12 -5.37 -40.76
CA ARG C 117 -22.94 -5.65 -41.93
C ARG C 117 -22.09 -5.79 -43.20
N PHE C 118 -21.06 -4.96 -43.35
CA PHE C 118 -20.21 -5.03 -44.53
C PHE C 118 -19.47 -6.37 -44.60
N ARG C 119 -19.06 -6.91 -43.45
CA ARG C 119 -18.46 -8.23 -43.43
C ARG C 119 -19.43 -9.29 -43.92
N SER C 120 -20.69 -9.21 -43.49
CA SER C 120 -21.69 -10.16 -43.96
C SER C 120 -21.93 -10.02 -45.47
N ALA C 121 -21.80 -8.80 -46.01
CA ALA C 121 -21.87 -8.63 -47.45
C ALA C 121 -20.72 -9.35 -48.13
N GLN C 122 -19.51 -9.25 -47.57
CA GLN C 122 -18.39 -10.03 -48.08
C GLN C 122 -18.63 -11.53 -47.88
N ASP C 123 -19.26 -11.90 -46.76
CA ASP C 123 -19.63 -13.29 -46.54
C ASP C 123 -20.65 -13.76 -47.58
N ALA C 124 -21.43 -12.83 -48.14
CA ALA C 124 -22.35 -13.18 -49.21
C ALA C 124 -21.63 -13.36 -50.54
N LYS C 125 -20.61 -12.54 -50.81
CA LYS C 125 -19.95 -12.56 -52.11
C LYS C 125 -19.20 -13.87 -52.34
N ASP C 126 -18.40 -14.30 -51.36
CA ASP C 126 -17.69 -15.56 -51.52
C ASP C 126 -18.62 -16.75 -51.44
N ALA C 127 -19.75 -16.61 -50.72
CA ALA C 127 -20.75 -17.67 -50.72
C ALA C 127 -21.33 -17.89 -52.10
N ASN C 128 -21.59 -16.82 -52.84
CA ASN C 128 -22.08 -16.95 -54.21
C ASN C 128 -21.04 -17.59 -55.12
N GLU C 129 -19.75 -17.34 -54.84
CA GLU C 129 -18.60 -17.87 -55.60
C GLU C 129 -18.85 -18.00 -57.10
N ASP C 156 -35.19 -11.93 -44.15
CA ASP C 156 -33.77 -11.64 -44.34
C ASP C 156 -33.11 -11.31 -43.01
N SER C 157 -31.83 -11.67 -42.89
CA SER C 157 -31.10 -11.43 -41.65
C SER C 157 -30.78 -9.96 -41.42
N ASN C 158 -30.87 -9.14 -42.46
CA ASN C 158 -30.62 -7.71 -42.35
C ASN C 158 -31.91 -6.90 -42.28
N ALA C 159 -33.06 -7.55 -42.19
CA ALA C 159 -34.32 -6.86 -42.02
C ALA C 159 -34.62 -6.53 -40.56
N ILE C 160 -33.85 -7.08 -39.62
CA ILE C 160 -34.08 -6.81 -38.21
C ILE C 160 -33.73 -5.38 -37.83
N THR C 161 -32.88 -4.72 -38.60
CA THR C 161 -32.48 -3.37 -38.27
C THR C 161 -33.70 -2.44 -38.31
N PRO C 162 -33.76 -1.43 -37.43
CA PRO C 162 -34.95 -0.57 -37.38
C PRO C 162 -35.16 0.21 -38.68
N GLY C 163 -36.43 0.36 -39.05
CA GLY C 163 -36.82 1.09 -40.24
C GLY C 163 -37.31 0.21 -41.36
N THR C 164 -37.04 -1.10 -41.32
CA THR C 164 -37.53 -2.01 -42.34
C THR C 164 -39.02 -2.29 -42.12
N PRO C 165 -39.75 -2.66 -43.17
CA PRO C 165 -41.16 -3.04 -42.99
C PRO C 165 -41.34 -4.23 -42.08
N PHE C 166 -40.32 -5.07 -41.92
CA PHE C 166 -40.43 -6.21 -41.01
C PHE C 166 -40.61 -5.74 -39.57
N MET C 167 -39.90 -4.67 -39.19
CA MET C 167 -40.10 -4.08 -37.86
C MET C 167 -41.52 -3.58 -37.68
N HIS C 168 -42.07 -2.90 -38.69
CA HIS C 168 -43.44 -2.39 -38.58
C HIS C 168 -44.44 -3.50 -38.36
N ARG C 169 -44.28 -4.61 -39.08
CA ARG C 169 -45.12 -5.78 -38.82
C ARG C 169 -44.85 -6.34 -37.43
N LEU C 170 -43.58 -6.35 -37.01
CA LEU C 170 -43.25 -6.81 -35.67
C LEU C 170 -43.74 -5.84 -34.61
N ALA C 171 -43.65 -4.54 -34.87
CA ALA C 171 -44.05 -3.55 -33.88
C ALA C 171 -45.51 -3.71 -33.49
N ASP C 172 -46.39 -3.84 -34.48
CA ASP C 172 -47.80 -4.04 -34.20
C ASP C 172 -48.09 -5.45 -33.70
N SER C 173 -47.20 -6.41 -33.98
CA SER C 173 -47.41 -7.77 -33.48
C SER C 173 -47.33 -7.82 -31.96
N LEU C 174 -46.40 -7.08 -31.37
CA LEU C 174 -46.27 -7.09 -29.92
C LEU C 174 -47.48 -6.48 -29.24
N ARG C 175 -48.02 -5.40 -29.81
CA ARG C 175 -49.20 -4.75 -29.22
C ARG C 175 -50.36 -5.73 -29.10
N TYR C 176 -50.56 -6.56 -30.13
CA TYR C 176 -51.63 -7.55 -30.06
C TYR C 176 -51.35 -8.59 -28.99
N TRP C 177 -50.12 -9.08 -28.91
CA TRP C 177 -49.80 -10.13 -27.94
C TRP C 177 -49.95 -9.63 -26.51
N ALA C 178 -49.54 -8.39 -26.24
CA ALA C 178 -49.70 -7.83 -24.91
C ALA C 178 -51.17 -7.75 -24.52
N ALA C 179 -52.02 -7.28 -25.43
CA ALA C 179 -53.44 -7.17 -25.12
C ALA C 179 -54.06 -8.54 -24.87
N TYR C 180 -53.72 -9.53 -25.70
CA TYR C 180 -54.34 -10.85 -25.57
C TYR C 180 -53.97 -11.51 -24.25
N LYS C 181 -52.69 -11.43 -23.85
CA LYS C 181 -52.25 -12.13 -22.65
C LYS C 181 -52.91 -11.56 -21.41
N LEU C 182 -53.03 -10.24 -21.32
CA LEU C 182 -53.61 -9.62 -20.12
C LEU C 182 -55.08 -10.00 -19.96
N THR C 183 -55.85 -9.95 -21.04
CA THR C 183 -57.29 -10.13 -20.97
C THR C 183 -57.71 -11.60 -20.99
N THR C 184 -56.77 -12.53 -21.15
CA THR C 184 -57.10 -13.95 -21.22
C THR C 184 -56.36 -14.78 -20.19
N ASP C 185 -55.71 -14.14 -19.21
CA ASP C 185 -54.99 -14.86 -18.16
C ASP C 185 -55.39 -14.29 -16.81
N PRO C 186 -55.92 -15.10 -15.90
CA PRO C 186 -56.22 -14.59 -14.56
C PRO C 186 -55.00 -14.12 -13.80
N GLY C 187 -53.84 -14.73 -14.04
CA GLY C 187 -52.63 -14.35 -13.34
C GLY C 187 -51.99 -13.07 -13.81
N TRP C 188 -52.48 -12.48 -14.90
CA TRP C 188 -51.93 -11.24 -15.44
C TRP C 188 -52.81 -10.04 -15.13
N SER C 189 -53.59 -10.11 -14.06
CA SER C 189 -54.53 -9.04 -13.73
C SER C 189 -53.80 -7.74 -13.40
N GLY C 190 -52.73 -7.82 -12.60
CA GLY C 190 -52.07 -6.62 -12.11
C GLY C 190 -50.65 -6.43 -12.60
N ILE C 191 -50.41 -6.70 -13.87
CA ILE C 191 -49.08 -6.59 -14.47
C ILE C 191 -49.17 -5.64 -15.66
N GLU C 192 -48.45 -4.53 -15.59
CA GLU C 192 -48.31 -3.64 -16.73
C GLU C 192 -47.38 -4.24 -17.77
N VAL C 193 -47.46 -3.71 -18.98
CA VAL C 193 -46.52 -4.03 -20.04
C VAL C 193 -46.17 -2.72 -20.75
N ILE C 194 -44.88 -2.43 -20.85
CA ILE C 194 -44.38 -1.24 -21.51
C ILE C 194 -43.68 -1.68 -22.78
N ILE C 195 -44.12 -1.14 -23.92
CA ILE C 195 -43.59 -1.49 -25.22
C ILE C 195 -42.77 -0.33 -25.76
N SER C 196 -41.53 -0.60 -26.12
CA SER C 196 -40.62 0.39 -26.70
C SER C 196 -40.14 -0.17 -28.02
N ASP C 197 -40.90 0.11 -29.09
CA ASP C 197 -40.60 -0.44 -30.40
C ASP C 197 -39.38 0.24 -31.02
N ALA C 198 -39.08 -0.13 -32.25
CA ALA C 198 -37.94 0.44 -32.96
C ALA C 198 -38.11 1.93 -33.23
N SER C 199 -39.35 2.44 -33.21
CA SER C 199 -39.56 3.86 -33.45
C SER C 199 -38.98 4.71 -32.33
N VAL C 200 -38.81 4.14 -31.14
CA VAL C 200 -38.27 4.87 -30.00
C VAL C 200 -36.77 5.03 -30.18
N PRO C 201 -36.24 6.25 -30.19
CA PRO C 201 -34.79 6.43 -30.31
C PRO C 201 -34.04 5.81 -29.14
N GLY C 202 -32.85 5.30 -29.42
CA GLY C 202 -32.03 4.70 -28.40
C GLY C 202 -31.72 3.24 -28.65
N GLU C 203 -30.67 2.74 -28.03
CA GLU C 203 -30.30 1.33 -28.17
C GLU C 203 -31.21 0.48 -27.31
N GLY C 204 -31.17 -0.84 -27.55
CA GLY C 204 -32.06 -1.74 -26.83
C GLY C 204 -31.87 -1.68 -25.33
N GLU C 205 -30.69 -2.07 -24.84
CA GLU C 205 -30.44 -2.04 -23.41
C GLU C 205 -30.47 -0.62 -22.86
N HIS C 206 -30.07 0.36 -23.67
CA HIS C 206 -30.05 1.74 -23.19
C HIS C 206 -31.43 2.21 -22.76
N LYS C 207 -32.49 1.67 -23.38
CA LYS C 207 -33.84 1.96 -22.93
C LYS C 207 -34.07 1.41 -21.54
N ILE C 208 -33.62 0.18 -21.29
CA ILE C 208 -33.80 -0.44 -19.97
C ILE C 208 -33.04 0.35 -18.92
N MET C 209 -31.80 0.73 -19.22
CA MET C 209 -30.98 1.43 -18.24
C MET C 209 -31.56 2.79 -17.87
N SER C 210 -32.00 3.56 -18.87
CA SER C 210 -32.59 4.85 -18.59
C SER C 210 -33.88 4.71 -17.78
N TYR C 211 -34.63 3.63 -18.02
CA TYR C 211 -35.90 3.45 -17.32
C TYR C 211 -35.67 3.19 -15.82
N VAL C 212 -34.69 2.35 -15.49
CA VAL C 212 -34.44 2.04 -14.08
C VAL C 212 -33.95 3.27 -13.33
N ARG C 213 -33.12 4.09 -13.98
CA ARG C 213 -32.65 5.31 -13.35
C ARG C 213 -33.79 6.27 -13.06
N SER C 214 -34.76 6.35 -13.98
CA SER C 214 -35.91 7.21 -13.75
C SER C 214 -36.71 6.75 -12.55
N LEU C 215 -36.82 5.44 -12.34
CA LEU C 215 -37.50 4.91 -11.17
C LEU C 215 -36.79 5.29 -9.88
N ARG C 216 -35.48 5.55 -9.93
CA ARG C 216 -34.75 5.92 -8.72
C ARG C 216 -34.87 7.39 -8.39
N SER C 217 -35.32 8.22 -9.33
CA SER C 217 -35.52 9.63 -9.05
C SER C 217 -36.83 9.93 -8.35
N SER C 218 -37.73 8.95 -8.27
CA SER C 218 -38.97 9.13 -7.54
C SER C 218 -38.73 8.83 -6.06
N PRO C 219 -38.99 9.79 -5.16
CA PRO C 219 -38.71 9.54 -3.73
C PRO C 219 -39.51 8.41 -3.13
N LYS C 220 -40.64 8.04 -3.72
CA LYS C 220 -41.49 6.98 -3.20
C LYS C 220 -41.05 5.60 -3.65
N HIS C 221 -39.95 5.48 -4.39
CA HIS C 221 -39.56 4.21 -4.98
C HIS C 221 -39.25 3.18 -3.89
N ASP C 222 -39.77 1.98 -4.08
CA ASP C 222 -39.49 0.88 -3.15
C ASP C 222 -38.09 0.35 -3.40
N PRO C 223 -37.21 0.34 -2.40
CA PRO C 223 -35.84 -0.14 -2.60
C PRO C 223 -35.67 -1.65 -2.59
N ASN C 224 -36.76 -2.42 -2.67
CA ASN C 224 -36.67 -3.87 -2.67
C ASN C 224 -37.45 -4.48 -3.84
N THR C 225 -37.55 -3.76 -4.95
CA THR C 225 -38.20 -4.28 -6.15
C THR C 225 -37.19 -5.11 -6.91
N THR C 226 -37.22 -6.42 -6.69
CA THR C 226 -36.31 -7.32 -7.40
C THR C 226 -36.53 -7.23 -8.90
N HIS C 227 -35.45 -7.13 -9.66
CA HIS C 227 -35.49 -7.01 -11.10
C HIS C 227 -35.00 -8.31 -11.75
N CYS C 228 -35.17 -8.36 -13.06
CA CYS C 228 -34.62 -9.44 -13.88
C CYS C 228 -34.64 -8.99 -15.33
N ILE C 229 -33.51 -9.14 -16.01
CA ILE C 229 -33.39 -8.75 -17.42
C ILE C 229 -32.86 -9.94 -18.19
N TYR C 230 -33.46 -10.22 -19.35
CA TYR C 230 -33.07 -11.34 -20.19
C TYR C 230 -32.30 -10.80 -21.39
N GLY C 231 -31.14 -11.38 -21.65
CA GLY C 231 -30.31 -10.94 -22.76
C GLY C 231 -29.14 -11.87 -22.96
N LEU C 232 -28.38 -11.59 -24.01
CA LEU C 232 -27.23 -12.40 -24.39
C LEU C 232 -25.90 -11.69 -24.29
N ALA C 233 -25.85 -10.38 -24.55
CA ALA C 233 -24.60 -9.65 -24.53
C ALA C 233 -23.96 -9.69 -23.14
N ALA C 234 -22.62 -9.75 -23.12
CA ALA C 234 -21.90 -9.80 -21.86
C ALA C 234 -21.88 -8.47 -21.13
N ALA C 235 -22.18 -7.37 -21.83
CA ALA C 235 -22.25 -6.07 -21.17
C ALA C 235 -23.35 -6.01 -20.12
N LEU C 236 -24.34 -6.90 -20.20
CA LEU C 236 -25.45 -6.85 -19.26
C LEU C 236 -25.01 -7.16 -17.84
N ILE C 237 -23.96 -7.96 -17.68
CA ILE C 237 -23.47 -8.27 -16.33
C ILE C 237 -22.93 -7.01 -15.67
N PHE C 238 -22.14 -6.23 -16.40
CA PHE C 238 -21.64 -4.97 -15.86
C PHE C 238 -22.78 -3.98 -15.64
N LEU C 239 -23.67 -3.86 -16.62
CA LEU C 239 -24.75 -2.88 -16.54
C LEU C 239 -25.74 -3.19 -15.44
N GLY C 240 -25.84 -4.45 -15.01
CA GLY C 240 -26.67 -4.75 -13.86
C GLY C 240 -26.12 -4.12 -12.59
N LEU C 241 -24.80 -4.05 -12.48
CA LEU C 241 -24.17 -3.40 -11.34
C LEU C 241 -24.21 -1.89 -11.45
N ALA C 242 -24.40 -1.34 -12.65
CA ALA C 242 -24.48 0.11 -12.81
C ALA C 242 -25.70 0.68 -12.10
N THR C 243 -26.84 -0.01 -12.18
CA THR C 243 -28.04 0.45 -11.50
C THR C 243 -27.87 0.48 -9.99
N HIS C 244 -26.94 -0.31 -9.45
CA HIS C 244 -26.73 -0.41 -8.01
C HIS C 244 -28.00 -0.86 -7.29
N GLU C 245 -28.73 -1.78 -7.93
CA GLU C 245 -29.87 -2.41 -7.29
C GLU C 245 -29.46 -3.81 -6.87
N PRO C 246 -29.23 -4.05 -5.58
CA PRO C 246 -28.71 -5.37 -5.15
C PRO C 246 -29.60 -6.53 -5.55
N HIS C 247 -30.91 -6.35 -5.51
CA HIS C 247 -31.84 -7.42 -5.84
C HIS C 247 -32.01 -7.45 -7.36
N PHE C 248 -31.00 -8.01 -8.03
CA PHE C 248 -30.96 -8.06 -9.48
C PHE C 248 -30.57 -9.46 -9.92
N LYS C 249 -30.89 -9.79 -11.16
CA LYS C 249 -30.52 -11.07 -11.74
C LYS C 249 -30.64 -10.97 -13.25
N ILE C 250 -29.98 -11.90 -13.94
CA ILE C 250 -30.00 -11.95 -15.40
C ILE C 250 -30.37 -13.37 -15.82
N LEU C 251 -31.19 -13.49 -16.86
CA LEU C 251 -31.66 -14.77 -17.36
C LEU C 251 -31.12 -14.99 -18.77
N ARG C 252 -30.49 -16.14 -18.97
CA ARG C 252 -30.00 -16.54 -20.29
C ARG C 252 -29.89 -18.05 -20.34
N GLU C 253 -29.96 -18.59 -21.55
CA GLU C 253 -29.85 -20.03 -21.74
C GLU C 253 -28.39 -20.47 -21.63
N ASP C 254 -28.19 -21.71 -21.23
CA ASP C 254 -26.84 -22.26 -21.06
C ASP C 254 -26.16 -22.33 -22.42
N VAL C 255 -25.06 -21.59 -22.57
CA VAL C 255 -24.35 -21.56 -23.84
C VAL C 255 -23.66 -22.89 -24.12
N PHE C 256 -23.12 -23.53 -23.08
CA PHE C 256 -22.37 -24.77 -23.23
C PHE C 256 -23.23 -26.00 -22.99
N ALA C 257 -24.52 -25.91 -23.27
CA ALA C 257 -25.42 -27.05 -23.09
C ALA C 257 -25.18 -28.10 -24.17
N LYS C 283 -36.46 -29.20 -24.24
CA LYS C 283 -36.47 -27.85 -23.66
C LYS C 283 -35.05 -27.37 -23.40
N THR C 284 -34.75 -26.17 -23.88
CA THR C 284 -33.42 -25.60 -23.69
C THR C 284 -33.23 -25.20 -22.23
N PRO C 285 -32.13 -25.61 -21.60
CA PRO C 285 -31.88 -25.17 -20.22
C PRO C 285 -31.52 -23.70 -20.17
N PHE C 286 -31.74 -23.11 -19.00
CA PHE C 286 -31.48 -21.69 -18.78
C PHE C 286 -30.67 -21.52 -17.50
N LEU C 287 -29.90 -20.44 -17.45
CA LEU C 287 -28.98 -20.17 -16.36
C LEU C 287 -29.37 -18.87 -15.67
N TRP C 288 -29.56 -18.95 -14.35
CA TRP C 288 -29.69 -17.74 -13.54
C TRP C 288 -28.32 -17.15 -13.29
N LEU C 289 -28.25 -15.81 -13.29
CA LEU C 289 -27.01 -15.08 -13.07
C LEU C 289 -27.28 -14.05 -11.99
N HIS C 290 -27.10 -14.45 -10.73
CA HIS C 290 -27.46 -13.62 -9.59
C HIS C 290 -26.41 -12.54 -9.38
N LEU C 291 -26.79 -11.29 -9.61
CA LEU C 291 -25.87 -10.18 -9.38
C LEU C 291 -25.64 -9.93 -7.90
N ASN C 292 -26.63 -10.20 -7.06
CA ASN C 292 -26.44 -10.03 -5.62
C ASN C 292 -25.32 -10.94 -5.11
N ILE C 293 -25.22 -12.16 -5.65
CA ILE C 293 -24.10 -13.03 -5.31
C ILE C 293 -22.79 -12.41 -5.76
N LEU C 294 -22.75 -11.89 -6.99
CA LEU C 294 -21.54 -11.29 -7.51
C LEU C 294 -21.07 -10.12 -6.66
N ARG C 295 -22.01 -9.33 -6.14
CA ARG C 295 -21.63 -8.19 -5.31
C ARG C 295 -20.93 -8.63 -4.03
N GLU C 296 -21.20 -9.85 -3.56
CA GLU C 296 -20.52 -10.37 -2.38
C GLU C 296 -19.05 -10.66 -2.69
N TYR C 297 -18.78 -11.25 -3.86
CA TYR C 297 -17.40 -11.41 -4.32
C TYR C 297 -16.69 -10.07 -4.41
N LEU C 298 -17.30 -9.10 -5.10
CA LEU C 298 -16.63 -7.84 -5.39
C LEU C 298 -16.30 -7.07 -4.11
N GLN C 299 -17.24 -7.02 -3.16
CA GLN C 299 -16.97 -6.32 -1.92
C GLN C 299 -15.94 -7.03 -1.05
N ILE C 300 -15.61 -8.27 -1.38
CA ILE C 300 -14.50 -8.98 -0.72
C ILE C 300 -13.21 -8.81 -1.51
N GLU C 301 -13.27 -9.03 -2.82
CA GLU C 301 -12.08 -8.92 -3.67
C GLU C 301 -11.54 -7.51 -3.67
N LEU C 302 -12.42 -6.50 -3.76
CA LEU C 302 -12.00 -5.12 -3.90
C LEU C 302 -11.77 -4.43 -2.56
N ASN C 303 -11.91 -5.15 -1.45
CA ASN C 303 -11.68 -4.59 -0.12
C ASN C 303 -10.19 -4.72 0.20
N VAL C 304 -9.44 -3.67 -0.12
CA VAL C 304 -8.00 -3.64 0.13
C VAL C 304 -7.74 -2.79 1.37
N PRO C 305 -6.70 -3.08 2.14
CA PRO C 305 -6.47 -2.29 3.37
C PRO C 305 -5.62 -1.06 3.13
N GLY C 306 -5.43 -0.27 4.18
CA GLY C 306 -4.55 0.89 4.13
C GLY C 306 -4.99 1.99 3.18
N LEU C 307 -6.26 2.37 3.22
CA LEU C 307 -6.81 3.39 2.36
C LEU C 307 -6.86 4.73 3.10
N SER C 308 -6.36 5.78 2.45
CA SER C 308 -6.41 7.12 3.00
C SER C 308 -7.82 7.69 3.06
N PHE C 309 -8.78 7.07 2.38
CA PHE C 309 -10.17 7.49 2.39
C PHE C 309 -11.04 6.30 2.74
N PRO C 310 -12.22 6.55 3.32
CA PRO C 310 -13.08 5.43 3.73
C PRO C 310 -13.49 4.55 2.56
N PHE C 311 -13.58 3.25 2.82
CA PHE C 311 -13.95 2.29 1.79
C PHE C 311 -15.40 2.51 1.37
N ASP C 312 -15.66 2.35 0.07
CA ASP C 312 -17.01 2.53 -0.47
C ASP C 312 -17.15 1.56 -1.64
N LEU C 313 -17.80 0.42 -1.37
CA LEU C 313 -17.96 -0.60 -2.40
C LEU C 313 -18.77 -0.08 -3.58
N GLU C 314 -19.69 0.86 -3.34
CA GLU C 314 -20.47 1.44 -4.43
C GLU C 314 -19.56 2.14 -5.45
N LYS C 315 -18.61 2.93 -4.96
CA LYS C 315 -17.65 3.54 -5.87
C LYS C 315 -16.64 2.53 -6.39
N SER C 316 -16.35 1.50 -5.59
CA SER C 316 -15.46 0.44 -6.05
C SER C 316 -16.04 -0.29 -7.25
N ILE C 317 -17.34 -0.58 -7.22
CA ILE C 317 -17.99 -1.21 -8.35
C ILE C 317 -17.92 -0.32 -9.58
N ASP C 318 -18.13 0.99 -9.39
CA ASP C 318 -18.06 1.92 -10.51
C ASP C 318 -16.68 1.91 -11.14
N ASP C 319 -15.62 1.92 -10.33
CA ASP C 319 -14.27 1.80 -10.86
C ASP C 319 -14.05 0.43 -11.48
N TRP C 320 -14.57 -0.63 -10.85
CA TRP C 320 -14.34 -1.98 -11.34
C TRP C 320 -14.95 -2.18 -12.73
N VAL C 321 -16.17 -1.71 -12.93
CA VAL C 321 -16.79 -1.82 -14.25
C VAL C 321 -16.15 -0.85 -15.24
N PHE C 322 -15.46 0.18 -14.74
CA PHE C 322 -14.77 1.10 -15.64
C PHE C 322 -13.58 0.43 -16.31
N ILE C 323 -12.75 -0.27 -15.52
CA ILE C 323 -11.58 -0.92 -16.07
C ILE C 323 -11.96 -2.07 -17.00
N CYS C 324 -13.17 -2.62 -16.85
CA CYS C 324 -13.63 -3.65 -17.75
C CYS C 324 -13.98 -3.11 -19.14
N PHE C 325 -13.88 -1.80 -19.34
CA PHE C 325 -14.22 -1.20 -20.62
C PHE C 325 -13.00 -0.77 -21.41
N PHE C 326 -11.79 -0.89 -20.84
CA PHE C 326 -10.58 -0.86 -21.64
C PHE C 326 -10.32 -2.22 -22.28
N CYS C 327 -10.49 -3.28 -21.50
CA CYS C 327 -10.24 -4.63 -22.00
C CYS C 327 -11.13 -4.96 -23.19
N GLY C 328 -12.39 -4.52 -23.15
CA GLY C 328 -13.27 -4.78 -24.26
C GLY C 328 -14.62 -4.10 -24.17
N ASN C 329 -15.03 -3.44 -25.25
CA ASN C 329 -16.34 -2.83 -25.36
C ASN C 329 -16.74 -2.85 -26.84
N ASP C 330 -17.82 -2.14 -27.18
CA ASP C 330 -18.34 -2.14 -28.53
C ASP C 330 -18.33 -0.76 -29.17
N PHE C 331 -17.47 0.14 -28.70
CA PHE C 331 -17.41 1.48 -29.27
C PHE C 331 -15.98 1.89 -29.59
N LEU C 332 -15.01 1.32 -28.87
CA LEU C 332 -13.61 1.66 -29.08
C LEU C 332 -12.78 0.39 -29.18
N PRO C 333 -11.86 0.33 -30.15
CA PRO C 333 -10.96 -0.83 -30.23
C PRO C 333 -10.09 -0.95 -29.00
N HIS C 334 -9.81 -2.20 -28.62
CA HIS C 334 -9.02 -2.46 -27.43
C HIS C 334 -7.58 -2.01 -27.63
N LEU C 335 -6.90 -1.75 -26.51
CA LEU C 335 -5.51 -1.36 -26.56
C LEU C 335 -4.67 -2.51 -27.12
N PRO C 336 -3.60 -2.21 -27.85
CA PRO C 336 -2.81 -3.27 -28.48
C PRO C 336 -2.22 -4.26 -27.50
N SER C 337 -2.03 -3.87 -26.24
CA SER C 337 -1.47 -4.75 -25.22
C SER C 337 -2.54 -5.38 -24.34
N LEU C 338 -3.81 -5.31 -24.75
CA LEU C 338 -4.91 -5.81 -23.95
C LEU C 338 -5.73 -6.82 -24.74
N ASP C 339 -6.02 -7.97 -24.14
CA ASP C 339 -6.83 -9.00 -24.76
C ASP C 339 -7.67 -9.67 -23.68
N VAL C 340 -8.98 -9.75 -23.92
CA VAL C 340 -9.89 -10.29 -22.90
C VAL C 340 -9.55 -11.75 -22.60
N ARG C 341 -9.32 -12.55 -23.65
CA ARG C 341 -9.00 -13.96 -23.46
C ARG C 341 -7.65 -14.16 -22.79
N ASP C 342 -6.78 -13.14 -22.80
CA ASP C 342 -5.51 -13.18 -22.10
C ASP C 342 -5.61 -12.73 -20.65
N ASN C 343 -6.81 -12.74 -20.08
CA ASN C 343 -7.04 -12.38 -18.69
C ASN C 343 -6.58 -10.95 -18.39
N SER C 344 -6.78 -10.06 -19.37
CA SER C 344 -6.36 -8.67 -19.20
C SER C 344 -7.13 -7.97 -18.10
N ILE C 345 -8.37 -8.40 -17.83
CA ILE C 345 -9.15 -7.77 -16.77
C ILE C 345 -8.48 -7.97 -15.42
N THR C 346 -7.89 -9.14 -15.20
CA THR C 346 -7.11 -9.36 -13.99
C THR C 346 -5.88 -8.48 -13.94
N THR C 347 -5.27 -8.21 -15.11
CA THR C 347 -4.11 -7.33 -15.15
C THR C 347 -4.46 -5.94 -14.65
N LEU C 348 -5.58 -5.39 -15.10
CA LEU C 348 -5.96 -4.03 -14.71
C LEU C 348 -6.32 -3.95 -13.23
N VAL C 349 -7.13 -4.89 -12.75
CA VAL C 349 -7.58 -4.82 -11.36
C VAL C 349 -6.40 -5.02 -10.41
N THR C 350 -5.45 -5.88 -10.79
CA THR C 350 -4.21 -6.01 -10.02
C THR C 350 -3.46 -4.68 -10.01
N ILE C 351 -3.32 -4.04 -11.17
CA ILE C 351 -2.70 -2.73 -11.24
C ILE C 351 -3.52 -1.72 -10.46
N TRP C 352 -4.85 -1.80 -10.56
CA TRP C 352 -5.72 -0.82 -9.92
C TRP C 352 -5.57 -0.84 -8.40
N LYS C 353 -5.50 -2.04 -7.81
CA LYS C 353 -5.43 -2.12 -6.36
C LYS C 353 -4.07 -1.74 -5.82
N GLN C 354 -2.99 -2.00 -6.58
CA GLN C 354 -1.66 -1.60 -6.16
C GLN C 354 -1.56 -0.08 -6.06
N ILE C 355 -2.07 0.63 -7.06
CA ILE C 355 -1.95 2.08 -7.10
C ILE C 355 -3.01 2.78 -6.26
N LEU C 356 -4.12 2.11 -5.94
CA LEU C 356 -5.25 2.74 -5.27
C LEU C 356 -4.90 3.48 -3.98
N PRO C 357 -4.11 2.92 -3.06
CA PRO C 357 -3.82 3.67 -1.82
C PRO C 357 -3.16 5.01 -2.06
N THR C 358 -2.37 5.14 -3.12
CA THR C 358 -1.62 6.38 -3.35
C THR C 358 -2.56 7.56 -3.61
N MET C 359 -3.60 7.36 -4.42
CA MET C 359 -4.45 8.48 -4.79
C MET C 359 -5.33 8.94 -3.63
N LYS C 360 -5.89 10.13 -3.78
CA LYS C 360 -6.81 10.71 -2.81
C LYS C 360 -8.27 10.44 -3.15
N GLY C 361 -8.55 9.74 -4.23
CA GLY C 361 -9.92 9.48 -4.62
C GLY C 361 -9.99 8.37 -5.65
N TYR C 362 -11.22 7.99 -5.98
CA TYR C 362 -11.46 6.93 -6.94
C TYR C 362 -11.33 7.45 -8.37
N LEU C 363 -11.29 6.51 -9.32
CA LEU C 363 -11.07 6.86 -10.72
C LEU C 363 -12.23 7.67 -11.28
N THR C 364 -13.47 7.30 -10.95
CA THR C 364 -14.63 7.98 -11.47
C THR C 364 -15.68 8.12 -10.38
N THR C 365 -16.54 9.13 -10.54
CA THR C 365 -17.62 9.40 -9.60
C THR C 365 -18.89 9.67 -10.41
N ASP C 366 -19.88 8.79 -10.26
CA ASP C 366 -21.16 8.91 -10.96
C ASP C 366 -20.97 9.03 -12.46
N GLY C 367 -20.00 8.29 -12.99
CA GLY C 367 -19.75 8.29 -14.42
C GLY C 367 -18.90 9.44 -14.93
N TYR C 368 -18.31 10.23 -14.05
CA TYR C 368 -17.45 11.34 -14.46
C TYR C 368 -16.01 11.00 -14.11
N LEU C 369 -15.12 11.16 -15.09
CA LEU C 369 -13.74 10.71 -14.95
C LEU C 369 -12.95 11.64 -14.03
N ASN C 370 -11.86 11.10 -13.48
CA ASN C 370 -10.85 11.87 -12.76
C ASN C 370 -9.56 11.68 -13.54
N LEU C 371 -9.30 12.61 -14.47
CA LEU C 371 -8.16 12.47 -15.37
C LEU C 371 -6.82 12.27 -14.68
N PRO C 372 -6.47 12.97 -13.59
CA PRO C 372 -5.23 12.63 -12.90
C PRO C 372 -5.18 11.20 -12.41
N ALA C 373 -6.31 10.65 -11.97
CA ALA C 373 -6.32 9.29 -11.44
C ALA C 373 -6.09 8.26 -12.55
N VAL C 374 -6.82 8.40 -13.67
CA VAL C 374 -6.67 7.45 -14.76
C VAL C 374 -5.29 7.59 -15.40
N GLU C 375 -4.75 8.81 -15.48
CA GLU C 375 -3.40 9.00 -15.98
C GLU C 375 -2.40 8.18 -15.20
N ARG C 376 -2.54 8.13 -13.87
CA ARG C 376 -1.67 7.31 -13.05
C ARG C 376 -1.94 5.82 -13.25
N LEU C 377 -3.19 5.43 -13.44
CA LEU C 377 -3.54 4.01 -13.51
C LEU C 377 -2.74 3.30 -14.60
N LEU C 378 -2.92 3.70 -15.85
CA LEU C 378 -2.25 3.05 -16.97
C LEU C 378 -0.76 3.38 -17.05
N ALA C 379 -0.26 4.28 -16.21
CA ALA C 379 1.16 4.59 -16.20
C ALA C 379 1.99 3.34 -15.92
N GLU C 380 1.65 2.61 -14.85
CA GLU C 380 2.32 1.36 -14.58
C GLU C 380 1.94 0.27 -15.57
N LEU C 381 0.81 0.42 -16.27
CA LEU C 381 0.52 -0.47 -17.39
C LEU C 381 1.45 -0.17 -18.56
N ALA C 382 1.81 1.10 -18.75
CA ALA C 382 2.79 1.48 -19.75
C ALA C 382 4.19 0.99 -19.42
N LYS C 383 4.39 0.36 -18.28
CA LYS C 383 5.66 -0.25 -17.91
C LYS C 383 5.61 -1.78 -17.92
N LYS C 384 4.62 -2.35 -18.61
CA LYS C 384 4.42 -3.80 -18.57
C LYS C 384 4.26 -4.39 -19.97
N GLU C 385 3.81 -3.59 -20.93
CA GLU C 385 3.51 -4.11 -22.26
C GLU C 385 4.75 -4.69 -22.93
N ASP C 386 5.93 -4.15 -22.61
CA ASP C 386 7.16 -4.72 -23.13
C ASP C 386 7.28 -6.19 -22.72
N TYR C 387 7.02 -6.48 -21.45
CA TYR C 387 6.98 -7.86 -20.99
C TYR C 387 5.80 -8.61 -21.62
N ILE C 388 4.68 -7.93 -21.84
CA ILE C 388 3.51 -8.57 -22.43
C ILE C 388 3.78 -8.94 -23.88
N PHE C 389 4.33 -8.00 -24.65
CA PHE C 389 4.63 -8.28 -26.05
C PHE C 389 5.65 -9.42 -26.18
N ARG C 390 6.65 -9.43 -25.30
CA ARG C 390 7.60 -10.54 -25.29
C ARG C 390 6.92 -11.86 -24.96
N LYS C 391 6.00 -11.84 -23.99
CA LYS C 391 5.30 -13.07 -23.63
C LYS C 391 4.41 -13.57 -24.76
N ARG C 392 3.73 -12.65 -25.46
CA ARG C 392 2.89 -13.06 -26.58
C ARG C 392 3.71 -13.74 -27.67
N TYR C 393 4.80 -13.10 -28.10
CA TYR C 393 5.63 -13.67 -29.15
C TYR C 393 6.26 -14.98 -28.72
N GLU C 394 6.73 -15.05 -27.47
CA GLU C 394 7.33 -16.28 -26.96
C GLU C 394 6.31 -17.41 -26.92
N ASP C 395 5.15 -17.15 -26.32
CA ASP C 395 4.12 -18.18 -26.20
C ASP C 395 3.58 -18.58 -27.57
N GLU C 396 3.42 -17.61 -28.48
CA GLU C 396 2.98 -17.94 -29.83
C GLU C 396 3.98 -18.86 -30.53
N LYS C 397 5.28 -18.57 -30.40
CA LYS C 397 6.29 -19.49 -30.92
C LYS C 397 6.24 -20.82 -30.19
N ARG C 398 6.12 -20.78 -28.86
CA ARG C 398 6.02 -22.02 -28.09
C ARG C 398 4.80 -22.83 -28.53
N SER C 399 3.70 -22.15 -28.86
CA SER C 399 2.53 -22.84 -29.37
C SER C 399 2.74 -23.35 -30.80
N LEU C 400 3.67 -22.74 -31.54
CA LEU C 400 3.86 -23.12 -32.94
C LEU C 400 4.37 -24.55 -33.06
N GLU C 401 5.42 -24.90 -32.31
CA GLU C 401 5.95 -26.25 -32.38
C GLU C 401 5.25 -27.24 -31.47
N ASN C 402 4.23 -26.80 -30.73
CA ASN C 402 3.48 -27.73 -29.88
C ASN C 402 2.81 -28.82 -30.72
N GLN C 403 2.12 -28.43 -31.78
CA GLN C 403 1.54 -29.42 -32.68
C GLN C 403 2.58 -29.98 -33.66
N LYS C 404 3.72 -29.30 -33.83
CA LYS C 404 4.78 -29.84 -34.67
C LYS C 404 5.55 -30.94 -33.95
N ARG C 405 5.73 -30.82 -32.64
CA ARG C 405 6.42 -31.85 -31.87
C ARG C 405 5.54 -33.05 -31.55
N ARG C 406 4.23 -32.93 -31.72
CA ARG C 406 3.31 -34.03 -31.41
C ARG C 406 2.42 -34.32 -32.61
N GLU C 533 6.42 -9.25 -38.10
CA GLU C 533 6.80 -8.97 -39.49
C GLU C 533 7.04 -7.48 -39.70
N GLU C 534 5.96 -6.75 -39.99
CA GLU C 534 6.08 -5.31 -40.21
C GLU C 534 6.56 -4.59 -38.96
N ILE C 535 6.04 -4.99 -37.80
CA ILE C 535 6.26 -4.27 -36.55
C ILE C 535 7.22 -5.01 -35.63
N ARG C 536 6.99 -6.31 -35.43
CA ARG C 536 7.76 -7.12 -34.48
C ARG C 536 7.66 -6.53 -33.07
N LEU C 537 6.43 -6.62 -32.53
CA LEU C 537 6.12 -6.02 -31.24
C LEU C 537 7.08 -6.48 -30.14
N TRP C 538 7.56 -7.72 -30.22
CA TRP C 538 8.50 -8.20 -29.22
C TRP C 538 9.82 -7.43 -29.27
N GLU C 539 10.29 -7.09 -30.47
CA GLU C 539 11.53 -6.35 -30.58
C GLU C 539 11.33 -4.91 -30.10
N PRO C 540 12.35 -4.32 -29.48
CA PRO C 540 12.22 -2.96 -28.94
C PRO C 540 12.08 -1.93 -30.05
N GLY C 541 11.67 -0.73 -29.64
CA GLY C 541 11.44 0.34 -30.59
C GLY C 541 10.21 0.18 -31.44
N TYR C 542 9.28 -0.71 -31.06
CA TYR C 542 8.11 -0.99 -31.88
C TYR C 542 7.23 0.24 -32.07
N ARG C 543 7.30 1.21 -31.16
CA ARG C 543 6.43 2.38 -31.24
C ARG C 543 6.63 3.14 -32.54
N LYS C 544 7.89 3.26 -32.99
CA LYS C 544 8.15 3.94 -34.26
C LYS C 544 7.56 3.15 -35.42
N ARG C 545 7.80 1.84 -35.47
CA ARG C 545 7.28 1.03 -36.57
C ARG C 545 5.76 1.02 -36.58
N TYR C 546 5.14 0.93 -35.39
CA TYR C 546 3.69 0.77 -35.32
C TYR C 546 2.98 1.95 -35.98
N TYR C 547 3.33 3.17 -35.58
CA TYR C 547 2.66 4.34 -36.15
C TYR C 547 3.10 4.61 -37.58
N GLU C 548 4.35 4.26 -37.92
CA GLU C 548 4.82 4.49 -39.28
C GLU C 548 4.12 3.55 -40.26
N THR C 549 4.08 2.25 -39.95
CA THR C 549 3.49 1.28 -40.86
C THR C 549 1.98 1.46 -40.97
N LYS C 550 1.30 1.60 -39.82
CA LYS C 550 -0.15 1.68 -39.82
C LYS C 550 -0.70 2.94 -40.47
N PHE C 551 0.15 3.94 -40.72
CA PHE C 551 -0.29 5.19 -41.33
C PHE C 551 0.44 5.54 -42.61
N HIS C 552 1.34 4.67 -43.08
CA HIS C 552 2.00 4.84 -44.38
C HIS C 552 2.75 6.18 -44.47
N THR C 553 3.38 6.57 -43.36
CA THR C 553 4.21 7.76 -43.35
C THR C 553 5.27 7.60 -42.26
N LYS C 554 6.36 8.36 -42.40
CA LYS C 554 7.46 8.24 -41.45
C LYS C 554 8.02 9.59 -41.03
N ASP C 555 7.30 10.67 -41.25
CA ASP C 555 7.73 11.98 -40.76
C ASP C 555 7.53 12.04 -39.25
N PRO C 556 8.58 12.29 -38.46
CA PRO C 556 8.41 12.29 -37.00
C PRO C 556 7.39 13.29 -36.50
N GLN C 557 7.29 14.46 -37.14
CA GLN C 557 6.29 15.43 -36.74
C GLN C 557 4.88 14.91 -37.02
N LYS C 558 4.68 14.27 -38.17
CA LYS C 558 3.37 13.70 -38.49
C LYS C 558 2.99 12.61 -37.50
N VAL C 559 3.94 11.75 -37.13
CA VAL C 559 3.67 10.72 -36.14
C VAL C 559 3.32 11.34 -34.80
N LYS C 560 4.07 12.37 -34.39
CA LYS C 560 3.80 13.03 -33.12
C LYS C 560 2.43 13.69 -33.14
N LYS C 561 2.05 14.30 -34.27
CA LYS C 561 0.72 14.91 -34.36
C LYS C 561 -0.37 13.85 -34.27
N ILE C 562 -0.22 12.75 -35.00
CA ILE C 562 -1.23 11.70 -35.00
C ILE C 562 -1.30 11.03 -33.63
N ALA C 563 -0.15 10.62 -33.10
CA ALA C 563 -0.14 9.86 -31.86
C ALA C 563 -0.62 10.69 -30.67
N ARG C 564 -0.57 12.01 -30.78
CA ARG C 564 -1.12 12.85 -29.72
C ARG C 564 -2.61 13.08 -29.92
N ASN C 565 -3.04 13.23 -31.17
CA ASN C 565 -4.46 13.34 -31.46
C ASN C 565 -5.23 12.07 -31.11
N MET C 566 -4.57 10.91 -31.14
CA MET C 566 -5.24 9.67 -30.77
C MET C 566 -5.66 9.68 -29.30
N VAL C 567 -4.77 10.17 -28.44
CA VAL C 567 -5.07 10.19 -27.00
C VAL C 567 -6.28 11.07 -26.71
N GLN C 568 -6.36 12.24 -27.35
CA GLN C 568 -7.47 13.14 -27.10
C GLN C 568 -8.80 12.50 -27.51
N LYS C 569 -8.82 11.84 -28.67
CA LYS C 569 -10.05 11.19 -29.12
C LYS C 569 -10.38 9.98 -28.25
N TYR C 570 -9.37 9.15 -27.98
CA TYR C 570 -9.62 7.91 -27.22
C TYR C 570 -10.15 8.21 -25.83
N ILE C 571 -9.61 9.23 -25.18
CA ILE C 571 -10.11 9.59 -23.85
C ILE C 571 -11.55 10.09 -23.93
N GLU C 572 -11.87 10.82 -25.00
CA GLU C 572 -13.23 11.31 -25.18
C GLU C 572 -14.23 10.15 -25.25
N GLY C 573 -13.87 9.10 -25.99
CA GLY C 573 -14.76 7.95 -26.07
C GLY C 573 -14.98 7.27 -24.74
N VAL C 574 -13.91 7.10 -23.96
CA VAL C 574 -14.04 6.47 -22.65
C VAL C 574 -14.95 7.32 -21.75
N SER C 575 -14.79 8.64 -21.80
CA SER C 575 -15.73 9.51 -21.11
C SER C 575 -17.13 9.36 -21.69
N TRP C 576 -17.24 9.31 -23.02
CA TRP C 576 -18.54 9.20 -23.65
C TRP C 576 -19.23 7.88 -23.30
N VAL C 577 -18.48 6.78 -23.33
CA VAL C 577 -19.06 5.49 -22.99
C VAL C 577 -19.49 5.46 -21.53
N LEU C 578 -18.65 5.96 -20.62
CA LEU C 578 -18.97 5.91 -19.21
C LEU C 578 -20.21 6.74 -18.90
N LEU C 579 -20.37 7.87 -19.58
CA LEU C 579 -21.61 8.63 -19.46
C LEU C 579 -22.78 7.88 -20.09
N TYR C 580 -22.52 7.17 -21.19
CA TYR C 580 -23.59 6.46 -21.88
C TYR C 580 -24.22 5.36 -21.02
N TYR C 581 -23.51 4.87 -20.00
CA TYR C 581 -24.03 3.85 -19.11
C TYR C 581 -24.49 4.39 -17.78
N TYR C 582 -24.38 5.70 -17.54
CA TYR C 582 -24.75 6.25 -16.24
C TYR C 582 -25.69 7.45 -16.38
N GLN C 583 -25.55 8.21 -17.47
CA GLN C 583 -26.33 9.43 -17.65
C GLN C 583 -27.04 9.47 -18.99
N GLY C 584 -27.26 8.32 -19.62
CA GLY C 584 -27.85 8.29 -20.93
C GLY C 584 -26.86 8.70 -22.00
N CYS C 585 -27.38 8.83 -23.22
CA CYS C 585 -26.53 9.20 -24.34
C CYS C 585 -26.09 10.66 -24.22
N PRO C 586 -24.78 10.93 -24.14
CA PRO C 586 -24.33 12.32 -24.03
C PRO C 586 -24.02 12.98 -25.36
N SER C 587 -24.03 12.23 -26.46
CA SER C 587 -23.78 12.80 -27.79
C SER C 587 -24.28 11.82 -28.82
N TRP C 588 -25.19 12.26 -29.69
CA TRP C 588 -25.75 11.41 -30.73
C TRP C 588 -24.93 11.38 -32.00
N ASN C 589 -23.88 12.20 -32.09
CA ASN C 589 -23.10 12.32 -33.31
C ASN C 589 -21.61 12.04 -33.14
N TRP C 590 -21.15 11.79 -31.93
CA TRP C 590 -19.73 11.49 -31.73
C TRP C 590 -19.39 10.11 -32.29
N TYR C 591 -18.14 9.96 -32.72
CA TYR C 591 -17.65 8.68 -33.21
C TYR C 591 -16.13 8.69 -33.14
N TYR C 592 -15.55 7.49 -33.10
CA TYR C 592 -14.10 7.33 -33.06
C TYR C 592 -13.56 7.29 -34.48
N PRO C 593 -12.75 8.26 -34.91
CA PRO C 593 -12.42 8.37 -36.34
C PRO C 593 -11.19 7.58 -36.76
N TYR C 594 -10.72 6.65 -35.94
CA TYR C 594 -9.51 5.91 -36.27
C TYR C 594 -9.69 4.43 -35.91
N HIS C 595 -9.01 3.58 -36.67
CA HIS C 595 -9.22 2.13 -36.61
C HIS C 595 -8.35 1.43 -35.58
N TYR C 596 -7.43 2.13 -34.94
CA TYR C 596 -6.50 1.49 -34.01
C TYR C 596 -6.39 2.32 -32.74
N ALA C 597 -5.98 1.65 -31.65
CA ALA C 597 -5.87 2.24 -30.33
C ALA C 597 -4.42 2.61 -30.02
N PRO C 598 -4.20 3.68 -29.27
CA PRO C 598 -2.84 4.04 -28.88
C PRO C 598 -2.27 3.06 -27.87
N PHE C 599 -0.94 3.07 -27.77
CA PHE C 599 -0.28 2.27 -26.76
C PHE C 599 -0.55 2.84 -25.37
N ALA C 600 -0.16 2.07 -24.35
CA ALA C 600 -0.35 2.52 -22.97
C ALA C 600 0.53 3.71 -22.62
N ALA C 601 1.63 3.92 -23.35
CA ALA C 601 2.55 4.99 -23.02
C ALA C 601 2.02 6.37 -23.42
N ASP C 602 1.31 6.45 -24.55
CA ASP C 602 0.96 7.75 -25.13
C ASP C 602 0.00 8.55 -24.26
N PHE C 603 -0.74 7.91 -23.35
CA PHE C 603 -1.69 8.62 -22.50
C PHE C 603 -0.93 9.36 -21.41
N VAL C 604 -0.39 10.52 -21.79
CA VAL C 604 0.29 11.42 -20.87
C VAL C 604 -0.22 12.84 -21.13
N ASN C 605 -0.03 13.70 -20.14
CA ASN C 605 -0.56 15.08 -20.17
C ASN C 605 -2.07 15.08 -20.41
N LEU C 606 -2.77 14.17 -19.73
CA LEU C 606 -4.21 14.04 -19.93
C LEU C 606 -4.97 15.26 -19.43
N SER C 607 -4.52 15.83 -18.31
CA SER C 607 -5.26 16.93 -17.69
C SER C 607 -5.39 18.14 -18.61
N GLU C 608 -4.42 18.34 -19.52
CA GLU C 608 -4.50 19.44 -20.45
C GLU C 608 -5.61 19.26 -21.48
N LEU C 609 -6.07 18.03 -21.69
CA LEU C 609 -7.11 17.78 -22.67
C LEU C 609 -8.44 18.37 -22.24
N LYS C 610 -9.25 18.79 -23.21
CA LYS C 610 -10.58 19.31 -22.97
C LYS C 610 -11.61 18.36 -23.57
N ILE C 611 -12.72 18.19 -22.87
CA ILE C 611 -13.79 17.28 -23.28
C ILE C 611 -15.08 18.08 -23.43
N GLU C 612 -15.69 17.98 -24.61
CA GLU C 612 -16.93 18.69 -24.90
C GLU C 612 -17.83 17.79 -25.74
N PHE C 613 -19.12 17.79 -25.44
CA PHE C 613 -20.09 16.99 -26.16
C PHE C 613 -21.29 17.84 -26.54
N VAL C 614 -21.90 17.48 -27.67
CA VAL C 614 -23.16 18.06 -28.12
C VAL C 614 -24.16 16.93 -28.28
N GLU C 615 -25.31 17.05 -27.63
CA GLU C 615 -26.27 15.95 -27.63
C GLU C 615 -26.83 15.72 -29.03
N GLY C 616 -27.31 16.77 -29.68
CA GLY C 616 -27.87 16.59 -31.00
C GLY C 616 -29.14 15.75 -30.98
N THR C 617 -29.51 15.27 -32.16
CA THR C 617 -30.68 14.43 -32.31
C THR C 617 -30.31 13.15 -33.06
N PRO C 618 -30.83 12.00 -32.63
CA PRO C 618 -30.54 10.76 -33.34
C PRO C 618 -31.11 10.78 -34.75
N PHE C 619 -30.47 10.03 -35.64
CA PHE C 619 -30.89 9.98 -37.04
C PHE C 619 -32.26 9.35 -37.18
N ARG C 620 -32.95 9.73 -38.26
CA ARG C 620 -34.18 9.05 -38.62
C ARG C 620 -33.88 7.61 -39.05
N PRO C 621 -34.84 6.70 -38.93
CA PRO C 621 -34.53 5.28 -39.23
C PRO C 621 -34.01 5.06 -40.63
N TYR C 622 -34.50 5.79 -41.63
CA TYR C 622 -33.99 5.64 -42.98
C TYR C 622 -32.53 6.07 -43.08
N GLU C 623 -32.17 7.18 -42.45
CA GLU C 623 -30.77 7.58 -42.41
C GLU C 623 -29.92 6.54 -41.72
N GLN C 624 -30.47 5.88 -40.70
CA GLN C 624 -29.73 4.82 -40.03
C GLN C 624 -29.57 3.59 -40.91
N LEU C 625 -30.55 3.31 -41.78
CA LEU C 625 -30.49 2.12 -42.63
C LEU C 625 -29.29 2.18 -43.58
N MET C 626 -29.33 3.09 -44.54
CA MET C 626 -28.33 3.09 -45.60
C MET C 626 -26.94 3.47 -45.11
N SER C 627 -26.83 4.01 -43.90
CA SER C 627 -25.52 4.21 -43.29
C SER C 627 -24.97 2.94 -42.67
N VAL C 628 -25.76 1.87 -42.60
CA VAL C 628 -25.27 0.58 -42.12
C VAL C 628 -25.60 -0.58 -43.05
N LEU C 629 -26.64 -0.49 -43.88
CA LEU C 629 -26.92 -1.57 -44.82
C LEU C 629 -25.91 -1.57 -45.96
N PRO C 630 -25.29 -2.71 -46.28
CA PRO C 630 -24.33 -2.75 -47.38
C PRO C 630 -25.01 -2.72 -48.74
N ALA C 631 -24.23 -2.90 -49.80
CA ALA C 631 -24.75 -2.82 -51.16
C ALA C 631 -25.63 -4.02 -51.51
N ALA C 632 -25.61 -5.09 -50.74
CA ALA C 632 -26.33 -6.31 -51.06
C ALA C 632 -27.73 -6.38 -50.45
N SER C 633 -28.17 -5.34 -49.73
CA SER C 633 -29.45 -5.35 -49.04
C SER C 633 -30.22 -4.07 -49.31
N SER C 634 -30.28 -3.66 -50.58
CA SER C 634 -31.06 -2.49 -50.95
C SER C 634 -32.56 -2.75 -50.92
N HIS C 635 -32.97 -4.02 -50.88
CA HIS C 635 -34.40 -4.34 -50.90
C HIS C 635 -35.10 -3.83 -49.65
N ASN C 636 -34.42 -3.88 -48.50
CA ASN C 636 -34.99 -3.29 -47.29
C ASN C 636 -35.17 -1.78 -47.45
N LEU C 637 -34.18 -1.12 -48.06
CA LEU C 637 -34.27 0.32 -48.27
C LEU C 637 -35.43 0.65 -49.20
N PRO C 638 -36.12 1.77 -49.00
CA PRO C 638 -37.14 2.19 -49.97
C PRO C 638 -36.56 2.39 -51.36
N ASP C 639 -37.40 2.16 -52.36
CA ASP C 639 -36.93 2.14 -53.74
C ASP C 639 -36.37 3.49 -54.18
N VAL C 640 -36.92 4.59 -53.67
CA VAL C 640 -36.48 5.92 -54.10
C VAL C 640 -35.02 6.15 -53.73
N PHE C 641 -34.64 5.77 -52.51
CA PHE C 641 -33.27 6.00 -52.04
C PHE C 641 -32.26 5.04 -52.65
N ARG C 642 -32.70 3.98 -53.33
CA ARG C 642 -31.75 3.02 -53.91
C ARG C 642 -30.86 3.66 -54.97
N SER C 643 -31.31 4.75 -55.60
CA SER C 643 -30.49 5.40 -56.62
C SER C 643 -29.21 5.96 -56.00
N LEU C 644 -29.32 6.61 -54.84
CA LEU C 644 -28.15 7.11 -54.14
C LEU C 644 -27.26 6.00 -53.60
N MET C 645 -27.73 4.75 -53.60
CA MET C 645 -26.99 3.64 -53.02
C MET C 645 -26.19 2.87 -54.08
N SER C 646 -26.80 2.56 -55.23
CA SER C 646 -26.19 1.68 -56.20
C SER C 646 -25.68 2.37 -57.45
N ASP C 647 -26.18 3.56 -57.79
CA ASP C 647 -25.76 4.22 -59.01
C ASP C 647 -24.30 4.64 -58.92
N ALA C 648 -23.58 4.47 -60.03
CA ALA C 648 -22.19 4.91 -60.07
C ALA C 648 -22.07 6.42 -60.06
N ASN C 649 -23.10 7.13 -60.51
CA ASN C 649 -23.11 8.59 -60.55
C ASN C 649 -23.67 9.16 -59.25
N SER C 650 -24.02 8.30 -58.29
CA SER C 650 -24.52 8.78 -57.01
C SER C 650 -23.48 9.65 -56.31
N GLU C 651 -23.94 10.77 -55.74
CA GLU C 651 -23.05 11.71 -55.09
C GLU C 651 -22.34 11.10 -53.89
N ILE C 652 -22.91 10.06 -53.28
CA ILE C 652 -22.33 9.43 -52.10
C ILE C 652 -21.94 7.98 -52.37
N ILE C 653 -21.69 7.63 -53.63
CA ILE C 653 -21.26 6.29 -53.96
C ILE C 653 -19.90 5.97 -53.35
N ASP C 654 -19.06 6.99 -53.11
CA ASP C 654 -17.77 6.76 -52.46
C ASP C 654 -17.93 6.14 -51.09
N PHE C 655 -19.03 6.45 -50.40
CA PHE C 655 -19.32 5.82 -49.11
C PHE C 655 -19.74 4.36 -49.25
N TYR C 656 -19.98 3.88 -50.48
CA TYR C 656 -20.44 2.52 -50.73
C TYR C 656 -19.48 1.80 -51.65
N PRO C 657 -18.38 1.26 -51.12
CA PRO C 657 -17.49 0.42 -51.92
C PRO C 657 -17.86 -1.06 -51.82
N GLU C 658 -17.86 -1.72 -52.98
CA GLU C 658 -18.17 -3.15 -53.00
C GLU C 658 -17.07 -3.96 -52.33
N GLU C 659 -15.82 -3.56 -52.48
CA GLU C 659 -14.67 -4.25 -51.91
C GLU C 659 -13.88 -3.29 -51.04
N PHE C 660 -13.31 -3.81 -49.97
CA PHE C 660 -12.53 -3.03 -49.03
C PHE C 660 -11.33 -3.84 -48.58
N PRO C 661 -10.24 -3.18 -48.18
CA PRO C 661 -9.10 -3.92 -47.64
C PRO C 661 -9.44 -4.57 -46.31
N LEU C 662 -8.80 -5.71 -46.04
CA LEU C 662 -9.00 -6.46 -44.80
C LEU C 662 -7.67 -6.46 -44.05
N ASP C 663 -7.46 -5.42 -43.23
CA ASP C 663 -6.28 -5.36 -42.38
C ASP C 663 -6.37 -6.50 -41.35
N MET C 664 -5.45 -7.46 -41.45
CA MET C 664 -5.52 -8.67 -40.64
C MET C 664 -5.41 -8.34 -39.16
N ASN C 665 -4.23 -7.91 -38.72
CA ASN C 665 -3.97 -7.49 -37.34
C ASN C 665 -4.63 -8.40 -36.31
N GLY C 666 -4.66 -9.71 -36.58
CA GLY C 666 -5.45 -10.60 -35.75
C GLY C 666 -4.83 -11.95 -35.49
N LYS C 667 -5.66 -12.92 -35.09
CA LYS C 667 -5.19 -14.23 -34.68
C LYS C 667 -4.49 -14.96 -35.82
N LYS C 668 -5.25 -15.37 -36.85
CA LYS C 668 -4.63 -15.98 -38.02
C LYS C 668 -4.90 -15.22 -39.31
N VAL C 669 -6.15 -15.09 -39.74
CA VAL C 669 -6.44 -14.44 -41.01
C VAL C 669 -7.51 -13.35 -40.93
N ILE C 670 -8.74 -13.72 -40.57
CA ILE C 670 -9.86 -12.78 -40.67
C ILE C 670 -10.75 -12.80 -39.44
N TRP C 671 -10.35 -13.56 -38.41
CA TRP C 671 -11.23 -13.70 -37.25
C TRP C 671 -11.51 -12.38 -36.57
N GLN C 672 -10.59 -11.42 -36.65
CA GLN C 672 -10.82 -10.06 -36.18
C GLN C 672 -10.29 -9.06 -37.19
N ALA C 673 -10.48 -9.34 -38.47
CA ALA C 673 -10.03 -8.44 -39.52
C ALA C 673 -10.76 -7.10 -39.43
N ILE C 674 -10.05 -6.03 -39.77
CA ILE C 674 -10.57 -4.67 -39.67
C ILE C 674 -11.05 -4.24 -41.05
N PRO C 675 -12.34 -4.09 -41.27
CA PRO C 675 -12.83 -3.62 -42.58
C PRO C 675 -12.60 -2.13 -42.77
N LEU C 676 -11.43 -1.75 -43.26
CA LEU C 676 -11.09 -0.34 -43.41
C LEU C 676 -12.03 0.32 -44.41
N LEU C 677 -12.95 1.14 -43.89
CA LEU C 677 -13.95 1.82 -44.68
C LEU C 677 -13.90 3.32 -44.39
N PRO C 678 -13.91 4.17 -45.42
CA PRO C 678 -13.98 5.61 -45.17
C PRO C 678 -15.23 5.95 -44.37
N PHE C 679 -15.05 6.77 -43.34
CA PHE C 679 -16.15 7.11 -42.45
C PHE C 679 -17.08 8.10 -43.10
N ILE C 680 -18.38 7.92 -42.86
CA ILE C 680 -19.40 8.68 -43.57
C ILE C 680 -19.39 10.12 -43.08
N ASP C 681 -19.33 11.05 -44.03
CA ASP C 681 -19.42 12.48 -43.72
C ASP C 681 -20.88 12.84 -43.48
N GLU C 682 -21.19 13.37 -42.30
CA GLU C 682 -22.58 13.66 -41.96
C GLU C 682 -23.11 14.84 -42.75
N ASN C 683 -22.32 15.91 -42.86
CA ASN C 683 -22.80 17.12 -43.54
C ASN C 683 -23.12 16.85 -45.00
N ARG C 684 -22.24 16.11 -45.69
CA ARG C 684 -22.53 15.73 -47.07
C ARG C 684 -23.71 14.78 -47.14
N LEU C 685 -23.79 13.82 -46.21
CA LEU C 685 -24.84 12.82 -46.26
C LEU C 685 -26.22 13.43 -46.04
N LEU C 686 -26.34 14.34 -45.07
CA LEU C 686 -27.66 14.87 -44.72
C LEU C 686 -28.25 15.70 -45.84
N LYS C 687 -27.42 16.37 -46.64
CA LYS C 687 -27.93 17.15 -47.77
C LYS C 687 -28.55 16.24 -48.82
N ALA C 688 -27.94 15.10 -49.09
CA ALA C 688 -28.41 14.23 -50.16
C ALA C 688 -29.70 13.52 -49.78
N VAL C 689 -29.78 12.97 -48.57
CA VAL C 689 -30.92 12.14 -48.19
C VAL C 689 -32.20 12.97 -48.12
N GLN C 690 -32.11 14.22 -47.66
CA GLN C 690 -33.31 15.04 -47.51
C GLN C 690 -33.91 15.45 -48.84
N SER C 691 -33.23 15.21 -49.96
CA SER C 691 -33.76 15.52 -51.27
C SER C 691 -34.81 14.52 -51.74
N LYS C 692 -35.01 13.42 -51.00
CA LYS C 692 -35.96 12.39 -51.39
C LYS C 692 -37.09 12.23 -50.37
N TYR C 693 -37.16 13.09 -49.35
CA TYR C 693 -38.27 13.03 -48.42
C TYR C 693 -39.59 13.33 -49.12
N ASP C 694 -39.61 14.28 -50.03
CA ASP C 694 -40.83 14.65 -50.74
C ASP C 694 -41.34 13.54 -51.64
N GLN C 695 -40.51 12.55 -51.97
CA GLN C 695 -40.86 11.50 -52.91
C GLN C 695 -41.24 10.20 -52.23
N LEU C 696 -41.45 10.20 -50.92
CA LEU C 696 -41.85 9.02 -50.19
C LEU C 696 -43.34 9.01 -49.94
N THR C 697 -43.88 7.82 -49.69
CA THR C 697 -45.30 7.66 -49.41
C THR C 697 -45.61 8.08 -47.98
N GLU C 698 -46.88 8.34 -47.72
CA GLU C 698 -47.30 8.71 -46.37
C GLU C 698 -47.11 7.56 -45.40
N ASP C 699 -47.30 6.32 -45.87
CA ASP C 699 -47.04 5.15 -45.03
C ASP C 699 -45.58 5.10 -44.60
N GLU C 700 -44.66 5.37 -45.52
CA GLU C 700 -43.24 5.38 -45.18
C GLU C 700 -42.86 6.64 -44.40
N LYS C 701 -43.51 7.77 -44.70
CA LYS C 701 -43.30 8.97 -43.90
C LYS C 701 -43.72 8.75 -42.45
N PHE C 702 -44.82 8.01 -42.26
CA PHE C 702 -45.23 7.63 -40.90
C PHE C 702 -44.15 6.80 -40.22
N ARG C 703 -43.34 6.07 -40.99
CA ARG C 703 -42.23 5.31 -40.46
C ARG C 703 -40.93 6.10 -40.39
N ASN C 704 -40.95 7.38 -40.77
CA ASN C 704 -39.77 8.23 -40.75
C ASN C 704 -39.88 9.30 -39.66
N THR C 705 -40.43 8.92 -38.51
CA THR C 705 -40.61 9.84 -37.41
C THR C 705 -40.32 9.14 -36.09
N ASN C 706 -39.62 9.83 -35.20
CA ASN C 706 -39.36 9.29 -33.87
C ASN C 706 -40.57 9.51 -32.98
N ARG C 707 -40.90 8.50 -32.18
CA ARG C 707 -42.08 8.56 -31.32
C ARG C 707 -41.74 8.17 -29.89
N SER C 708 -42.77 8.03 -29.05
CA SER C 708 -42.61 7.69 -27.65
C SER C 708 -43.22 6.33 -27.37
N GLU C 709 -42.71 5.67 -26.33
CA GLU C 709 -43.17 4.34 -25.98
C GLU C 709 -44.62 4.38 -25.52
N ILE C 710 -45.21 3.19 -25.38
CA ILE C 710 -46.62 3.07 -24.99
C ILE C 710 -46.73 2.26 -23.72
N LEU C 711 -47.95 2.06 -23.23
CA LEU C 711 -48.20 1.31 -22.02
C LEU C 711 -49.62 0.77 -22.07
N VAL C 712 -49.81 -0.45 -21.56
CA VAL C 712 -51.11 -1.09 -21.57
C VAL C 712 -51.50 -1.44 -20.14
N LEU C 713 -52.80 -1.64 -19.94
CA LEU C 713 -53.35 -1.91 -18.62
C LEU C 713 -54.47 -2.92 -18.73
N GLY C 714 -54.52 -3.86 -17.78
CA GLY C 714 -55.60 -4.81 -17.72
C GLY C 714 -56.89 -4.18 -17.22
N ARG C 715 -58.01 -4.79 -17.62
CA ARG C 715 -59.31 -4.29 -17.19
C ARG C 715 -59.46 -4.40 -15.67
N SER C 716 -58.94 -5.47 -15.09
CA SER C 716 -59.01 -5.70 -13.65
C SER C 716 -57.92 -4.98 -12.88
N HIS C 717 -57.02 -4.27 -13.55
CA HIS C 717 -55.94 -3.58 -12.87
C HIS C 717 -56.46 -2.36 -12.12
N SER C 718 -55.72 -1.94 -11.09
CA SER C 718 -56.18 -0.86 -10.22
C SER C 718 -56.32 0.45 -10.98
N HIS C 719 -55.37 0.77 -11.86
CA HIS C 719 -55.38 2.04 -12.57
C HIS C 719 -56.35 2.08 -13.75
N TYR C 720 -56.95 0.95 -14.12
CA TYR C 720 -57.92 0.97 -15.23
C TYR C 720 -59.03 1.98 -15.01
N PRO C 721 -59.69 2.06 -13.85
CA PRO C 721 -60.65 3.15 -13.66
C PRO C 721 -60.00 4.52 -13.56
N THR C 722 -58.85 4.61 -12.89
CA THR C 722 -58.23 5.91 -12.64
C THR C 722 -57.88 6.63 -13.94
N LEU C 723 -57.16 5.95 -14.84
CA LEU C 723 -56.75 6.59 -16.09
C LEU C 723 -57.94 6.92 -16.97
N VAL C 724 -58.89 5.99 -17.11
CA VAL C 724 -60.08 6.26 -17.90
C VAL C 724 -60.88 7.42 -17.31
N LYS C 725 -60.94 7.49 -15.98
CA LYS C 725 -61.60 8.62 -15.34
C LYS C 725 -60.93 9.94 -15.69
N GLU C 726 -59.60 9.95 -15.74
CA GLU C 726 -58.86 11.17 -16.04
C GLU C 726 -58.70 11.38 -17.53
N LEU C 727 -58.17 10.40 -18.25
CA LEU C 727 -57.80 10.57 -19.65
C LEU C 727 -58.95 10.32 -20.61
N TYR C 728 -60.11 9.88 -20.13
CA TYR C 728 -61.24 9.61 -21.01
C TYR C 728 -62.57 10.16 -20.52
N GLU C 729 -62.65 10.62 -19.27
CA GLU C 729 -63.86 11.24 -18.75
C GLU C 729 -63.69 12.72 -18.45
N GLU C 730 -62.54 13.12 -17.91
CA GLU C 730 -62.25 14.53 -17.68
C GLU C 730 -61.55 15.19 -18.86
N GLY C 731 -61.23 14.42 -19.90
CA GLY C 731 -60.52 14.98 -21.04
C GLY C 731 -59.14 15.52 -20.71
N LYS C 732 -58.45 14.87 -19.78
CA LYS C 732 -57.13 15.33 -19.38
C LYS C 732 -56.12 15.08 -20.50
N ASP C 733 -55.31 16.10 -20.79
CA ASP C 733 -54.27 15.94 -21.80
C ASP C 733 -53.12 15.10 -21.29
N SER C 734 -52.69 15.34 -20.05
CA SER C 734 -51.56 14.60 -19.47
C SER C 734 -51.79 14.43 -17.98
N TYR C 735 -51.54 13.22 -17.48
CA TYR C 735 -51.65 12.91 -16.06
C TYR C 735 -50.34 12.33 -15.58
N GLU C 736 -49.84 12.83 -14.45
CA GLU C 736 -48.55 12.43 -13.93
C GLU C 736 -48.70 11.31 -12.91
N PHE C 737 -47.79 10.33 -12.98
CA PHE C 737 -47.80 9.20 -12.07
C PHE C 737 -46.81 9.41 -10.93
N GLN C 738 -46.85 8.48 -9.98
CA GLN C 738 -45.82 8.28 -8.98
C GLN C 738 -45.71 6.79 -8.72
N VAL C 739 -44.96 6.42 -7.68
CA VAL C 739 -44.84 5.01 -7.35
C VAL C 739 -46.21 4.48 -6.96
N ASP C 740 -46.66 3.45 -7.67
CA ASP C 740 -48.03 2.95 -7.51
C ASP C 740 -48.03 1.44 -7.29
N SER C 741 -49.21 0.83 -7.40
CA SER C 741 -49.35 -0.60 -7.12
C SER C 741 -48.37 -1.43 -7.93
N SER C 742 -48.25 -1.15 -9.22
CA SER C 742 -47.27 -1.86 -10.04
C SER C 742 -45.86 -1.38 -9.75
N GLY C 743 -45.70 -0.10 -9.44
CA GLY C 743 -44.39 0.51 -9.28
C GLY C 743 -43.96 1.38 -10.44
N VAL C 744 -44.74 1.42 -11.52
CA VAL C 744 -44.40 2.26 -12.66
C VAL C 744 -44.50 3.74 -12.27
N SER C 745 -43.75 4.57 -12.98
CA SER C 745 -43.77 6.01 -12.75
C SER C 745 -43.60 6.71 -14.08
N GLY C 746 -43.96 7.99 -14.10
CA GLY C 746 -43.82 8.80 -15.30
C GLY C 746 -45.05 9.62 -15.64
N VAL C 747 -45.27 9.85 -16.93
CA VAL C 747 -46.35 10.70 -17.42
C VAL C 747 -47.12 9.93 -18.47
N ALA C 748 -48.45 9.95 -18.37
CA ALA C 748 -49.32 9.25 -19.31
C ALA C 748 -50.13 10.26 -20.11
N ILE C 749 -50.25 10.00 -21.41
CA ILE C 749 -51.01 10.85 -22.33
C ILE C 749 -51.95 9.96 -23.14
N LYS C 750 -53.18 10.43 -23.33
CA LYS C 750 -54.16 9.66 -24.08
C LYS C 750 -53.66 9.38 -25.50
N LEU C 751 -53.92 8.16 -25.97
CA LEU C 751 -53.49 7.74 -27.30
C LEU C 751 -54.58 8.07 -28.31
N GLN C 752 -54.27 8.94 -29.27
CA GLN C 752 -55.25 9.38 -30.25
C GLN C 752 -55.74 8.22 -31.11
N SER C 753 -54.82 7.36 -31.55
CA SER C 753 -55.21 6.25 -32.42
C SER C 753 -56.08 5.23 -31.70
N PHE C 754 -55.93 5.12 -30.37
CA PHE C 754 -56.71 4.14 -29.63
C PHE C 754 -58.19 4.53 -29.60
N ASP C 755 -59.05 3.55 -29.84
CA ASP C 755 -60.49 3.73 -29.74
C ASP C 755 -61.03 2.79 -28.67
N ARG C 756 -61.85 3.33 -27.77
CA ARG C 756 -62.39 2.52 -26.69
C ARG C 756 -63.30 1.42 -27.21
N SER C 757 -64.06 1.71 -28.27
CA SER C 757 -65.04 0.77 -28.80
C SER C 757 -64.49 -0.13 -29.90
N GLY C 758 -63.24 0.06 -30.30
CA GLY C 758 -62.69 -0.73 -31.38
C GLY C 758 -62.34 -2.14 -30.94
N VAL C 759 -61.92 -2.94 -31.92
CA VAL C 759 -61.50 -4.31 -31.71
C VAL C 759 -60.14 -4.50 -32.36
N LEU C 760 -59.19 -5.06 -31.62
CA LEU C 760 -57.86 -5.30 -32.16
C LEU C 760 -57.83 -6.63 -32.90
N ARG C 761 -57.31 -6.62 -34.12
CA ARG C 761 -57.22 -7.80 -34.96
C ARG C 761 -55.77 -8.17 -35.19
N LEU C 762 -55.45 -9.45 -35.06
CA LEU C 762 -54.07 -9.90 -35.20
C LEU C 762 -53.61 -9.72 -36.64
N PRO C 763 -52.57 -8.92 -36.89
CA PRO C 763 -52.14 -8.70 -38.29
C PRO C 763 -51.54 -9.94 -38.93
N VAL C 764 -50.88 -10.80 -38.16
CA VAL C 764 -50.29 -12.01 -38.72
C VAL C 764 -51.39 -13.01 -39.05
N LYS C 765 -51.40 -13.49 -40.29
CA LYS C 765 -52.37 -14.50 -40.69
C LYS C 765 -52.18 -15.76 -39.87
N GLN C 766 -53.27 -16.28 -39.31
CA GLN C 766 -53.18 -17.44 -38.44
C GLN C 766 -52.75 -18.67 -39.23
N LEU C 767 -51.87 -19.47 -38.63
CA LEU C 767 -51.33 -20.67 -39.25
C LEU C 767 -51.62 -21.88 -38.39
N GLU C 768 -51.76 -23.03 -39.06
CA GLU C 768 -52.06 -24.27 -38.35
C GLU C 768 -50.87 -24.72 -37.50
N GLY C 769 -51.16 -25.57 -36.53
CA GLY C 769 -50.16 -25.99 -35.57
C GLY C 769 -49.91 -25.01 -34.45
N TYR C 770 -50.67 -23.93 -34.37
CA TYR C 770 -50.51 -22.92 -33.33
C TYR C 770 -51.88 -22.53 -32.79
N ARG C 771 -51.89 -22.06 -31.55
CA ARG C 771 -53.14 -21.65 -30.91
C ARG C 771 -53.68 -20.39 -31.58
N HIS C 772 -54.88 -20.49 -32.14
CA HIS C 772 -55.50 -19.34 -32.78
C HIS C 772 -55.76 -18.24 -31.77
N TYR C 773 -55.47 -17.01 -32.16
CA TYR C 773 -55.62 -15.87 -31.27
C TYR C 773 -56.83 -15.04 -31.68
N PRO C 774 -57.93 -15.09 -30.94
CA PRO C 774 -59.14 -14.36 -31.35
C PRO C 774 -58.98 -12.86 -31.17
N ASP C 775 -59.74 -12.11 -31.96
CA ASP C 775 -59.79 -10.67 -31.82
C ASP C 775 -60.46 -10.30 -30.51
N ILE C 776 -60.00 -9.21 -29.91
CA ILE C 776 -60.49 -8.76 -28.61
C ILE C 776 -60.85 -7.28 -28.70
N SER C 777 -62.04 -6.95 -28.22
CA SER C 777 -62.46 -5.55 -28.19
C SER C 777 -61.67 -4.77 -27.15
N ASN C 778 -61.59 -3.46 -27.36
CA ASN C 778 -60.84 -2.59 -26.46
C ASN C 778 -61.54 -2.33 -25.14
N ARG C 779 -62.63 -3.03 -24.84
CA ARG C 779 -63.27 -2.89 -23.54
C ARG C 779 -62.48 -3.57 -22.43
N ASP C 780 -61.62 -4.53 -22.77
CA ASP C 780 -60.91 -5.31 -21.77
C ASP C 780 -59.51 -4.79 -21.48
N PHE C 781 -59.09 -3.69 -22.09
CA PHE C 781 -57.78 -3.12 -21.83
C PHE C 781 -57.75 -1.67 -22.32
N LEU C 782 -56.65 -1.00 -22.00
CA LEU C 782 -56.44 0.39 -22.39
C LEU C 782 -55.01 0.56 -22.88
N MET C 783 -54.85 1.25 -24.01
CA MET C 783 -53.55 1.52 -24.60
C MET C 783 -53.27 3.01 -24.47
N VAL C 784 -52.39 3.37 -23.54
CA VAL C 784 -52.11 4.76 -23.23
C VAL C 784 -50.65 5.06 -23.56
N GLU C 785 -50.43 6.21 -24.21
CA GLU C 785 -49.07 6.66 -24.49
C GLU C 785 -48.34 6.92 -23.17
N PHE C 786 -47.04 6.65 -23.17
CA PHE C 786 -46.24 6.69 -21.95
C PHE C 786 -45.04 7.59 -22.15
N LYS C 787 -44.50 8.09 -21.03
CA LYS C 787 -43.32 8.93 -21.04
C LYS C 787 -42.72 8.92 -19.65
N GLN C 788 -41.39 8.92 -19.59
CA GLN C 788 -40.69 8.79 -18.32
C GLN C 788 -40.57 10.15 -17.61
N LEU C 789 -40.02 10.10 -16.40
CA LEU C 789 -39.77 11.31 -15.64
C LEU C 789 -38.65 12.12 -16.27
N PRO C 790 -38.59 13.42 -16.00
CA PRO C 790 -37.48 14.23 -16.52
C PRO C 790 -36.14 13.73 -15.98
N LYS C 791 -35.13 13.84 -16.82
CA LYS C 791 -33.81 13.32 -16.47
C LYS C 791 -33.20 14.12 -15.33
N SER C 792 -32.39 13.43 -14.52
CA SER C 792 -31.68 14.05 -13.40
C SER C 792 -30.31 13.41 -13.28
N HIS C 793 -29.41 14.13 -12.62
CA HIS C 793 -28.05 13.63 -12.42
C HIS C 793 -28.10 12.51 -11.39
N ALA C 794 -28.07 11.27 -11.86
CA ALA C 794 -28.21 10.13 -10.98
C ALA C 794 -26.93 9.87 -10.21
N LYS C 795 -27.07 9.66 -8.90
CA LYS C 795 -25.96 9.37 -8.02
C LYS C 795 -25.89 7.86 -7.78
N SER C 796 -24.67 7.32 -7.74
CA SER C 796 -24.45 5.88 -7.68
C SER C 796 -24.18 5.45 -6.24
N MET C 797 -25.24 5.39 -5.44
CA MET C 797 -25.17 4.76 -4.13
C MET C 797 -26.52 4.13 -3.83
N ILE C 798 -26.51 3.16 -2.90
CA ILE C 798 -27.72 2.41 -2.60
C ILE C 798 -28.77 3.32 -1.98
N LEU C 799 -30.02 2.86 -2.02
CA LEU C 799 -31.15 3.61 -1.50
C LEU C 799 -31.23 3.48 0.01
N SER C 800 -32.29 4.00 0.60
CA SER C 800 -32.53 3.92 2.04
C SER C 800 -33.59 2.87 2.33
N GLY C 801 -33.46 2.19 3.46
CA GLY C 801 -34.38 1.15 3.84
C GLY C 801 -34.20 -0.15 3.10
N LEU C 802 -33.10 -0.32 2.36
CA LEU C 802 -32.89 -1.52 1.59
C LEU C 802 -32.59 -2.71 2.51
N ILE C 803 -33.25 -3.82 2.26
CA ILE C 803 -33.13 -5.04 3.05
C ILE C 803 -32.21 -5.99 2.31
N PRO C 804 -31.09 -6.41 2.89
CA PRO C 804 -30.20 -7.36 2.23
C PRO C 804 -30.56 -8.81 2.55
N HIS C 805 -30.27 -9.67 1.57
CA HIS C 805 -30.53 -11.10 1.69
C HIS C 805 -29.42 -11.76 2.51
N LEU C 806 -29.41 -13.08 2.55
CA LEU C 806 -28.39 -13.83 3.28
C LEU C 806 -27.06 -13.77 2.52
N ARG C 807 -26.10 -14.58 2.96
CA ARG C 807 -24.81 -14.67 2.28
C ARG C 807 -24.46 -16.13 2.08
N ARG C 808 -24.34 -16.55 0.81
CA ARG C 808 -23.85 -17.89 0.50
C ARG C 808 -22.38 -18.05 0.83
N LEU C 809 -21.65 -16.96 0.92
CA LEU C 809 -20.20 -17.00 1.06
C LEU C 809 -19.82 -17.37 2.48
N THR C 810 -19.38 -18.61 2.66
CA THR C 810 -18.76 -19.04 3.90
C THR C 810 -17.28 -18.63 3.85
N GLN C 811 -16.51 -19.04 4.86
CA GLN C 811 -15.09 -18.70 4.86
C GLN C 811 -14.37 -19.36 3.68
N GLU C 812 -14.65 -20.63 3.42
CA GLU C 812 -14.00 -21.33 2.31
C GLU C 812 -14.34 -20.67 0.97
N ASP C 813 -15.55 -20.13 0.84
CA ASP C 813 -15.96 -19.54 -0.44
C ASP C 813 -15.11 -18.33 -0.78
N LYS C 814 -14.81 -17.48 0.20
CA LYS C 814 -14.03 -16.28 -0.06
C LYS C 814 -12.54 -16.48 0.16
N ASP C 815 -12.14 -17.43 1.01
CA ASP C 815 -10.72 -17.73 1.18
C ASP C 815 -10.12 -18.25 -0.12
N SER C 816 -10.87 -19.07 -0.86
CA SER C 816 -10.43 -19.54 -2.16
C SER C 816 -10.30 -18.42 -3.18
N ILE C 817 -10.84 -17.24 -2.89
CA ILE C 817 -10.71 -16.07 -3.75
C ILE C 817 -9.72 -15.07 -3.16
N LEU C 818 -9.78 -14.85 -1.84
CA LEU C 818 -8.87 -13.89 -1.21
C LEU C 818 -7.41 -14.33 -1.32
N TYR C 819 -7.15 -15.62 -1.12
CA TYR C 819 -5.79 -16.14 -1.19
C TYR C 819 -5.61 -17.25 -2.22
N GLY C 820 -6.68 -17.64 -2.92
CA GLY C 820 -6.56 -18.74 -3.87
C GLY C 820 -5.76 -18.42 -5.11
N GLY C 821 -5.63 -17.14 -5.45
CA GLY C 821 -4.90 -16.78 -6.66
C GLY C 821 -5.55 -17.37 -7.88
N THR C 822 -4.74 -18.03 -8.72
CA THR C 822 -5.23 -18.68 -9.92
C THR C 822 -5.69 -20.10 -9.56
N ASN C 823 -6.95 -20.40 -9.86
CA ASN C 823 -7.52 -21.70 -9.57
C ASN C 823 -8.33 -22.19 -10.76
N PHE C 824 -8.49 -23.50 -10.85
CA PHE C 824 -9.23 -24.12 -11.96
C PHE C 824 -10.69 -23.70 -11.93
N GLU C 834 -25.59 -27.86 -6.95
CA GLU C 834 -26.14 -26.98 -7.98
C GLU C 834 -27.59 -26.59 -7.67
N ASN C 835 -28.33 -27.50 -7.04
CA ASN C 835 -29.71 -27.21 -6.66
C ASN C 835 -29.77 -26.05 -5.66
N ALA C 836 -28.86 -26.05 -4.68
CA ALA C 836 -28.72 -24.99 -3.69
C ALA C 836 -30.03 -24.59 -3.03
N ASP C 837 -30.38 -23.31 -3.14
CA ASP C 837 -31.56 -22.74 -2.48
C ASP C 837 -31.97 -21.48 -3.23
N PHE C 838 -33.04 -21.59 -4.01
CA PHE C 838 -33.57 -20.47 -4.76
C PHE C 838 -34.99 -20.06 -4.37
N LYS C 839 -35.76 -20.94 -3.73
CA LYS C 839 -37.10 -20.54 -3.28
C LYS C 839 -37.02 -19.33 -2.36
N GLN C 840 -36.11 -19.36 -1.41
CA GLN C 840 -35.67 -18.20 -0.65
C GLN C 840 -34.15 -18.09 -0.80
N TYR C 841 -33.58 -17.05 -0.21
CA TYR C 841 -32.22 -16.57 -0.46
C TYR C 841 -32.09 -15.96 -1.86
N ILE C 842 -33.14 -15.34 -2.36
CA ILE C 842 -33.11 -14.57 -3.59
C ILE C 842 -33.55 -13.14 -3.36
N GLY C 843 -34.72 -12.95 -2.76
CA GLY C 843 -35.21 -11.64 -2.43
C GLY C 843 -34.66 -11.13 -1.11
N PRO C 844 -35.23 -10.02 -0.65
CA PRO C 844 -34.73 -9.42 0.60
C PRO C 844 -35.13 -10.20 1.83
N HIS C 845 -34.37 -11.25 2.14
CA HIS C 845 -34.64 -12.02 3.34
C HIS C 845 -34.47 -11.16 4.58
N GLY C 846 -35.36 -11.35 5.55
CA GLY C 846 -35.36 -10.55 6.76
C GLY C 846 -36.17 -9.28 6.61
N LYS C 847 -36.39 -8.62 7.74
CA LYS C 847 -37.15 -7.37 7.78
C LYS C 847 -36.38 -6.22 8.41
N SER C 848 -35.10 -6.41 8.71
CA SER C 848 -34.27 -5.39 9.33
C SER C 848 -33.33 -4.78 8.30
N GLN C 849 -33.32 -3.45 8.24
CA GLN C 849 -32.41 -2.78 7.31
C GLN C 849 -30.96 -3.00 7.69
N TYR C 850 -30.66 -3.05 8.98
CA TYR C 850 -29.31 -3.19 9.49
C TYR C 850 -29.05 -4.64 9.91
N LEU C 851 -27.90 -4.87 10.52
CA LEU C 851 -27.49 -6.21 10.93
C LEU C 851 -27.21 -6.25 12.43
N PRO C 852 -27.43 -7.39 13.08
CA PRO C 852 -27.15 -7.50 14.52
C PRO C 852 -25.66 -7.63 14.79
N ARG C 853 -25.07 -6.58 15.34
CA ARG C 853 -23.63 -6.54 15.59
C ARG C 853 -23.34 -5.74 16.85
N GLN C 854 -22.16 -6.00 17.41
CA GLN C 854 -21.57 -5.20 18.50
C GLN C 854 -22.54 -5.18 19.68
N GLY C 855 -22.98 -4.03 20.15
CA GLY C 855 -23.78 -3.91 21.35
C GLY C 855 -25.26 -3.67 21.16
N GLY C 856 -25.80 -3.94 19.97
CA GLY C 856 -27.22 -3.72 19.75
C GLY C 856 -28.05 -4.59 20.67
N TYR C 857 -29.20 -4.05 21.09
CA TYR C 857 -30.06 -4.76 22.03
C TYR C 857 -30.48 -6.12 21.48
N LYS C 858 -31.03 -6.13 20.26
CA LYS C 858 -31.41 -7.39 19.64
C LYS C 858 -30.17 -8.27 19.43
N ALA C 859 -29.07 -7.68 18.96
CA ALA C 859 -27.84 -8.44 18.81
C ALA C 859 -27.36 -9.00 20.13
N PHE C 860 -27.44 -8.19 21.20
CA PHE C 860 -27.09 -8.66 22.53
C PHE C 860 -27.96 -9.83 22.97
N ILE C 861 -29.22 -9.88 22.52
CA ILE C 861 -30.10 -10.97 22.92
C ILE C 861 -29.63 -12.29 22.32
N GLN C 862 -29.34 -12.32 21.02
CA GLN C 862 -28.98 -13.59 20.38
C GLN C 862 -27.64 -14.11 20.89
N ILE C 863 -26.65 -13.25 21.02
CA ILE C 863 -25.33 -13.70 21.45
C ILE C 863 -25.39 -14.22 22.88
N HIS C 864 -26.20 -13.59 23.74
CA HIS C 864 -26.38 -14.05 25.10
C HIS C 864 -27.49 -15.08 25.24
N SER C 865 -28.26 -15.32 24.19
CA SER C 865 -29.22 -16.42 24.22
C SER C 865 -28.51 -17.77 24.32
N ASP C 866 -27.42 -17.94 23.54
CA ASP C 866 -26.64 -19.17 23.63
C ASP C 866 -25.91 -19.25 24.97
N GLU C 867 -25.35 -18.15 25.44
CA GLU C 867 -24.62 -18.12 26.70
C GLU C 867 -25.48 -17.56 27.82
N SER D 5 -54.57 30.30 48.40
CA SER D 5 -54.51 29.15 47.52
C SER D 5 -55.08 27.91 48.21
N LYS D 6 -55.80 27.09 47.44
CA LYS D 6 -56.40 25.88 47.99
C LYS D 6 -55.37 24.81 48.31
N GLU D 7 -54.20 24.87 47.68
CA GLU D 7 -53.13 23.88 47.88
C GLU D 7 -53.62 22.47 47.58
N LYS D 8 -54.06 22.29 46.33
CA LYS D 8 -54.62 21.00 45.93
C LYS D 8 -53.53 19.96 45.81
N ILE D 9 -53.87 18.72 46.16
CA ILE D 9 -52.91 17.62 46.21
C ILE D 9 -53.50 16.42 45.48
N LEU D 10 -52.73 15.81 44.59
CA LEU D 10 -53.12 14.59 43.90
C LEU D 10 -52.08 13.50 44.18
N PRO D 11 -52.47 12.38 44.79
CA PRO D 11 -51.50 11.31 45.04
C PRO D 11 -50.96 10.73 43.74
N LEU D 12 -49.70 10.26 43.81
CA LEU D 12 -49.05 9.69 42.64
C LEU D 12 -49.50 8.26 42.34
N ALA D 13 -50.26 7.64 43.24
CA ALA D 13 -50.77 6.30 43.04
C ALA D 13 -52.18 6.27 42.44
N ALA D 14 -52.76 7.43 42.16
CA ALA D 14 -54.10 7.48 41.61
C ALA D 14 -54.11 6.97 40.17
N ARG D 15 -55.15 6.22 39.82
CA ARG D 15 -55.30 5.65 38.50
C ARG D 15 -56.73 5.83 38.04
N SER D 16 -56.93 5.90 36.73
CA SER D 16 -58.24 6.03 36.11
C SER D 16 -58.49 4.83 35.22
N LYS D 17 -59.61 4.13 35.46
CA LYS D 17 -59.95 2.94 34.68
C LYS D 17 -60.55 3.28 33.32
N LYS D 18 -60.94 4.53 33.10
CA LYS D 18 -61.53 4.99 31.84
C LYS D 18 -60.49 5.59 30.90
N ALA D 19 -59.26 5.10 30.97
CA ALA D 19 -58.16 5.67 30.20
C ALA D 19 -58.10 5.01 28.83
N MET D 20 -58.71 5.65 27.84
CA MET D 20 -58.56 5.29 26.44
C MET D 20 -58.09 6.51 25.67
N LEU D 21 -57.16 6.31 24.75
CA LEU D 21 -56.49 7.41 24.06
C LEU D 21 -56.99 7.52 22.63
N ARG D 22 -57.31 8.75 22.23
CA ARG D 22 -57.66 9.02 20.85
C ARG D 22 -56.44 8.82 19.95
N GLN D 23 -56.70 8.49 18.70
CA GLN D 23 -55.62 8.38 17.73
C GLN D 23 -55.04 9.77 17.46
N PRO D 24 -53.74 9.96 17.61
CA PRO D 24 -53.15 11.28 17.36
C PRO D 24 -53.41 11.74 15.93
N LYS D 25 -53.72 13.02 15.78
CA LYS D 25 -54.08 13.62 14.50
C LYS D 25 -53.33 14.94 14.36
N GLN D 26 -52.26 14.94 13.57
CA GLN D 26 -51.52 16.17 13.32
C GLN D 26 -52.41 17.17 12.58
N VAL D 27 -52.39 18.42 13.05
CA VAL D 27 -53.21 19.46 12.47
C VAL D 27 -52.42 20.66 11.99
N ALA D 28 -51.20 20.88 12.48
CA ALA D 28 -50.41 22.02 12.04
C ALA D 28 -48.93 21.71 12.25
N TYR D 29 -48.09 22.44 11.53
CA TYR D 29 -46.64 22.28 11.60
C TYR D 29 -46.00 23.65 11.56
N PHE D 30 -44.73 23.71 11.97
CA PHE D 30 -44.03 24.98 12.06
C PHE D 30 -42.54 24.76 11.84
N SER D 31 -41.85 25.83 11.45
CA SER D 31 -40.41 25.85 11.33
C SER D 31 -39.86 27.05 12.10
N ARG D 32 -38.83 26.82 12.91
CA ARG D 32 -38.23 27.86 13.74
C ARG D 32 -36.87 28.24 13.15
N ASP D 33 -36.72 29.53 12.83
CA ASP D 33 -35.49 30.02 12.24
C ASP D 33 -34.46 30.25 13.35
N LEU D 34 -33.28 30.80 12.98
CA LEU D 34 -32.27 31.11 13.98
C LEU D 34 -32.70 32.25 14.88
N ASN D 35 -33.54 33.16 14.39
CA ASN D 35 -34.01 34.29 15.17
C ASN D 35 -35.16 33.94 16.11
N TYR D 36 -35.40 32.64 16.35
CA TYR D 36 -36.46 32.17 17.23
C TYR D 36 -37.84 32.63 16.75
N LYS D 37 -37.98 32.84 15.43
CA LYS D 37 -39.23 33.23 14.83
C LYS D 37 -39.84 32.03 14.12
N THR D 38 -41.10 31.75 14.42
CA THR D 38 -41.78 30.56 13.93
C THR D 38 -42.52 30.88 12.64
N HIS D 39 -42.38 29.99 11.65
CA HIS D 39 -42.99 30.16 10.35
C HIS D 39 -43.79 28.92 9.98
N PRO D 40 -44.88 29.08 9.24
CA PRO D 40 -45.73 27.92 8.86
C PRO D 40 -45.28 27.26 7.56
N ASP D 41 -44.19 26.51 7.63
CA ASP D 41 -43.67 25.80 6.47
C ASP D 41 -42.79 24.65 6.94
N ARG D 42 -42.32 23.86 5.98
CA ARG D 42 -41.48 22.70 6.25
C ARG D 42 -40.03 22.94 5.85
N SER D 43 -39.59 24.19 5.87
CA SER D 43 -38.22 24.50 5.48
C SER D 43 -37.20 23.83 6.40
N ASN D 44 -37.56 23.57 7.65
CA ASN D 44 -36.66 22.96 8.61
C ASN D 44 -36.76 21.43 8.63
N LEU D 45 -37.65 20.86 7.84
CA LEU D 45 -37.82 19.41 7.83
C LEU D 45 -36.62 18.73 7.18
N SER D 46 -36.20 17.61 7.76
CA SER D 46 -35.11 16.80 7.24
C SER D 46 -35.63 15.45 6.75
N TYR D 47 -34.79 14.75 6.00
CA TYR D 47 -35.13 13.46 5.42
C TYR D 47 -34.08 12.43 5.83
N TYR D 48 -34.54 11.29 6.34
CA TYR D 48 -33.64 10.28 6.90
C TYR D 48 -32.95 9.51 5.78
N TYR D 49 -31.66 9.25 5.99
CA TYR D 49 -30.87 8.45 5.05
C TYR D 49 -29.62 7.96 5.76
N LEU D 50 -29.49 6.64 5.91
CA LEU D 50 -28.28 6.08 6.50
C LEU D 50 -28.08 4.62 6.08
N PRO D 51 -27.20 4.37 5.12
CA PRO D 51 -26.90 2.99 4.72
C PRO D 51 -25.97 2.32 5.71
N ASP D 52 -25.72 1.03 5.49
CA ASP D 52 -24.83 0.25 6.34
C ASP D 52 -23.38 0.71 6.21
N GLY D 53 -23.00 1.31 5.08
CA GLY D 53 -21.64 1.78 4.93
C GLY D 53 -21.26 2.81 5.97
N ASP D 54 -22.17 3.71 6.30
CA ASP D 54 -21.90 4.70 7.35
C ASP D 54 -21.75 4.03 8.71
N ILE D 55 -22.55 2.99 8.97
CA ILE D 55 -22.43 2.25 10.22
C ILE D 55 -21.06 1.60 10.33
N ASP D 56 -20.60 0.97 9.24
CA ASP D 56 -19.31 0.30 9.26
C ASP D 56 -18.15 1.27 9.03
N ASN D 57 -18.43 2.55 8.82
CA ASN D 57 -17.39 3.53 8.57
C ASN D 57 -16.65 3.96 9.83
N SER D 58 -17.18 3.65 11.01
CA SER D 58 -16.57 4.03 12.29
C SER D 58 -16.39 5.55 12.37
N ILE D 59 -17.51 6.25 12.32
CA ILE D 59 -17.54 7.71 12.27
C ILE D 59 -17.60 8.27 13.68
N ASP D 60 -16.97 9.44 13.87
CA ASP D 60 -16.91 10.11 15.15
C ASP D 60 -18.13 11.01 15.33
N LEU D 61 -18.55 11.17 16.60
CA LEU D 61 -19.66 12.05 16.94
C LEU D 61 -19.25 13.30 17.71
N SER D 62 -18.06 13.30 18.32
CA SER D 62 -17.62 14.41 19.14
C SER D 62 -17.00 15.55 18.35
N VAL D 63 -16.69 15.34 17.08
CA VAL D 63 -16.03 16.38 16.28
C VAL D 63 -17.00 17.52 16.03
N GLY D 64 -16.51 18.74 16.23
CA GLY D 64 -17.32 19.94 16.05
C GLY D 64 -17.96 20.48 17.30
N SER D 65 -17.67 19.89 18.47
CA SER D 65 -18.28 20.36 19.71
C SER D 65 -17.92 21.82 20.00
N LYS D 66 -16.74 22.26 19.53
CA LYS D 66 -16.33 23.64 19.75
C LYS D 66 -17.26 24.62 19.04
N HIS D 67 -17.83 24.21 17.91
CA HIS D 67 -18.73 25.06 17.13
C HIS D 67 -20.19 24.87 17.51
N PHE D 68 -20.50 24.01 18.48
CA PHE D 68 -21.89 23.78 18.87
C PHE D 68 -22.46 24.99 19.58
N LEU D 69 -23.75 25.22 19.37
CA LEU D 69 -24.48 26.30 20.01
C LEU D 69 -25.48 25.74 21.01
N LEU D 70 -26.07 26.63 21.80
CA LEU D 70 -27.10 26.27 22.77
C LEU D 70 -28.14 27.37 22.78
N GLY D 71 -29.39 27.01 22.49
CA GLY D 71 -30.44 28.00 22.39
C GLY D 71 -30.91 28.51 23.75
N ASP D 72 -31.76 29.52 23.70
CA ASP D 72 -32.32 30.12 24.91
C ASP D 72 -33.48 29.26 25.39
N SER D 73 -33.40 28.78 26.63
CA SER D 73 -34.45 27.91 27.16
C SER D 73 -35.79 28.62 27.26
N VAL D 74 -35.79 29.87 27.70
CA VAL D 74 -37.04 30.60 27.89
C VAL D 74 -37.74 30.83 26.56
N GLU D 75 -36.98 31.27 25.55
CA GLU D 75 -37.58 31.50 24.23
C GLU D 75 -38.10 30.21 23.62
N LEU D 76 -37.35 29.12 23.75
CA LEU D 76 -37.81 27.84 23.21
C LEU D 76 -39.07 27.37 23.91
N SER D 77 -39.14 27.54 25.23
CA SER D 77 -40.30 27.09 26.00
C SER D 77 -41.54 27.93 25.76
N LYS D 78 -41.41 29.05 25.04
CA LYS D 78 -42.56 29.91 24.79
C LYS D 78 -43.61 29.19 23.95
N LEU D 79 -44.88 29.42 24.30
CA LEU D 79 -46.00 28.91 23.54
C LEU D 79 -46.27 29.71 22.27
N ASP D 80 -45.40 30.67 21.95
CA ASP D 80 -45.60 31.52 20.77
C ASP D 80 -45.82 30.75 19.47
N PRO D 81 -45.07 29.69 19.15
CA PRO D 81 -45.41 28.94 17.92
C PRO D 81 -46.79 28.31 17.99
N ILE D 82 -47.11 27.66 19.10
CA ILE D 82 -48.44 27.07 19.26
C ILE D 82 -49.51 28.16 19.27
N LEU D 83 -49.21 29.31 19.85
CA LEU D 83 -50.17 30.41 19.84
C LEU D 83 -50.43 30.90 18.42
N LEU D 84 -49.38 30.98 17.60
CA LEU D 84 -49.56 31.31 16.19
C LEU D 84 -50.42 30.26 15.48
N ALA D 85 -50.18 28.98 15.77
CA ALA D 85 -50.96 27.92 15.14
C ALA D 85 -52.44 28.04 15.50
N LEU D 86 -52.72 28.26 16.79
CA LEU D 86 -54.11 28.46 17.22
C LEU D 86 -54.73 29.69 16.58
N LYS D 87 -53.99 30.80 16.51
CA LYS D 87 -54.52 32.01 15.87
C LYS D 87 -54.86 31.75 14.41
N GLU D 88 -53.98 31.05 13.70
CA GLU D 88 -54.22 30.74 12.30
C GLU D 88 -55.46 29.87 12.14
N ILE D 89 -55.50 28.74 12.87
CA ILE D 89 -56.62 27.81 12.69
C ILE D 89 -57.93 28.45 13.10
N GLU D 90 -57.91 29.36 14.09
CA GLU D 90 -59.12 30.10 14.42
C GLU D 90 -59.45 31.13 13.34
N LYS D 91 -58.44 31.61 12.62
CA LYS D 91 -58.71 32.51 11.50
C LYS D 91 -59.48 31.79 10.39
N GLU D 92 -59.04 30.59 10.02
CA GLU D 92 -59.81 29.88 9.00
C GLU D 92 -61.16 29.40 9.55
N SER D 93 -61.16 28.83 10.76
CA SER D 93 -62.40 28.29 11.32
C SER D 93 -63.38 29.39 11.67
N GLY D 94 -62.90 30.49 12.24
CA GLY D 94 -63.77 31.56 12.68
C GLY D 94 -64.44 31.32 14.01
N ALA D 95 -64.08 30.26 14.72
CA ALA D 95 -64.66 29.95 16.02
C ALA D 95 -63.57 29.40 16.93
N LYS D 96 -63.84 29.48 18.24
CA LYS D 96 -62.87 29.00 19.22
C LYS D 96 -62.69 27.50 19.11
N THR D 97 -61.43 27.06 19.13
CA THR D 97 -61.14 25.63 19.09
C THR D 97 -61.62 24.94 20.37
N LYS D 98 -62.03 23.69 20.23
CA LYS D 98 -62.56 22.92 21.35
C LYS D 98 -61.46 22.30 22.21
N ASP D 99 -60.19 22.48 21.85
CA ASP D 99 -59.10 21.98 22.67
C ASP D 99 -59.10 22.66 24.03
N ARG D 100 -58.69 21.92 25.05
CA ARG D 100 -58.73 22.39 26.43
C ARG D 100 -57.35 22.64 27.01
N ILE D 101 -56.39 21.75 26.74
CA ILE D 101 -55.03 21.85 27.27
C ILE D 101 -54.07 22.06 26.10
N ILE D 102 -53.20 23.05 26.23
CA ILE D 102 -52.15 23.34 25.25
C ILE D 102 -50.83 23.41 25.99
N THR D 103 -49.86 22.61 25.55
CA THR D 103 -48.57 22.52 26.22
C THR D 103 -47.55 21.92 25.25
N TRP D 104 -46.38 21.57 25.78
CA TRP D 104 -45.28 21.04 24.99
C TRP D 104 -45.11 19.54 25.23
N ARG D 105 -44.58 18.86 24.22
CA ARG D 105 -44.43 17.41 24.28
C ARG D 105 -43.49 16.99 25.41
N GLY D 106 -42.38 17.71 25.59
CA GLY D 106 -41.38 17.27 26.55
C GLY D 106 -41.88 17.29 27.98
N ILE D 107 -42.50 18.40 28.39
CA ILE D 107 -43.05 18.49 29.75
C ILE D 107 -44.19 17.49 29.94
N MET D 108 -44.99 17.25 28.92
CA MET D 108 -46.10 16.32 29.12
C MET D 108 -45.57 14.89 29.22
N ARG D 109 -44.48 14.59 28.50
CA ARG D 109 -43.79 13.32 28.68
C ARG D 109 -43.23 13.19 30.09
N LYS D 110 -42.66 14.29 30.62
CA LYS D 110 -42.23 14.29 32.01
C LYS D 110 -43.38 13.93 32.93
N LEU D 111 -44.58 14.47 32.65
CA LEU D 111 -45.76 14.04 33.40
C LEU D 111 -46.03 12.55 33.22
N LEU D 112 -45.90 12.04 32.00
CA LEU D 112 -46.20 10.63 31.74
C LEU D 112 -45.29 9.70 32.53
N THR D 113 -43.98 9.90 32.43
CA THR D 113 -43.00 9.01 33.04
C THR D 113 -42.87 9.21 34.54
N LEU D 114 -43.62 10.13 35.12
CA LEU D 114 -43.45 10.47 36.53
C LEU D 114 -43.58 9.28 37.48
N PRO D 115 -44.57 8.38 37.37
CA PRO D 115 -44.69 7.30 38.36
C PRO D 115 -43.48 6.37 38.41
N TYR D 116 -42.61 6.39 37.40
CA TYR D 116 -41.40 5.57 37.43
C TYR D 116 -40.17 6.35 36.99
N ASP D 117 -40.25 7.68 36.92
CA ASP D 117 -39.10 8.52 36.62
C ASP D 117 -39.36 9.88 37.27
N SER D 118 -38.74 10.11 38.42
CA SER D 118 -38.91 11.34 39.19
C SER D 118 -37.56 11.93 39.56
N GLU D 119 -36.59 11.81 38.65
CA GLU D 119 -35.23 12.26 38.92
C GLU D 119 -35.09 13.78 38.87
N GLU D 120 -36.11 14.50 38.43
CA GLU D 120 -36.07 15.95 38.36
C GLU D 120 -37.34 16.53 38.95
N ASP D 121 -37.23 17.76 39.44
CA ASP D 121 -38.35 18.55 39.92
C ASP D 121 -38.68 19.62 38.89
N PHE D 122 -39.90 20.17 38.99
CA PHE D 122 -40.36 21.10 37.97
C PHE D 122 -41.49 21.95 38.54
N VAL D 123 -41.64 23.14 37.95
CA VAL D 123 -42.71 24.06 38.30
C VAL D 123 -43.41 24.47 37.00
N LEU D 124 -44.75 24.35 36.99
CA LEU D 124 -45.53 24.56 35.78
C LEU D 124 -46.57 25.66 36.01
N ASP D 125 -46.67 26.57 35.04
CA ASP D 125 -47.66 27.63 35.07
C ASP D 125 -48.94 27.18 34.37
N VAL D 126 -50.06 27.79 34.76
CA VAL D 126 -51.36 27.54 34.14
C VAL D 126 -52.08 28.86 33.98
N VAL D 127 -52.65 29.08 32.79
CA VAL D 127 -53.49 30.25 32.52
C VAL D 127 -54.78 29.74 31.89
N SER D 128 -55.90 29.96 32.57
CA SER D 128 -57.20 29.51 32.08
C SER D 128 -57.86 30.61 31.24
N PHE D 129 -57.14 31.03 30.21
CA PHE D 129 -57.57 32.14 29.37
C PHE D 129 -58.69 31.69 28.44
N ASP D 130 -59.82 32.41 28.47
CA ASP D 130 -60.95 32.16 27.58
C ASP D 130 -61.47 30.72 27.70
N GLY D 131 -61.38 30.15 28.90
CA GLY D 131 -61.82 28.79 29.11
C GLY D 131 -60.85 27.72 28.65
N GLN D 132 -59.69 28.09 28.13
CA GLN D 132 -58.70 27.16 27.66
C GLN D 132 -57.45 27.26 28.52
N LEU D 133 -56.86 26.10 28.83
CA LEU D 133 -55.65 26.05 29.65
C LEU D 133 -54.42 26.30 28.81
N PHE D 134 -53.38 26.82 29.45
CA PHE D 134 -52.09 27.05 28.82
C PHE D 134 -51.01 26.75 29.85
N ILE D 135 -50.21 25.73 29.59
CA ILE D 135 -49.25 25.20 30.55
C ILE D 135 -47.85 25.36 30.00
N GLN D 136 -46.95 25.94 30.80
CA GLN D 136 -45.58 26.17 30.38
C GLN D 136 -44.69 26.19 31.62
N PHE D 137 -43.38 26.11 31.39
CA PHE D 137 -42.41 26.22 32.46
C PHE D 137 -42.48 27.60 33.10
N ASN D 138 -42.21 27.64 34.41
CA ASN D 138 -42.17 28.91 35.12
C ASN D 138 -40.89 29.66 34.80
N VAL D 139 -41.03 30.92 34.39
CA VAL D 139 -39.86 31.68 33.94
C VAL D 139 -38.81 31.85 35.03
N PRO D 140 -39.15 32.23 36.26
CA PRO D 140 -38.14 32.16 37.34
C PRO D 140 -37.58 30.75 37.52
N TYR D 141 -38.44 29.73 37.43
CA TYR D 141 -37.92 28.36 37.45
C TYR D 141 -37.11 28.07 36.21
N LEU D 142 -37.43 28.70 35.08
CA LEU D 142 -36.61 28.54 33.88
C LEU D 142 -35.19 29.05 34.14
N LYS D 143 -35.06 30.23 34.76
CA LYS D 143 -33.74 30.73 35.09
C LYS D 143 -33.03 29.84 36.12
N SER D 144 -33.78 29.32 37.09
CA SER D 144 -33.18 28.42 38.06
C SER D 144 -32.64 27.16 37.38
N LYS D 145 -33.41 26.58 36.46
CA LYS D 145 -32.94 25.41 35.72
C LYS D 145 -31.76 25.76 34.83
N ASP D 146 -31.73 26.96 34.26
CA ASP D 146 -30.57 27.40 33.51
C ASP D 146 -29.33 27.43 34.39
N VAL D 147 -29.47 27.97 35.60
CA VAL D 147 -28.34 28.02 36.53
C VAL D 147 -27.89 26.60 36.89
N GLN D 148 -28.85 25.71 37.15
CA GLN D 148 -28.52 24.32 37.47
C GLN D 148 -27.77 23.65 36.32
N LYS D 149 -28.23 23.88 35.08
CA LYS D 149 -27.55 23.32 33.92
C LYS D 149 -26.14 23.88 33.79
N GLN D 150 -25.97 25.17 34.07
CA GLN D 150 -24.62 25.75 34.07
C GLN D 150 -23.75 25.09 35.13
N GLY D 151 -24.32 24.76 36.29
CA GLY D 151 -23.57 24.11 37.34
C GLY D 151 -23.25 22.65 37.08
N ASP D 152 -23.86 22.04 36.06
CA ASP D 152 -23.58 20.65 35.74
C ASP D 152 -22.22 20.52 35.07
N THR D 153 -21.68 19.30 35.12
CA THR D 153 -20.38 19.03 34.54
C THR D 153 -20.44 19.12 33.01
N GLU D 154 -19.28 19.39 32.41
CA GLU D 154 -19.19 19.51 30.95
C GLU D 154 -18.85 18.21 30.26
N PHE D 155 -18.50 17.16 31.01
CA PHE D 155 -18.21 15.86 30.39
C PHE D 155 -19.45 15.30 29.71
N HIS D 156 -20.57 15.25 30.44
CA HIS D 156 -21.83 14.79 29.87
C HIS D 156 -22.47 15.82 28.96
N LYS D 157 -21.99 17.07 28.97
CA LYS D 157 -22.49 18.07 28.04
C LYS D 157 -22.17 17.70 26.60
N LYS D 158 -21.08 16.98 26.37
CA LYS D 158 -20.74 16.54 25.02
C LYS D 158 -21.65 15.42 24.53
N LEU D 159 -22.37 14.74 25.43
CA LEU D 159 -23.26 13.67 25.00
C LEU D 159 -24.44 14.22 24.18
N GLN D 160 -25.03 15.32 24.63
CA GLN D 160 -26.12 15.92 23.85
C GLN D 160 -25.61 16.44 22.51
N PHE D 161 -24.38 16.96 22.47
CA PHE D 161 -23.80 17.34 21.19
C PHE D 161 -23.60 16.13 20.29
N SER D 162 -23.19 15.00 20.88
CA SER D 162 -23.05 13.78 20.09
C SER D 162 -24.40 13.35 19.51
N GLY D 163 -25.45 13.46 20.31
CA GLY D 163 -26.79 13.18 19.79
C GLY D 163 -27.19 14.10 18.66
N TYR D 164 -26.91 15.39 18.81
CA TYR D 164 -27.26 16.34 17.75
C TYR D 164 -26.42 16.11 16.51
N LYS D 165 -25.15 15.73 16.67
CA LYS D 165 -24.32 15.35 15.53
C LYS D 165 -24.89 14.12 14.84
N PHE D 166 -25.38 13.15 15.62
CA PHE D 166 -26.01 11.97 15.04
C PHE D 166 -27.24 12.35 14.23
N GLU D 167 -28.09 13.22 14.78
CA GLU D 167 -29.31 13.58 14.07
C GLU D 167 -29.04 14.47 12.87
N LYS D 168 -27.95 15.23 12.89
CA LYS D 168 -27.59 16.04 11.73
C LYS D 168 -26.93 15.19 10.64
N MET D 169 -26.16 14.19 11.05
CA MET D 169 -25.41 13.38 10.09
C MET D 169 -26.31 12.41 9.34
N ALA D 170 -27.31 11.84 10.03
CA ALA D 170 -28.16 10.82 9.45
C ALA D 170 -29.41 11.39 8.80
N THR D 171 -29.37 12.63 8.35
CA THR D 171 -30.50 13.26 7.70
C THR D 171 -30.03 14.03 6.47
N LEU D 172 -30.98 14.40 5.62
CA LEU D 172 -30.70 15.17 4.42
C LEU D 172 -31.58 16.40 4.38
N PRO D 173 -31.05 17.55 3.96
CA PRO D 173 -31.88 18.76 3.88
C PRO D 173 -33.05 18.64 2.93
N LYS D 174 -32.88 17.90 1.84
CA LYS D 174 -33.94 17.70 0.85
C LYS D 174 -33.97 16.22 0.48
N PRO D 175 -35.03 15.74 -0.19
CA PRO D 175 -35.11 14.30 -0.49
C PRO D 175 -33.93 13.80 -1.30
N TRP D 176 -33.58 12.54 -1.07
CA TRP D 176 -32.39 11.93 -1.65
C TRP D 176 -32.29 12.08 -3.18
N PRO D 177 -33.36 11.86 -3.97
CA PRO D 177 -33.22 12.07 -5.41
C PRO D 177 -32.83 13.48 -5.79
N GLU D 178 -33.31 14.48 -5.06
CA GLU D 178 -33.03 15.87 -5.38
C GLU D 178 -31.69 16.35 -4.86
N CYS D 179 -31.07 15.61 -3.95
CA CYS D 179 -29.78 16.01 -3.42
C CYS D 179 -28.68 15.84 -4.48
N THR D 180 -27.56 16.53 -4.23
CA THR D 180 -26.34 16.33 -4.99
C THR D 180 -25.28 15.74 -4.06
N ARG D 181 -24.16 15.30 -4.67
CA ARG D 181 -23.10 14.69 -3.87
C ARG D 181 -22.48 15.69 -2.90
N LYS D 182 -22.53 16.98 -3.23
CA LYS D 182 -21.98 18.00 -2.34
C LYS D 182 -22.73 18.04 -1.01
N GLU D 183 -24.06 17.92 -1.05
CA GLU D 183 -24.83 17.86 0.18
C GLU D 183 -24.48 16.60 0.98
N ILE D 184 -24.33 15.47 0.28
CA ILE D 184 -24.13 14.20 0.97
C ILE D 184 -22.78 14.16 1.67
N ASP D 185 -21.72 14.57 0.99
CA ASP D 185 -20.38 14.42 1.56
C ASP D 185 -19.99 15.54 2.51
N SER D 186 -20.75 16.63 2.57
CA SER D 186 -20.43 17.76 3.43
C SER D 186 -21.32 17.81 4.68
N ARG D 187 -21.95 16.69 5.04
CA ARG D 187 -22.79 16.67 6.23
C ARG D 187 -21.95 16.76 7.49
N ALA D 188 -20.76 16.17 7.49
CA ALA D 188 -19.90 16.18 8.68
C ALA D 188 -19.26 17.54 8.91
N LYS D 189 -19.19 18.39 7.90
CA LYS D 189 -18.55 19.70 8.01
C LYS D 189 -19.52 20.82 8.35
N SER D 190 -20.81 20.51 8.55
CA SER D 190 -21.75 21.53 8.95
C SER D 190 -21.59 21.88 10.42
N LYS D 191 -22.12 23.03 10.80
CA LYS D 191 -22.05 23.51 12.17
C LYS D 191 -23.35 23.18 12.89
N CYS D 192 -23.26 22.34 13.92
CA CYS D 192 -24.45 21.95 14.67
C CYS D 192 -24.98 23.11 15.49
N ASN D 193 -26.28 23.10 15.75
CA ASN D 193 -26.91 24.12 16.58
C ASN D 193 -28.10 23.49 17.29
N ASN D 194 -28.89 24.32 17.97
CA ASN D 194 -30.06 23.84 18.69
C ASN D 194 -31.25 24.79 18.55
N ILE D 195 -31.30 25.59 17.49
CA ILE D 195 -32.36 26.58 17.30
C ILE D 195 -33.27 26.21 16.14
N GLU D 196 -32.70 25.81 15.00
CA GLU D 196 -33.50 25.38 13.87
C GLU D 196 -34.07 23.99 14.14
N GLN D 197 -35.39 23.88 14.15
CA GLN D 197 -36.04 22.59 14.37
C GLN D 197 -37.39 22.60 13.67
N TYR D 198 -37.86 21.41 13.32
CA TYR D 198 -39.16 21.22 12.71
C TYR D 198 -40.07 20.50 13.69
N GLY D 199 -41.21 21.11 14.00
CA GLY D 199 -42.18 20.50 14.89
C GLY D 199 -43.57 20.58 14.29
N ALA D 200 -44.47 19.79 14.88
CA ALA D 200 -45.84 19.71 14.41
C ALA D 200 -46.79 19.79 15.59
N ILE D 201 -48.02 20.22 15.29
CA ILE D 201 -49.07 20.37 16.28
C ILE D 201 -50.08 19.25 16.07
N VAL D 202 -50.28 18.44 17.10
CA VAL D 202 -51.13 17.25 17.02
C VAL D 202 -52.26 17.38 18.04
N ARG D 203 -53.48 17.02 17.63
CA ARG D 203 -54.65 17.07 18.50
C ARG D 203 -54.94 15.65 18.97
N THR D 204 -54.34 15.28 20.11
CA THR D 204 -54.63 14.01 20.75
C THR D 204 -55.85 14.16 21.64
N GLY D 205 -56.16 13.14 22.44
CA GLY D 205 -57.27 13.22 23.35
C GLY D 205 -57.47 12.01 24.23
N ILE D 206 -57.69 12.24 25.52
CA ILE D 206 -58.01 11.18 26.47
C ILE D 206 -59.22 11.61 27.29
N SER D 207 -59.88 10.62 27.90
CA SER D 207 -61.13 10.80 28.64
C SER D 207 -62.13 11.44 27.69
N ARG D 208 -62.67 12.62 27.99
CA ARG D 208 -63.55 13.33 27.08
C ARG D 208 -63.02 14.71 26.76
N ILE D 209 -61.69 14.87 26.81
CA ILE D 209 -61.03 16.17 26.70
C ILE D 209 -60.11 16.13 25.49
N LYS D 210 -60.31 17.06 24.56
CA LYS D 210 -59.40 17.21 23.43
C LYS D 210 -58.14 17.94 23.89
N ILE D 211 -57.00 17.37 23.57
CA ILE D 211 -55.70 17.91 23.97
C ILE D 211 -54.92 18.28 22.71
N LEU D 212 -54.35 19.48 22.70
CA LEU D 212 -53.64 20.01 21.54
C LEU D 212 -52.21 20.34 21.97
N ILE D 213 -51.28 19.44 21.67
CA ILE D 213 -49.89 19.59 22.06
C ILE D 213 -49.01 19.65 20.81
N GLY D 214 -47.76 20.02 21.01
CA GLY D 214 -46.79 20.05 19.93
C GLY D 214 -45.44 19.57 20.41
N GLY D 215 -44.58 19.26 19.45
CA GLY D 215 -43.25 18.76 19.77
C GLY D 215 -42.38 18.73 18.53
N ALA D 216 -41.07 18.70 18.77
CA ALA D 216 -40.12 18.72 17.68
C ALA D 216 -40.07 17.37 16.98
N VAL D 217 -39.96 17.41 15.65
CA VAL D 217 -39.82 16.22 14.81
C VAL D 217 -38.40 16.18 14.28
N ALA D 218 -37.71 15.06 14.50
CA ALA D 218 -36.33 14.93 14.04
C ALA D 218 -36.25 15.03 12.53
N CYS D 219 -37.02 14.22 11.82
CA CYS D 219 -37.03 14.16 10.36
C CYS D 219 -38.10 13.17 9.94
N THR D 220 -38.35 13.13 8.62
CA THR D 220 -39.24 12.14 8.02
C THR D 220 -38.41 11.05 7.35
N ALA D 221 -39.02 9.86 7.24
CA ALA D 221 -38.27 8.69 6.80
C ALA D 221 -37.84 8.83 5.33
N ASP D 222 -38.79 9.07 4.45
CA ASP D 222 -38.45 9.16 3.03
C ASP D 222 -38.95 10.44 2.37
N TYR D 223 -40.12 10.94 2.77
CA TYR D 223 -40.67 12.19 2.26
C TYR D 223 -41.81 12.59 3.19
N TYR D 224 -42.57 13.59 2.79
CA TYR D 224 -43.71 14.09 3.57
C TYR D 224 -44.99 13.53 2.97
N ASP D 225 -45.79 12.86 3.80
CA ASP D 225 -47.05 12.26 3.37
C ASP D 225 -48.16 13.23 3.74
N GLU D 226 -48.77 13.85 2.72
CA GLU D 226 -49.81 14.85 2.98
C GLU D 226 -51.03 14.23 3.65
N ASN D 227 -51.40 13.00 3.29
CA ASN D 227 -52.60 12.39 3.82
C ASN D 227 -52.43 11.93 5.26
N ASP D 228 -51.22 11.56 5.65
CA ASP D 228 -50.97 11.07 7.01
C ASP D 228 -49.52 11.31 7.38
N PRO D 229 -49.14 12.54 7.73
CA PRO D 229 -47.74 12.82 8.05
C PRO D 229 -47.21 12.02 9.23
N LEU D 230 -48.08 11.64 10.17
CA LEU D 230 -47.63 10.94 11.37
C LEU D 230 -47.05 9.58 11.07
N SER D 231 -47.37 8.98 9.92
CA SER D 231 -46.87 7.64 9.61
C SER D 231 -45.41 7.65 9.23
N ARG D 232 -44.97 8.67 8.49
CA ARG D 232 -43.61 8.72 7.98
C ARG D 232 -42.63 9.42 8.93
N TYR D 233 -43.10 9.97 10.04
CA TYR D 233 -42.21 10.65 10.97
C TYR D 233 -41.29 9.66 11.67
N ILE D 234 -40.01 9.97 11.72
CA ILE D 234 -39.00 9.16 12.39
C ILE D 234 -38.29 10.01 13.44
N GLU D 235 -38.12 9.45 14.62
CA GLU D 235 -37.45 10.13 15.73
C GLU D 235 -36.11 9.45 15.99
N LEU D 236 -35.05 10.25 16.08
CA LEU D 236 -33.69 9.75 16.20
C LEU D 236 -33.10 10.14 17.55
N LYS D 237 -32.50 9.16 18.22
CA LYS D 237 -31.80 9.37 19.49
C LYS D 237 -30.55 8.51 19.48
N THR D 238 -29.83 8.50 20.61
CA THR D 238 -28.63 7.69 20.73
C THR D 238 -28.38 7.36 22.19
N THR D 239 -27.58 6.33 22.42
CA THR D 239 -27.23 5.88 23.76
C THR D 239 -25.93 5.10 23.70
N ARG D 240 -25.35 4.89 24.87
CA ARG D 240 -24.14 4.09 24.95
C ARG D 240 -24.44 2.62 24.64
N THR D 241 -23.39 1.92 24.20
CA THR D 241 -23.56 0.51 23.85
C THR D 241 -23.93 -0.31 25.07
N ILE D 242 -24.46 -1.50 24.81
CA ILE D 242 -24.95 -2.41 25.85
C ILE D 242 -23.97 -3.56 25.96
N ASN D 243 -23.45 -3.78 27.17
CA ASN D 243 -22.53 -4.88 27.43
C ASN D 243 -22.87 -5.70 28.66
N GLN D 244 -23.64 -5.17 29.60
CA GLN D 244 -24.02 -5.91 30.80
C GLN D 244 -25.50 -5.66 31.07
N TYR D 245 -25.99 -6.24 32.17
CA TYR D 245 -27.41 -6.16 32.49
C TYR D 245 -27.81 -4.76 32.96
N LYS D 246 -26.93 -4.05 33.65
CA LYS D 246 -27.22 -2.68 34.03
C LYS D 246 -27.40 -1.80 32.81
N ASP D 247 -26.58 -2.03 31.78
CA ASP D 247 -26.72 -1.30 30.52
C ASP D 247 -28.11 -1.49 29.94
N MET D 248 -28.59 -2.74 29.87
CA MET D 248 -29.89 -2.97 29.26
C MET D 248 -31.03 -2.51 30.16
N ILE D 249 -30.82 -2.45 31.48
CA ILE D 249 -31.85 -1.89 32.36
C ILE D 249 -32.00 -0.39 32.12
N ALA D 250 -30.88 0.33 32.09
CA ALA D 250 -30.94 1.74 31.74
C ALA D 250 -31.47 1.93 30.32
N PHE D 251 -31.16 1.00 29.43
CA PHE D 251 -31.71 1.02 28.08
C PHE D 251 -33.23 0.92 28.12
N GLU D 252 -33.76 0.02 28.95
CA GLU D 252 -35.21 -0.13 29.05
C GLU D 252 -35.85 1.14 29.62
N LYS D 253 -35.18 1.78 30.57
CA LYS D 253 -35.72 3.05 31.09
C LYS D 253 -35.73 4.13 30.01
N LYS D 254 -34.66 4.19 29.21
CA LYS D 254 -34.62 5.15 28.11
C LYS D 254 -35.69 4.82 27.06
N LEU D 255 -35.94 3.53 26.83
CA LEU D 255 -37.04 3.13 25.97
C LEU D 255 -38.38 3.59 26.54
N PHE D 256 -38.54 3.53 27.86
CA PHE D 256 -39.77 4.04 28.46
C PHE D 256 -39.94 5.52 28.16
N ARG D 257 -38.86 6.30 28.35
CA ARG D 257 -38.95 7.73 28.07
C ARG D 257 -39.30 7.99 26.61
N THR D 258 -38.56 7.39 25.68
CA THR D 258 -38.79 7.65 24.26
C THR D 258 -40.12 7.09 23.78
N TRP D 259 -40.58 5.98 24.36
CA TRP D 259 -41.89 5.45 24.02
C TRP D 259 -42.98 6.43 24.46
N ALA D 260 -42.83 7.01 25.66
CA ALA D 260 -43.79 8.03 26.06
C ALA D 260 -43.76 9.21 25.09
N GLN D 261 -42.54 9.65 24.73
CA GLN D 261 -42.37 10.71 23.74
C GLN D 261 -43.18 10.43 22.47
N CYS D 262 -42.86 9.31 21.81
CA CYS D 262 -43.46 8.99 20.52
C CYS D 262 -44.96 8.73 20.67
N PHE D 263 -45.35 7.89 21.63
CA PHE D 263 -46.74 7.50 21.79
C PHE D 263 -47.62 8.71 22.11
N LEU D 264 -47.07 9.74 22.75
CA LEU D 264 -47.83 10.98 22.89
C LEU D 264 -47.82 11.78 21.58
N LEU D 265 -46.70 11.77 20.85
CA LEU D 265 -46.66 12.42 19.56
C LEU D 265 -47.17 11.54 18.42
N GLY D 266 -47.44 10.27 18.68
CA GLY D 266 -47.88 9.39 17.61
C GLY D 266 -46.79 9.00 16.63
N ILE D 267 -45.54 9.09 17.03
CA ILE D 267 -44.43 8.71 16.14
C ILE D 267 -44.32 7.19 16.10
N PRO D 268 -44.35 6.56 14.93
CA PRO D 268 -44.44 5.09 14.88
C PRO D 268 -43.10 4.39 15.12
N LYS D 269 -42.01 4.98 14.64
CA LYS D 269 -40.72 4.31 14.60
C LYS D 269 -39.68 5.13 15.35
N ILE D 270 -38.76 4.44 16.02
CA ILE D 270 -37.72 5.06 16.84
C ILE D 270 -36.39 4.39 16.54
N ILE D 271 -35.34 5.20 16.42
CA ILE D 271 -34.00 4.72 16.08
C ILE D 271 -33.02 5.22 17.13
N TYR D 272 -32.15 4.32 17.60
CA TYR D 272 -31.04 4.68 18.47
C TYR D 272 -29.71 4.47 17.77
N GLY D 273 -28.75 5.33 18.07
CA GLY D 273 -27.38 5.13 17.62
C GLY D 273 -26.51 4.58 18.74
N PHE D 274 -26.07 3.33 18.60
CA PHE D 274 -25.31 2.66 19.66
C PHE D 274 -23.84 3.06 19.53
N ARG D 275 -23.48 4.14 20.20
CA ARG D 275 -22.11 4.65 20.21
C ARG D 275 -21.44 4.30 21.54
N ASP D 276 -20.11 4.39 21.54
CA ASP D 276 -19.32 4.14 22.73
C ASP D 276 -18.98 5.44 23.44
N ASP D 277 -18.12 5.36 24.45
CA ASP D 277 -17.69 6.56 25.17
C ASP D 277 -16.90 7.51 24.28
N ASN D 278 -16.15 6.96 23.32
CA ASN D 278 -15.34 7.77 22.42
C ASN D 278 -16.16 8.52 21.37
N CYS D 279 -17.49 8.50 21.49
CA CYS D 279 -18.38 9.14 20.52
C CYS D 279 -18.17 8.58 19.11
N ILE D 280 -17.91 7.28 19.05
CA ILE D 280 -17.77 6.56 17.78
C ILE D 280 -18.95 5.61 17.66
N LEU D 281 -19.83 5.89 16.70
CA LEU D 281 -21.00 5.05 16.50
C LEU D 281 -20.58 3.66 16.05
N ARG D 282 -21.22 2.63 16.63
CA ARG D 282 -20.90 1.25 16.32
C ARG D 282 -22.01 0.57 15.53
N THR D 283 -23.22 0.53 16.05
CA THR D 283 -24.36 -0.07 15.38
C THR D 283 -25.60 0.78 15.63
N VAL D 284 -26.68 0.44 14.94
CA VAL D 284 -27.99 1.06 15.14
C VAL D 284 -29.03 -0.05 15.21
N GLU D 285 -30.24 0.33 15.59
CA GLU D 285 -31.31 -0.64 15.80
C GLU D 285 -32.65 0.06 15.63
N GLU D 286 -33.60 -0.65 15.01
CA GLU D 286 -34.90 -0.09 14.69
C GLU D 286 -35.97 -0.68 15.60
N PHE D 287 -36.92 0.15 16.00
CA PHE D 287 -38.07 -0.29 16.79
C PHE D 287 -39.32 0.43 16.32
N SER D 288 -40.45 -0.23 16.49
CA SER D 288 -41.77 0.38 16.28
C SER D 288 -42.38 0.68 17.64
N THR D 289 -43.06 1.84 17.74
CA THR D 289 -43.55 2.29 19.02
C THR D 289 -44.57 1.33 19.63
N ASN D 290 -45.33 0.63 18.78
CA ASN D 290 -46.33 -0.30 19.31
C ASN D 290 -45.69 -1.58 19.84
N ASP D 291 -44.52 -1.96 19.31
CA ASP D 291 -43.86 -3.17 19.75
C ASP D 291 -43.13 -3.01 21.09
N ILE D 292 -42.85 -1.77 21.50
CA ILE D 292 -42.03 -1.56 22.69
C ILE D 292 -42.59 -2.24 23.93
N PRO D 293 -43.89 -2.09 24.26
CA PRO D 293 -44.39 -2.79 25.45
C PRO D 293 -44.21 -4.30 25.39
N LEU D 294 -44.40 -4.91 24.21
CA LEU D 294 -44.26 -6.35 24.10
C LEU D 294 -42.80 -6.78 24.18
N MET D 295 -41.89 -6.05 23.52
CA MET D 295 -40.46 -6.34 23.66
C MET D 295 -40.00 -6.22 25.10
N VAL D 296 -40.49 -5.22 25.83
CA VAL D 296 -40.14 -5.09 27.24
C VAL D 296 -40.69 -6.25 28.05
N LYS D 297 -41.98 -6.57 27.84
CA LYS D 297 -42.60 -7.63 28.63
C LYS D 297 -42.09 -9.01 28.23
N ASN D 298 -41.86 -9.24 26.93
CA ASN D 298 -41.47 -10.55 26.44
C ASN D 298 -39.96 -10.67 26.24
N ASN D 299 -39.18 -10.02 27.11
CA ASN D 299 -37.72 -10.13 27.03
C ASN D 299 -37.30 -11.53 27.40
N PRO D 300 -36.61 -12.27 26.51
CA PRO D 300 -36.13 -13.61 26.89
C PRO D 300 -35.16 -13.59 28.05
N LEU D 301 -34.33 -12.56 28.17
CA LEU D 301 -33.37 -12.43 29.26
C LEU D 301 -33.91 -11.59 30.42
N ASN D 302 -35.23 -11.54 30.57
CA ASN D 302 -35.85 -10.76 31.64
C ASN D 302 -35.59 -11.45 32.98
N GLU D 303 -34.59 -10.95 33.71
CA GLU D 303 -34.27 -11.53 35.01
C GLU D 303 -35.43 -11.37 35.99
N GLN D 304 -36.06 -10.20 35.99
CA GLN D 304 -37.22 -9.94 36.84
C GLN D 304 -38.42 -9.65 35.94
N PRO D 305 -39.30 -10.62 35.71
CA PRO D 305 -40.51 -10.33 34.92
C PRO D 305 -41.37 -9.29 35.63
N LYS D 306 -41.99 -8.44 34.83
CA LYS D 306 -42.77 -7.32 35.37
C LYS D 306 -44.06 -7.84 35.97
N LYS D 307 -44.16 -7.83 37.31
CA LYS D 307 -45.39 -8.24 37.96
C LYS D 307 -46.54 -7.30 37.61
N GLU D 308 -46.24 -6.04 37.33
CA GLU D 308 -47.23 -5.07 36.88
C GLU D 308 -46.71 -4.38 35.63
N ASN D 309 -47.58 -4.23 34.64
CA ASN D 309 -47.20 -3.61 33.37
C ASN D 309 -47.29 -2.10 33.53
N CYS D 310 -46.14 -1.43 33.46
CA CYS D 310 -46.08 0.00 33.76
C CYS D 310 -46.79 0.85 32.72
N TYR D 311 -47.03 0.32 31.52
CA TYR D 311 -47.62 1.15 30.46
C TYR D 311 -49.05 1.55 30.79
N MET D 312 -49.88 0.56 31.14
CA MET D 312 -51.26 0.87 31.50
C MET D 312 -51.34 1.67 32.80
N SER D 313 -50.46 1.38 33.76
CA SER D 313 -50.42 2.17 34.98
C SER D 313 -50.12 3.63 34.68
N SER D 314 -49.13 3.89 33.82
CA SER D 314 -48.80 5.25 33.45
C SER D 314 -49.95 5.90 32.69
N ILE D 315 -50.63 5.15 31.82
CA ILE D 315 -51.75 5.71 31.08
C ILE D 315 -52.90 6.09 32.03
N ASN D 316 -53.19 5.24 33.00
CA ASN D 316 -54.24 5.54 33.97
C ASN D 316 -53.87 6.74 34.83
N PHE D 317 -52.61 6.82 35.27
CA PHE D 317 -52.16 7.99 36.01
C PHE D 317 -52.26 9.25 35.16
N TYR D 318 -51.95 9.13 33.88
CA TYR D 318 -52.15 10.23 32.94
C TYR D 318 -53.60 10.67 32.89
N GLY D 319 -54.52 9.72 32.78
CA GLY D 319 -55.93 10.07 32.78
C GLY D 319 -56.37 10.77 34.05
N ALA D 320 -55.89 10.27 35.19
CA ALA D 320 -56.21 10.91 36.47
C ALA D 320 -55.67 12.33 36.51
N VAL D 321 -54.44 12.54 36.05
CA VAL D 321 -53.85 13.87 36.06
C VAL D 321 -54.62 14.81 35.13
N VAL D 322 -55.02 14.31 33.96
CA VAL D 322 -55.78 15.14 33.03
C VAL D 322 -57.11 15.56 33.63
N GLU D 323 -57.82 14.61 34.26
CA GLU D 323 -59.08 14.97 34.91
C GLU D 323 -58.85 15.95 36.04
N TRP D 324 -57.78 15.76 36.81
CA TRP D 324 -57.45 16.67 37.90
C TRP D 324 -57.23 18.08 37.39
N LEU D 325 -56.47 18.21 36.31
CA LEU D 325 -56.22 19.53 35.73
C LEU D 325 -57.49 20.14 35.17
N ASN D 326 -58.34 19.34 34.53
CA ASN D 326 -59.57 19.87 33.96
C ASN D 326 -60.54 20.33 35.04
N GLU D 327 -60.57 19.63 36.18
CA GLU D 327 -61.56 19.94 37.21
C GLU D 327 -61.10 20.98 38.22
N SER D 328 -59.81 20.97 38.57
CA SER D 328 -59.33 21.84 39.65
C SER D 328 -59.49 23.31 39.30
N VAL D 329 -58.97 23.72 38.13
CA VAL D 329 -59.06 25.10 37.69
C VAL D 329 -60.43 25.34 37.06
N LYS D 330 -61.04 26.47 37.38
CA LYS D 330 -62.37 26.80 36.88
C LYS D 330 -62.33 27.85 35.76
N ASP D 331 -61.77 29.03 36.05
CA ASP D 331 -61.75 30.10 35.06
C ASP D 331 -60.82 31.23 35.49
N ASP D 332 -59.94 31.67 34.59
CA ASP D 332 -59.07 32.82 34.80
C ASP D 332 -58.23 32.67 36.07
N GLN D 333 -57.78 31.45 36.34
CA GLN D 333 -56.95 31.16 37.49
C GLN D 333 -55.53 30.84 37.06
N VAL D 334 -54.56 31.20 37.91
CA VAL D 334 -53.16 30.90 37.69
C VAL D 334 -52.67 30.09 38.88
N TRP D 335 -52.09 28.93 38.61
CA TRP D 335 -51.61 28.03 39.65
C TRP D 335 -50.14 27.72 39.41
N LYS D 336 -49.61 26.79 40.22
CA LYS D 336 -48.23 26.36 40.10
C LYS D 336 -48.19 24.85 40.34
N LEU D 337 -47.99 24.08 39.27
CA LEU D 337 -47.85 22.63 39.38
C LEU D 337 -46.39 22.32 39.66
N SER D 338 -46.12 21.81 40.86
CA SER D 338 -44.76 21.50 41.27
C SER D 338 -44.71 20.11 41.88
N TYR D 339 -43.64 19.39 41.60
CA TYR D 339 -43.37 18.11 42.21
C TYR D 339 -42.02 18.15 42.90
N ALA D 340 -41.96 17.58 44.10
CA ALA D 340 -40.73 17.50 44.87
C ALA D 340 -40.27 16.06 44.95
N LYS D 341 -39.00 15.82 44.61
CA LYS D 341 -38.45 14.47 44.67
C LYS D 341 -38.35 13.95 46.10
N ARG D 342 -38.51 14.82 47.11
CA ARG D 342 -38.52 14.36 48.49
C ARG D 342 -39.88 13.83 48.93
N ASN D 343 -40.95 14.11 48.17
CA ASN D 343 -42.28 13.60 48.50
C ASN D 343 -42.50 12.21 47.90
N ARG D 344 -42.47 12.11 46.57
CA ARG D 344 -42.66 10.88 45.81
C ARG D 344 -44.00 10.22 46.06
N GLN D 345 -44.95 10.92 46.70
CA GLN D 345 -46.26 10.37 46.97
C GLN D 345 -47.42 11.20 46.41
N TYR D 346 -47.20 12.48 46.09
CA TYR D 346 -48.27 13.31 45.58
C TYR D 346 -47.66 14.52 44.87
N LEU D 347 -48.50 15.23 44.12
CA LEU D 347 -48.10 16.39 43.34
C LEU D 347 -48.75 17.63 43.95
N VAL D 348 -48.01 18.73 43.93
CA VAL D 348 -48.41 19.98 44.58
C VAL D 348 -49.06 20.90 43.56
N LEU D 349 -50.26 21.39 43.89
CA LEU D 349 -51.00 22.32 43.05
C LEU D 349 -51.31 23.57 43.89
N LYS D 350 -50.52 24.62 43.70
CA LYS D 350 -50.62 25.84 44.49
C LYS D 350 -51.03 27.00 43.58
N GLU D 351 -52.03 27.75 44.01
CA GLU D 351 -52.55 28.88 43.25
C GLU D 351 -51.80 30.17 43.62
N VAL D 352 -51.92 31.16 42.75
CA VAL D 352 -51.37 32.50 42.97
C VAL D 352 -52.50 33.51 42.84
N THR D 353 -52.68 34.32 43.88
CA THR D 353 -53.79 35.27 43.93
C THR D 353 -53.37 36.72 44.16
N ASP D 354 -52.08 36.99 44.36
CA ASP D 354 -51.63 38.35 44.59
C ASP D 354 -51.78 39.24 43.36
N GLU D 355 -52.02 38.65 42.18
CA GLU D 355 -52.29 39.33 40.92
C GLU D 355 -51.02 39.96 40.34
N ASN D 356 -49.95 40.02 41.13
CA ASN D 356 -48.69 40.56 40.62
C ASN D 356 -47.94 39.48 39.84
N GLU D 357 -47.58 38.39 40.52
CA GLU D 357 -47.04 37.23 39.81
C GLU D 357 -48.04 36.70 38.79
N LYS D 358 -49.33 36.79 39.09
CA LYS D 358 -50.36 36.35 38.15
C LYS D 358 -50.28 37.18 36.86
N GLN D 359 -50.21 38.51 36.98
CA GLN D 359 -50.13 39.34 35.79
C GLN D 359 -48.82 39.10 35.04
N GLN D 360 -47.72 38.94 35.78
CA GLN D 360 -46.43 38.69 35.13
C GLN D 360 -46.47 37.39 34.33
N ILE D 361 -47.02 36.33 34.91
CA ILE D 361 -47.09 35.05 34.21
C ILE D 361 -48.04 35.12 33.03
N VAL D 362 -49.17 35.84 33.18
CA VAL D 362 -50.10 35.99 32.07
C VAL D 362 -49.44 36.70 30.91
N ASP D 363 -48.71 37.79 31.20
CA ASP D 363 -48.03 38.52 30.14
C ASP D 363 -46.92 37.69 29.50
N SER D 364 -46.16 36.95 30.31
CA SER D 364 -45.05 36.18 29.77
C SER D 364 -45.55 35.04 28.89
N ALA D 365 -46.48 34.24 29.40
CA ALA D 365 -46.98 33.10 28.64
C ALA D 365 -47.75 33.56 27.40
N ILE D 366 -48.71 34.46 27.58
CA ILE D 366 -49.56 34.94 26.50
C ILE D 366 -49.13 36.35 26.14
N PRO D 367 -48.60 36.59 24.94
CA PRO D 367 -48.35 37.96 24.50
C PRO D 367 -49.64 38.67 24.16
N ALA D 368 -49.53 39.99 23.95
CA ALA D 368 -50.70 40.78 23.59
C ALA D 368 -51.32 40.34 22.27
N TRP D 369 -50.54 39.70 21.40
CA TRP D 369 -51.06 39.25 20.11
C TRP D 369 -52.23 38.28 20.30
N PHE D 370 -52.04 37.24 21.12
CA PHE D 370 -53.10 36.27 21.32
C PHE D 370 -54.30 36.89 22.02
N LYS D 371 -54.05 37.77 22.99
CA LYS D 371 -55.14 38.42 23.70
C LYS D 371 -56.01 39.26 22.77
N GLU D 372 -55.35 40.05 21.91
CA GLU D 372 -56.14 40.88 20.99
C GLU D 372 -56.84 40.03 19.93
N TRP D 373 -56.21 38.93 19.50
CA TRP D 373 -56.89 38.04 18.56
C TRP D 373 -58.14 37.42 19.19
N ARG D 374 -58.05 36.99 20.45
CA ARG D 374 -59.20 36.44 21.14
C ARG D 374 -60.27 37.51 21.38
N SER D 375 -59.85 38.74 21.65
CA SER D 375 -60.81 39.83 21.78
C SER D 375 -61.55 40.07 20.47
N GLU D 376 -60.82 40.04 19.35
CA GLU D 376 -61.46 40.18 18.04
C GLU D 376 -62.43 39.04 17.79
N LEU D 377 -62.05 37.81 18.17
CA LEU D 377 -62.97 36.68 18.03
C LEU D 377 -64.23 36.88 18.85
N ARG D 378 -64.08 37.34 20.10
CA ARG D 378 -65.23 37.59 20.95
C ARG D 378 -66.14 38.65 20.35
N ASN D 379 -65.56 39.72 19.80
CA ASN D 379 -66.37 40.74 19.15
C ASN D 379 -67.09 40.18 17.93
N SER D 380 -66.39 39.37 17.14
CA SER D 380 -66.99 38.78 15.94
C SER D 380 -68.07 37.75 16.28
N GLU D 381 -68.05 37.20 17.50
CA GLU D 381 -69.06 36.24 17.91
C GLU D 381 -70.45 36.86 17.92
#